data_1IYL
#
_entry.id   1IYL
#
_cell.length_a   93.277
_cell.length_b   96.885
_cell.length_c   269.277
_cell.angle_alpha   90.00
_cell.angle_beta   90.00
_cell.angle_gamma   90.00
#
_symmetry.space_group_name_H-M   'P 21 21 21'
#
loop_
_entity.id
_entity.type
_entity.pdbx_description
1 polymer 'Myristoyl-CoA:Protein N-Myristoyltransferase'
2 non-polymer (1-METHYL-1H-IMIDAZOL-2-YL)-(3-METHYL-4-{3-[(PYRIDIN-3-YLMETHYL)-AMINO]-PROPOXY}-BENZOFURAN-2-YL)-METHANONE
#
_entity_poly.entity_id   1
_entity_poly.type   'polypeptide(L)'
_entity_poly.pdbx_seq_one_letter_code
;EGPIDKLKTPEDVPNDPLPLISDFEWSTLDIDDNLQLDELYKLLYDNYVEDIDATFRFKYSHEFFQWALKPPGWRKDWHV
GVRVKSTGKLVAFIAATPVTFKLNKSNKVIDSVEINFLCIHKKLRNKRLAPVLIKEITRRVNKQNIWQALYTGGSILPTP
LTTCRYQHRPINWSKLHDVGFSHLPPNQTKSSMVASYTLPNNPKLKGLRPMTGKDVSTVLSLLYKYQERFDIVQLFTEEE
FKHWMLGHDENSDSNVVKSYVVEDENGIITDYFSYYLLPFTVLDNAQHDELGIAYLFYYASDSFEKPNYKKRLNELITDA
LITSKKFGVDVFNCLTCQDNTYFLKDCKFGSGDGFLNYYLFNYRTFPMDGGIDKKTKEVVEDQTSGIGVVLL
;
_entity_poly.pdbx_strand_id   A,B,C,D
#
loop_
_chem_comp.id
_chem_comp.type
_chem_comp.name
_chem_comp.formula
R64 non-polymer (1-METHYL-1H-IMIDAZOL-2-YL)-(3-METHYL-4-{3-[(PYRIDIN-3-YLMETHYL)-AMINO]-PROPOXY}-BENZOFURAN-2-YL)-METHANONE 'C23 H24 N4 O3'
#
# COMPACT_ATOMS: atom_id res chain seq x y z
N THR A 9 24.63 -23.60 -18.18
CA THR A 9 23.51 -23.98 -17.27
C THR A 9 22.34 -24.43 -18.15
N PRO A 10 21.48 -25.34 -17.64
CA PRO A 10 21.59 -25.92 -16.30
C PRO A 10 22.84 -26.79 -16.29
N GLU A 11 23.55 -26.79 -15.17
CA GLU A 11 24.78 -27.57 -15.08
C GLU A 11 24.77 -28.45 -13.88
N ASP A 12 25.69 -29.39 -13.90
CA ASP A 12 25.84 -30.33 -12.80
C ASP A 12 26.56 -29.57 -11.69
N VAL A 13 27.54 -28.77 -12.08
CA VAL A 13 28.30 -27.98 -11.13
C VAL A 13 28.51 -26.59 -11.71
N PRO A 14 28.12 -25.55 -10.97
CA PRO A 14 28.27 -24.19 -11.45
C PRO A 14 29.70 -23.95 -11.91
N ASN A 15 29.87 -23.23 -13.00
CA ASN A 15 31.20 -22.98 -13.51
C ASN A 15 31.93 -21.85 -12.79
N ASP A 16 31.28 -20.72 -12.53
CA ASP A 16 31.99 -19.64 -11.87
C ASP A 16 32.02 -19.79 -10.34
N PRO A 17 33.04 -19.18 -9.67
CA PRO A 17 33.23 -19.22 -8.22
C PRO A 17 32.04 -18.72 -7.45
N LEU A 18 31.92 -19.14 -6.21
CA LEU A 18 30.79 -18.68 -5.42
C LEU A 18 31.17 -17.48 -4.56
N PRO A 19 30.19 -16.70 -4.11
CA PRO A 19 30.36 -15.49 -3.29
C PRO A 19 31.23 -15.63 -2.07
N LEU A 20 31.87 -14.54 -1.69
CA LEU A 20 32.71 -14.52 -0.51
C LEU A 20 31.94 -13.69 0.52
N ILE A 21 32.22 -13.90 1.80
CA ILE A 21 31.50 -13.17 2.82
C ILE A 21 31.56 -11.66 2.62
N SER A 22 30.52 -10.96 3.11
CA SER A 22 30.40 -9.52 3.02
C SER A 22 30.10 -8.86 4.37
N ASP A 23 30.30 -7.55 4.44
CA ASP A 23 30.03 -6.84 5.67
C ASP A 23 28.64 -6.25 5.61
N PHE A 24 27.96 -6.41 4.47
CA PHE A 24 26.61 -5.85 4.29
C PHE A 24 25.55 -6.90 4.12
N GLU A 25 24.32 -6.59 4.54
CA GLU A 25 23.23 -7.54 4.37
C GLU A 25 21.96 -6.84 3.88
N TRP A 26 21.20 -7.51 3.01
CA TRP A 26 19.98 -6.94 2.45
C TRP A 26 18.90 -6.70 3.50
N SER A 27 18.32 -5.51 3.51
CA SER A 27 17.23 -5.18 4.44
C SER A 27 16.08 -4.42 3.81
N THR A 28 14.93 -5.08 3.69
CA THR A 28 13.74 -4.46 3.14
C THR A 28 13.24 -3.41 4.14
N LEU A 29 13.06 -2.19 3.65
CA LEU A 29 12.61 -1.09 4.49
C LEU A 29 11.10 -1.08 4.67
N ASP A 30 10.65 -0.50 5.78
CA ASP A 30 9.22 -0.41 6.13
C ASP A 30 8.86 1.06 6.36
N ILE A 31 8.46 1.77 5.30
CA ILE A 31 8.13 3.17 5.45
C ILE A 31 6.87 3.37 6.28
N ASP A 32 6.35 2.28 6.83
CA ASP A 32 5.18 2.36 7.67
C ASP A 32 5.69 2.62 9.07
N ASP A 33 6.86 2.04 9.39
CA ASP A 33 7.46 2.26 10.69
C ASP A 33 8.19 3.59 10.62
N ASN A 34 7.64 4.58 11.29
CA ASN A 34 8.23 5.92 11.27
C ASN A 34 9.71 5.90 11.59
N LEU A 35 10.14 4.95 12.41
CA LEU A 35 11.55 4.87 12.78
C LEU A 35 12.46 4.61 11.60
N GLN A 36 11.98 3.82 10.65
CA GLN A 36 12.78 3.52 9.48
C GLN A 36 12.67 4.67 8.50
N LEU A 37 11.45 5.16 8.31
CA LEU A 37 11.28 6.27 7.38
C LEU A 37 12.26 7.35 7.78
N ASP A 38 12.59 7.42 9.06
CA ASP A 38 13.52 8.43 9.56
C ASP A 38 14.93 8.16 9.07
N GLU A 39 15.30 6.88 9.00
CA GLU A 39 16.62 6.49 8.53
C GLU A 39 16.73 6.83 7.06
N LEU A 40 15.68 6.50 6.30
CA LEU A 40 15.65 6.79 4.86
C LEU A 40 15.91 8.25 4.68
N TYR A 41 15.29 9.07 5.53
CA TYR A 41 15.46 10.51 5.47
C TYR A 41 16.93 10.89 5.63
N LYS A 42 17.56 10.38 6.69
CA LYS A 42 18.95 10.67 6.99
C LYS A 42 19.86 10.19 5.88
N LEU A 43 19.56 9.02 5.31
CA LEU A 43 20.37 8.46 4.24
C LEU A 43 20.40 9.34 3.02
N LEU A 44 19.22 9.78 2.59
CA LEU A 44 19.09 10.63 1.41
C LEU A 44 19.59 12.06 1.64
N TYR A 45 19.28 12.60 2.80
CA TYR A 45 19.71 13.94 3.16
C TYR A 45 21.24 14.02 3.22
N ASP A 46 21.89 12.94 3.62
CA ASP A 46 23.33 12.96 3.75
C ASP A 46 24.15 12.54 2.54
N ASN A 47 23.61 11.65 1.70
CA ASN A 47 24.39 11.15 0.55
C ASN A 47 23.78 11.22 -0.85
N TYR A 48 22.76 12.04 -1.05
CA TYR A 48 22.12 12.13 -2.36
C TYR A 48 22.51 13.29 -3.29
N VAL A 49 22.45 13.16 -4.26
CA VAL A 49 22.94 14.23 -5.11
C VAL A 49 22.40 15.60 -4.72
N GLU A 50 22.60 16.54 -5.63
CA GLU A 50 22.18 17.94 -5.49
C GLU A 50 22.84 18.76 -6.61
N ASP A 51 23.11 20.03 -6.33
CA ASP A 51 23.76 20.92 -7.28
C ASP A 51 25.24 20.54 -7.30
N ILE A 52 25.75 20.32 -8.52
CA ILE A 52 27.15 19.94 -8.76
C ILE A 52 28.09 20.76 -7.89
N ASP A 53 27.80 22.06 -7.78
CA ASP A 53 28.62 22.96 -6.97
C ASP A 53 28.80 22.41 -5.56
N ALA A 54 27.73 21.83 -5.02
CA ALA A 54 27.72 21.24 -3.67
C ALA A 54 27.44 22.26 -2.54
N THR A 55 26.30 22.59 -1.93
CA THR A 55 25.64 23.63 -1.14
C THR A 55 24.10 23.52 -1.06
N PHE A 56 23.55 22.46 -1.64
CA PHE A 56 22.10 22.22 -1.64
C PHE A 56 21.81 20.82 -1.17
N ARG A 57 20.65 20.64 -0.57
CA ARG A 57 20.24 19.33 -0.10
C ARG A 57 18.72 19.23 -0.29
N PHE A 58 18.23 18.13 -0.85
CA PHE A 58 16.80 18.03 -1.01
C PHE A 58 16.17 18.05 0.38
N LYS A 59 15.02 18.70 0.52
CA LYS A 59 14.38 18.74 1.82
C LYS A 59 13.22 17.77 1.87
N TYR A 60 13.55 16.50 1.92
CA TYR A 60 12.52 15.46 1.96
C TYR A 60 11.56 15.70 3.12
N SER A 61 10.33 15.24 2.99
CA SER A 61 9.38 15.43 4.06
C SER A 61 8.62 14.14 4.26
N HIS A 62 8.23 13.84 5.49
CA HIS A 62 7.48 12.64 5.74
C HIS A 62 6.24 12.59 4.85
N GLU A 63 5.69 13.75 4.53
CA GLU A 63 4.49 13.83 3.71
C GLU A 63 4.79 13.61 2.25
N PHE A 64 6.05 13.77 1.86
CA PHE A 64 6.47 13.60 0.46
C PHE A 64 6.72 12.15 0.13
N PHE A 65 7.21 11.40 1.11
CA PHE A 65 7.50 9.98 0.93
C PHE A 65 6.21 9.20 0.79
N GLN A 66 5.23 9.50 1.63
CA GLN A 66 3.98 8.79 1.54
C GLN A 66 3.41 9.00 0.14
N TRP A 67 3.64 10.17 -0.44
CA TRP A 67 3.10 10.44 -1.76
C TRP A 67 3.86 9.74 -2.86
N ALA A 68 5.17 9.98 -2.88
CA ALA A 68 6.04 9.41 -3.88
C ALA A 68 6.15 7.90 -3.84
N LEU A 69 6.31 7.33 -2.66
CA LEU A 69 6.49 5.89 -2.57
C LEU A 69 5.30 4.98 -2.26
N LYS A 70 4.11 5.54 -2.06
CA LYS A 70 2.98 4.65 -1.79
C LYS A 70 1.83 4.80 -2.78
N PRO A 71 2.15 4.83 -4.08
CA PRO A 71 1.06 4.97 -5.03
C PRO A 71 0.20 3.75 -4.84
N PRO A 72 -1.04 3.79 -5.32
CA PRO A 72 -1.88 2.60 -5.14
C PRO A 72 -1.26 1.41 -5.86
N GLY A 73 -1.05 0.33 -5.12
CA GLY A 73 -0.48 -0.85 -5.73
C GLY A 73 1.00 -1.00 -5.47
N TRP A 74 1.50 -0.23 -4.51
CA TRP A 74 2.89 -0.28 -4.15
C TRP A 74 3.16 -1.55 -3.34
N ARG A 75 4.43 -1.98 -3.30
CA ARG A 75 4.85 -3.17 -2.54
C ARG A 75 6.05 -2.87 -1.63
N LYS A 76 6.05 -3.39 -0.39
CA LYS A 76 7.16 -3.14 0.51
C LYS A 76 8.42 -3.82 0.02
N ASP A 77 8.30 -5.06 -0.43
CA ASP A 77 9.47 -5.78 -0.91
C ASP A 77 10.22 -5.09 -2.03
N TRP A 78 9.67 -3.99 -2.56
CA TRP A 78 10.33 -3.26 -3.62
C TRP A 78 11.13 -2.08 -3.05
N HIS A 79 11.07 -1.94 -1.73
CA HIS A 79 11.82 -0.91 -1.04
C HIS A 79 13.02 -1.64 -0.47
N VAL A 80 14.07 -1.74 -1.27
CA VAL A 80 15.26 -2.46 -0.87
C VAL A 80 16.35 -1.56 -0.33
N GLY A 81 16.99 -2.00 0.75
CA GLY A 81 18.05 -1.24 1.33
C GLY A 81 19.17 -2.16 1.78
N VAL A 82 20.35 -1.60 1.96
CA VAL A 82 21.50 -2.38 2.37
C VAL A 82 22.03 -1.80 3.67
N ARG A 83 22.12 -2.63 4.72
CA ARG A 83 22.63 -2.20 6.03
C ARG A 83 23.98 -2.85 6.37
N VAL A 84 24.72 -2.25 7.30
CA VAL A 84 26.01 -2.80 7.72
C VAL A 84 25.73 -3.81 8.85
N LYS A 85 26.17 -5.06 8.69
CA LYS A 85 25.88 -6.03 9.73
C LYS A 85 26.25 -5.60 11.13
N SER A 86 27.47 -5.11 11.31
CA SER A 86 27.92 -4.71 12.62
C SER A 86 26.99 -3.77 13.37
N THR A 87 26.92 -2.52 12.91
CA THR A 87 26.11 -1.47 13.53
C THR A 87 24.64 -1.38 13.13
N GLY A 88 24.27 -1.95 11.99
CA GLY A 88 22.87 -1.87 11.57
C GLY A 88 22.57 -0.71 10.64
N LYS A 89 23.52 0.22 10.55
CA LYS A 89 23.46 1.40 9.70
C LYS A 89 22.96 1.16 8.26
N LEU A 90 22.01 1.97 7.81
CA LEU A 90 21.45 1.88 6.45
C LEU A 90 22.37 2.67 5.51
N VAL A 91 23.01 1.97 4.57
CA VAL A 91 23.94 2.64 3.65
C VAL A 91 23.57 2.67 2.19
N ALA A 92 22.46 2.03 1.82
CA ALA A 92 22.03 2.06 0.43
C ALA A 92 20.55 1.79 0.34
N PHE A 93 19.93 2.28 -0.72
CA PHE A 93 18.50 2.15 -0.94
C PHE A 93 18.20 2.24 -2.44
N ILE A 94 17.09 1.67 -2.87
CA ILE A 94 16.69 1.74 -4.27
C ILE A 94 15.24 1.33 -4.20
N ALA A 95 14.38 2.07 -4.86
CA ALA A 95 12.97 1.72 -4.78
C ALA A 95 12.37 1.51 -6.14
N ALA A 96 11.28 0.74 -6.15
CA ALA A 96 10.54 0.41 -7.36
C ALA A 96 9.07 0.71 -7.13
N THR A 97 8.46 1.45 -8.05
CA THR A 97 7.07 1.80 -7.93
C THR A 97 6.31 1.39 -9.17
N PRO A 98 5.16 0.73 -9.01
CA PRO A 98 4.35 0.27 -10.15
C PRO A 98 3.87 1.37 -11.06
N VAL A 99 3.97 1.16 -12.37
CA VAL A 99 3.52 2.15 -13.35
C VAL A 99 3.13 1.45 -14.63
N THR A 100 2.12 2.00 -15.31
CA THR A 100 1.72 1.39 -16.56
C THR A 100 1.99 2.34 -17.68
N PHE A 101 2.98 2.04 -18.53
CA PHE A 101 3.23 2.94 -19.63
C PHE A 101 2.87 2.31 -20.97
N LYS A 102 2.67 3.14 -21.99
CA LYS A 102 2.30 2.65 -23.32
C LYS A 102 2.98 3.37 -24.50
N LEU A 103 3.27 2.62 -25.55
CA LEU A 103 3.88 3.24 -26.72
C LEU A 103 2.76 3.57 -27.68
N ASN A 104 2.66 4.83 -28.09
CA ASN A 104 1.60 5.26 -28.99
C ASN A 104 1.80 4.82 -30.44
N LYS A 105 3.04 4.68 -30.88
CA LYS A 105 3.29 4.25 -32.25
C LYS A 105 2.91 2.79 -32.49
N SER A 106 3.55 1.88 -31.79
CA SER A 106 3.26 0.47 -31.94
C SER A 106 2.04 0.01 -31.17
N ASN A 107 1.40 0.92 -30.43
CA ASN A 107 0.22 0.58 -29.65
C ASN A 107 0.40 -0.60 -28.71
N LYS A 108 1.02 -0.35 -27.57
CA LYS A 108 1.18 -1.41 -26.61
C LYS A 108 1.30 -0.94 -25.16
N VAL A 109 0.52 -1.58 -24.30
CA VAL A 109 0.50 -1.30 -22.88
C VAL A 109 1.43 -2.28 -22.15
N ILE A 110 2.38 -1.73 -21.41
CA ILE A 110 3.34 -2.56 -20.70
C ILE A 110 3.37 -2.29 -19.20
N ASP A 111 2.75 -3.16 -18.40
CA ASP A 111 2.75 -2.98 -16.96
C ASP A 111 4.17 -3.18 -16.43
N SER A 112 4.79 -2.08 -15.98
CA SER A 112 6.14 -2.16 -15.45
C SER A 112 6.29 -1.28 -14.22
N VAL A 113 7.54 -0.91 -13.91
CA VAL A 113 7.83 -0.08 -12.74
C VAL A 113 8.77 1.07 -13.06
N GLU A 114 8.96 1.92 -12.05
CA GLU A 114 9.82 3.11 -12.11
C GLU A 114 10.92 2.99 -11.05
N ILE A 115 12.14 2.61 -11.43
CA ILE A 115 13.24 2.48 -10.47
C ILE A 115 13.66 3.88 -10.02
N ASN A 116 13.46 4.17 -8.74
CA ASN A 116 13.80 5.49 -8.26
C ASN A 116 14.53 5.45 -6.94
N PHE A 117 15.07 6.61 -6.55
CA PHE A 117 15.76 6.77 -5.29
C PHE A 117 17.01 5.94 -5.08
N LEU A 118 17.71 5.61 -6.16
CA LEU A 118 18.93 4.82 -6.04
C LEU A 118 19.96 5.66 -5.27
N CYS A 119 20.31 5.22 -4.07
CA CYS A 119 21.25 5.94 -3.22
C CYS A 119 22.27 5.08 -2.47
N ILE A 120 23.53 5.50 -2.52
CA ILE A 120 24.62 4.80 -1.84
C ILE A 120 25.40 5.78 -0.97
N HIS A 121 25.78 5.36 0.23
CA HIS A 121 26.53 6.23 1.15
C HIS A 121 27.71 6.92 0.52
N LYS A 122 27.78 8.23 0.73
CA LYS A 122 28.84 9.09 0.22
C LYS A 122 30.22 8.46 0.26
N LYS A 123 30.47 7.60 1.25
CA LYS A 123 31.76 6.95 1.41
C LYS A 123 31.68 5.47 1.11
N LEU A 124 31.03 5.13 0.01
CA LEU A 124 30.87 3.75 -0.39
C LEU A 124 30.75 3.70 -1.88
N ARG A 125 31.15 4.78 -2.54
CA ARG A 125 31.05 4.80 -3.99
C ARG A 125 32.30 4.13 -4.55
N ASN A 126 32.22 3.69 -5.78
CA ASN A 126 33.35 3.04 -6.41
C ASN A 126 33.52 1.62 -5.88
N LYS A 127 32.42 0.95 -5.58
CA LYS A 127 32.51 -0.42 -5.09
C LYS A 127 31.64 -1.35 -5.92
N ARG A 128 31.13 -0.81 -7.03
CA ARG A 128 30.27 -1.59 -7.93
C ARG A 128 29.05 -2.03 -7.15
N LEU A 129 28.71 -1.24 -6.15
CA LEU A 129 27.57 -1.56 -5.33
C LEU A 129 26.34 -1.18 -6.14
N ALA A 130 26.38 -0.02 -6.78
CA ALA A 130 25.26 0.46 -7.58
C ALA A 130 24.69 -0.66 -8.42
N PRO A 131 25.51 -1.25 -9.30
CA PRO A 131 25.00 -2.33 -10.12
C PRO A 131 24.29 -3.41 -9.32
N VAL A 132 24.94 -3.92 -8.27
CA VAL A 132 24.32 -4.96 -7.45
C VAL A 132 22.90 -4.60 -7.06
N LEU A 133 22.70 -3.33 -6.73
CA LEU A 133 21.38 -2.83 -6.32
C LEU A 133 20.33 -2.99 -7.39
N ILE A 134 20.71 -2.75 -8.64
CA ILE A 134 19.79 -2.84 -9.76
C ILE A 134 19.31 -4.26 -10.07
N LYS A 135 20.28 -5.15 -10.30
CA LYS A 135 19.98 -6.54 -10.60
C LYS A 135 19.08 -7.13 -9.53
N GLU A 136 19.22 -6.63 -8.30
CA GLU A 136 18.42 -7.10 -7.17
C GLU A 136 16.98 -6.60 -7.27
N ILE A 137 16.78 -5.29 -7.34
CA ILE A 137 15.42 -4.75 -7.42
C ILE A 137 14.75 -5.39 -8.61
N THR A 138 15.53 -5.62 -9.65
CA THR A 138 15.03 -6.24 -10.85
C THR A 138 14.60 -7.66 -10.56
N ARG A 139 15.45 -8.40 -9.84
CA ARG A 139 15.15 -9.78 -9.51
C ARG A 139 13.81 -9.85 -8.80
N ARG A 140 13.61 -8.96 -7.85
CA ARG A 140 12.35 -8.94 -7.11
C ARG A 140 11.20 -8.62 -8.07
N VAL A 141 11.39 -7.58 -8.88
CA VAL A 141 10.39 -7.14 -9.85
C VAL A 141 10.03 -8.25 -10.84
N ASN A 142 11.05 -8.90 -11.38
CA ASN A 142 10.86 -10.00 -12.33
C ASN A 142 10.04 -11.12 -11.68
N LYS A 143 9.99 -11.12 -10.35
CA LYS A 143 9.20 -12.11 -9.63
C LYS A 143 7.71 -11.82 -9.75
N GLN A 144 7.34 -10.59 -10.08
CA GLN A 144 5.93 -10.25 -10.21
C GLN A 144 5.55 -10.26 -11.68
N ASN A 145 6.42 -10.85 -12.47
CA ASN A 145 6.21 -11.00 -13.90
C ASN A 145 6.30 -9.72 -14.72
N ILE A 146 6.97 -8.71 -14.17
CA ILE A 146 7.14 -7.44 -14.84
C ILE A 146 8.54 -7.53 -15.36
N TRP A 147 8.76 -7.12 -16.62
CA TRP A 147 10.08 -7.28 -17.23
C TRP A 147 10.74 -6.05 -17.85
N GLN A 148 10.06 -4.91 -17.76
CA GLN A 148 10.60 -3.68 -18.30
C GLN A 148 10.73 -2.73 -17.14
N ALA A 149 11.47 -1.65 -17.34
CA ALA A 149 11.68 -0.67 -16.28
C ALA A 149 12.05 0.70 -16.80
N LEU A 150 11.66 1.73 -16.06
CA LEU A 150 12.00 3.09 -16.43
C LEU A 150 12.88 3.71 -15.33
N TYR A 151 13.84 4.52 -15.76
CA TYR A 151 14.72 5.21 -14.84
C TYR A 151 15.48 6.33 -15.53
N THR A 152 15.90 7.30 -14.72
CA THR A 152 16.63 8.46 -15.22
C THR A 152 17.90 8.67 -14.41
N GLY A 153 18.91 9.29 -15.03
CA GLY A 153 20.17 9.55 -14.34
C GLY A 153 21.39 9.67 -15.25
N GLY A 154 22.56 9.30 -14.72
CA GLY A 154 23.79 9.37 -15.48
C GLY A 154 23.86 8.58 -16.79
N SER A 155 24.54 9.16 -17.77
CA SER A 155 24.70 8.54 -19.09
C SER A 155 25.52 7.24 -19.01
N ILE A 156 25.46 6.58 -17.86
CA ILE A 156 26.18 5.33 -17.63
C ILE A 156 25.69 4.19 -18.52
N LEU A 157 24.59 3.55 -18.12
CA LEU A 157 24.01 2.46 -18.92
C LEU A 157 23.86 2.94 -20.38
N PRO A 158 24.10 2.04 -21.34
CA PRO A 158 23.98 2.42 -22.74
C PRO A 158 22.55 2.31 -23.29
N THR A 159 22.37 2.79 -24.52
CA THR A 159 21.09 2.73 -25.21
C THR A 159 19.93 3.41 -24.48
N PRO A 160 20.00 4.74 -24.31
CA PRO A 160 18.97 5.51 -23.63
C PRO A 160 17.91 5.97 -24.63
N LEU A 161 16.65 6.07 -24.17
CA LEU A 161 15.54 6.51 -25.01
C LEU A 161 15.90 7.83 -25.67
N THR A 162 16.16 8.84 -24.84
CA THR A 162 16.54 10.17 -25.31
C THR A 162 17.15 10.94 -24.17
N THR A 163 17.49 12.20 -24.41
CA THR A 163 18.06 13.03 -23.36
C THR A 163 17.37 14.40 -23.32
N CYS A 164 16.94 14.78 -22.10
CA CYS A 164 16.28 16.07 -21.85
C CYS A 164 17.25 16.96 -21.07
N ARG A 165 16.99 18.26 -21.04
CA ARG A 165 17.85 19.18 -20.34
C ARG A 165 17.08 20.03 -19.34
N TYR A 166 17.73 20.51 -18.27
CA TYR A 166 17.08 21.33 -17.23
C TYR A 166 16.66 22.69 -17.77
N GLN A 167 15.65 23.28 -17.09
CA GLN A 167 15.13 24.64 -17.46
C GLN A 167 14.68 25.22 -16.14
N HIS A 168 15.08 26.46 -15.86
CA HIS A 168 14.74 27.10 -14.60
C HIS A 168 14.03 28.41 -14.80
N ARG A 169 12.86 28.55 -14.18
CA ARG A 169 12.11 29.79 -14.28
C ARG A 169 12.12 30.54 -12.96
N PRO A 170 13.06 31.48 -12.82
CA PRO A 170 13.24 32.30 -11.62
C PRO A 170 12.02 33.09 -11.22
N ILE A 171 11.43 32.73 -10.07
CA ILE A 171 10.27 33.44 -9.57
C ILE A 171 10.74 34.57 -8.62
N ASN A 172 11.77 34.29 -7.84
CA ASN A 172 12.35 35.28 -6.93
C ASN A 172 13.84 35.43 -7.24
N TRP A 173 14.13 35.99 -8.41
CA TRP A 173 15.49 36.15 -8.83
C TRP A 173 16.48 36.51 -7.72
N SER A 174 16.24 37.65 -7.06
CA SER A 174 17.12 38.14 -5.98
C SER A 174 17.63 37.09 -4.99
N LYS A 175 16.70 36.46 -4.28
CA LYS A 175 17.06 35.43 -3.31
C LYS A 175 17.91 34.36 -3.95
N LEU A 176 17.67 34.10 -5.22
CA LEU A 176 18.46 33.11 -5.94
C LEU A 176 19.89 33.61 -6.09
N HIS A 177 20.03 34.88 -6.42
CA HIS A 177 21.33 35.50 -6.61
C HIS A 177 22.12 35.57 -5.32
N ASP A 178 21.42 35.63 -4.21
CA ASP A 178 22.07 35.68 -2.92
C ASP A 178 22.77 34.37 -2.68
N VAL A 179 22.07 33.28 -2.95
CA VAL A 179 22.64 31.95 -2.75
C VAL A 179 23.64 31.52 -3.81
N GLY A 180 23.89 32.38 -4.79
CA GLY A 180 24.86 32.08 -5.81
C GLY A 180 24.43 31.12 -6.88
N PHE A 181 23.11 30.99 -7.07
CA PHE A 181 22.60 30.10 -8.11
C PHE A 181 22.63 30.82 -9.45
N SER A 182 21.78 31.83 -9.60
CA SER A 182 21.71 32.58 -10.84
C SER A 182 22.72 33.70 -10.84
N HIS A 183 23.43 33.84 -11.96
CA HIS A 183 24.44 34.87 -12.10
C HIS A 183 23.95 36.04 -12.95
N LEU A 184 24.32 37.24 -12.54
CA LEU A 184 23.95 38.45 -13.26
C LEU A 184 24.71 38.56 -14.59
N PRO A 185 23.98 38.55 -15.72
CA PRO A 185 24.57 38.65 -17.05
C PRO A 185 25.45 39.89 -17.18
N PRO A 186 26.33 39.90 -18.21
CA PRO A 186 27.23 41.03 -18.47
C PRO A 186 26.48 42.35 -18.44
N ASN A 187 26.96 43.26 -17.60
CA ASN A 187 26.36 44.58 -17.45
C ASN A 187 24.83 44.55 -17.51
N GLN A 188 24.24 44.63 -16.33
CA GLN A 188 22.80 44.62 -16.15
C GLN A 188 22.56 45.28 -14.81
N THR A 189 21.69 44.69 -13.99
CA THR A 189 21.41 45.24 -12.67
C THR A 189 20.49 44.39 -11.83
N LYS A 190 20.98 43.97 -10.67
CA LYS A 190 20.21 43.16 -9.74
C LYS A 190 18.79 43.73 -9.68
N SER A 191 18.68 45.04 -9.52
CA SER A 191 17.37 45.69 -9.44
C SER A 191 16.50 45.47 -10.69
N SER A 192 17.14 45.55 -11.86
CA SER A 192 16.45 45.38 -13.15
C SER A 192 16.04 43.96 -13.48
N MET A 193 16.95 43.00 -13.26
CA MET A 193 16.66 41.60 -13.53
C MET A 193 15.45 41.21 -12.72
N VAL A 194 15.34 41.75 -11.50
CA VAL A 194 14.20 41.45 -10.65
C VAL A 194 12.89 41.74 -11.35
N ALA A 195 12.87 42.73 -12.25
CA ALA A 195 11.66 43.08 -12.98
C ALA A 195 11.47 42.12 -14.15
N SER A 196 12.53 41.95 -14.94
CA SER A 196 12.48 41.05 -16.08
C SER A 196 11.82 39.73 -15.72
N TYR A 197 11.81 39.40 -14.43
CA TYR A 197 11.22 38.15 -13.98
C TYR A 197 9.91 38.29 -13.21
N THR A 198 9.59 39.52 -12.83
CA THR A 198 8.38 39.79 -12.09
C THR A 198 7.15 39.33 -12.85
N LEU A 199 6.19 38.79 -12.11
CA LEU A 199 4.93 38.33 -12.69
C LEU A 199 3.80 38.82 -11.79
N PRO A 200 2.57 38.86 -12.33
CA PRO A 200 1.38 39.30 -11.59
C PRO A 200 1.22 38.51 -10.28
N ASN A 201 0.20 38.84 -9.51
CA ASN A 201 0.00 38.12 -8.27
C ASN A 201 -1.33 37.40 -8.34
N ASN A 202 -1.86 37.32 -9.56
CA ASN A 202 -3.13 36.66 -9.80
C ASN A 202 -3.21 35.99 -11.16
N PRO A 203 -3.79 34.78 -11.22
CA PRO A 203 -3.95 34.01 -12.45
C PRO A 203 -4.79 34.74 -13.50
N LYS A 204 -4.17 35.04 -14.62
CA LYS A 204 -4.84 35.72 -15.73
C LYS A 204 -6.03 34.89 -16.24
N LEU A 205 -5.81 33.61 -16.53
CA LEU A 205 -6.89 32.76 -17.01
C LEU A 205 -8.06 32.71 -16.03
N LYS A 206 -9.27 32.95 -16.55
CA LYS A 206 -10.50 32.90 -15.74
C LYS A 206 -10.88 31.45 -15.62
N GLY A 207 -11.95 31.16 -14.90
CA GLY A 207 -12.37 29.77 -14.76
C GLY A 207 -11.29 28.83 -14.23
N LEU A 208 -10.23 29.40 -13.67
CA LEU A 208 -9.14 28.61 -13.12
C LEU A 208 -9.41 28.35 -11.68
N ARG A 209 -9.22 27.11 -11.25
CA ARG A 209 -9.43 26.76 -9.86
C ARG A 209 -8.77 25.44 -9.58
N PRO A 210 -8.41 25.23 -8.32
CA PRO A 210 -7.78 24.00 -7.87
C PRO A 210 -8.65 22.82 -8.34
N MET A 211 -8.04 21.66 -8.47
CA MET A 211 -8.76 20.48 -8.90
C MET A 211 -9.32 19.77 -7.69
N THR A 212 -10.30 18.90 -7.91
CA THR A 212 -10.92 18.12 -6.83
C THR A 212 -11.13 16.70 -7.32
N GLY A 213 -11.43 15.80 -6.38
CA GLY A 213 -11.63 14.42 -6.77
C GLY A 213 -12.78 14.25 -7.72
N LYS A 214 -13.55 15.31 -7.93
CA LYS A 214 -14.67 15.21 -8.83
C LYS A 214 -14.30 15.45 -10.27
N ASP A 215 -13.14 16.09 -10.49
CA ASP A 215 -12.67 16.38 -11.84
C ASP A 215 -11.77 15.28 -12.40
N VAL A 216 -11.42 14.29 -11.57
CA VAL A 216 -10.57 13.23 -12.04
C VAL A 216 -11.09 12.60 -13.31
N SER A 217 -12.22 11.90 -13.21
CA SER A 217 -12.84 11.25 -14.35
C SER A 217 -12.62 12.07 -15.61
N THR A 218 -13.11 13.29 -15.58
CA THR A 218 -13.01 14.18 -16.72
C THR A 218 -11.56 14.39 -17.15
N VAL A 219 -10.78 15.10 -16.33
CA VAL A 219 -9.39 15.40 -16.62
C VAL A 219 -8.59 14.24 -17.19
N LEU A 220 -8.77 13.07 -16.61
CA LEU A 220 -8.05 11.93 -17.13
C LEU A 220 -8.29 11.78 -18.62
N SER A 221 -9.53 11.99 -19.07
CA SER A 221 -9.88 11.89 -20.49
C SER A 221 -9.23 12.98 -21.32
N LEU A 222 -9.26 14.18 -20.78
CA LEU A 222 -8.64 15.30 -21.45
C LEU A 222 -7.18 14.95 -21.66
N LEU A 223 -6.53 14.46 -20.62
CA LEU A 223 -5.12 14.07 -20.70
C LEU A 223 -4.90 12.98 -21.74
N TYR A 224 -5.66 11.90 -21.63
CA TYR A 224 -5.62 10.77 -22.52
C TYR A 224 -5.72 11.15 -23.99
N LYS A 225 -6.31 12.29 -24.29
CA LYS A 225 -6.45 12.70 -25.68
C LYS A 225 -5.30 13.61 -26.07
N TYR A 226 -4.68 14.23 -25.09
CA TYR A 226 -3.57 15.14 -25.30
C TYR A 226 -2.24 14.41 -25.54
N GLN A 227 -1.95 13.40 -24.71
CA GLN A 227 -0.72 12.62 -24.82
C GLN A 227 -0.57 11.88 -26.13
N GLU A 228 -1.65 11.68 -26.84
CA GLU A 228 -1.58 10.97 -28.10
C GLU A 228 -0.36 11.39 -28.93
N ARG A 229 0.05 12.64 -28.80
CA ARG A 229 1.16 13.18 -29.56
C ARG A 229 2.57 12.78 -29.11
N PHE A 230 2.66 11.97 -28.08
CA PHE A 230 3.98 11.56 -27.62
C PHE A 230 4.17 10.10 -27.97
N ASP A 231 5.42 9.64 -27.96
CA ASP A 231 5.70 8.27 -28.31
C ASP A 231 5.58 7.34 -27.12
N ILE A 232 5.69 7.89 -25.91
CA ILE A 232 5.55 7.09 -24.69
C ILE A 232 4.86 7.89 -23.62
N VAL A 233 3.76 7.36 -23.09
CA VAL A 233 3.01 8.06 -22.08
C VAL A 233 2.70 7.13 -20.94
N GLN A 234 1.89 7.61 -19.99
CA GLN A 234 1.52 6.81 -18.84
C GLN A 234 0.01 6.63 -18.87
N LEU A 235 -0.45 5.48 -18.38
CA LEU A 235 -1.87 5.18 -18.34
C LEU A 235 -2.27 4.95 -16.90
N PHE A 236 -2.99 5.90 -16.33
CA PHE A 236 -3.44 5.81 -14.95
C PHE A 236 -4.85 5.22 -14.81
N THR A 237 -5.12 4.64 -13.65
CA THR A 237 -6.47 4.15 -13.37
C THR A 237 -7.10 5.33 -12.61
N GLU A 238 -8.35 5.23 -12.17
CA GLU A 238 -8.94 6.36 -11.46
C GLU A 238 -8.33 6.49 -10.06
N GLU A 239 -8.13 5.39 -9.36
CA GLU A 239 -7.57 5.50 -8.03
C GLU A 239 -6.14 6.01 -8.09
N GLU A 240 -5.40 5.68 -9.16
CA GLU A 240 -4.02 6.13 -9.34
C GLU A 240 -3.92 7.63 -9.59
N PHE A 241 -4.44 8.07 -10.73
CA PHE A 241 -4.42 9.49 -11.10
C PHE A 241 -4.74 10.33 -9.87
N LYS A 242 -5.82 10.01 -9.17
CA LYS A 242 -6.21 10.75 -7.98
C LYS A 242 -5.02 10.94 -7.06
N HIS A 243 -4.39 9.82 -6.71
CA HIS A 243 -3.24 9.81 -5.84
C HIS A 243 -2.18 10.76 -6.32
N TRP A 244 -1.72 10.56 -7.55
CA TRP A 244 -0.67 11.37 -8.14
C TRP A 244 -0.98 12.87 -8.34
N MET A 245 -2.24 13.25 -8.43
CA MET A 245 -2.60 14.65 -8.62
C MET A 245 -3.16 15.28 -7.36
N LEU A 246 -3.80 14.46 -6.53
CA LEU A 246 -4.44 14.93 -5.31
C LEU A 246 -3.74 14.68 -4.00
N GLY A 247 -2.92 13.63 -3.93
CA GLY A 247 -2.22 13.32 -2.70
C GLY A 247 -2.89 12.18 -1.96
N HIS A 248 -2.24 11.65 -0.91
CA HIS A 248 -2.76 10.54 -0.09
C HIS A 248 -4.29 10.50 -0.11
N ASP A 249 -4.89 11.66 0.06
CA ASP A 249 -6.35 11.79 0.00
C ASP A 249 -6.79 13.21 -0.30
N GLU A 250 -7.99 13.32 -0.88
CA GLU A 250 -8.60 14.60 -1.23
C GLU A 250 -9.16 15.32 -0.01
N ASN A 251 -9.81 14.56 0.88
CA ASN A 251 -10.40 15.11 2.10
C ASN A 251 -9.34 15.76 2.99
N SER A 252 -8.11 15.83 2.48
CA SER A 252 -6.97 16.43 3.20
C SER A 252 -5.94 16.94 2.20
N ASP A 253 -5.92 18.24 1.96
CA ASP A 253 -4.98 18.87 1.02
C ASP A 253 -3.56 18.35 1.08
N SER A 254 -2.98 18.16 -0.10
CA SER A 254 -1.61 17.70 -0.22
C SER A 254 -0.73 18.93 -0.23
N ASN A 255 0.36 18.89 0.50
CA ASN A 255 1.30 20.01 0.53
C ASN A 255 2.48 19.78 -0.42
N VAL A 256 2.40 18.65 -1.12
CA VAL A 256 3.41 18.22 -2.07
C VAL A 256 2.99 18.50 -3.49
N VAL A 257 1.86 17.95 -3.91
CA VAL A 257 1.41 18.15 -5.29
C VAL A 257 0.27 19.14 -5.40
N LYS A 258 0.38 20.06 -6.35
CA LYS A 258 -0.65 21.07 -6.58
C LYS A 258 -1.24 20.85 -7.97
N SER A 259 -2.56 20.79 -8.09
CA SER A 259 -3.16 20.60 -9.38
C SER A 259 -4.23 21.66 -9.60
N TYR A 260 -4.45 22.04 -10.85
CA TYR A 260 -5.46 23.05 -11.19
C TYR A 260 -6.14 22.76 -12.51
N VAL A 261 -7.37 23.22 -12.64
CA VAL A 261 -8.11 23.02 -13.87
C VAL A 261 -8.64 24.36 -14.33
N VAL A 262 -9.01 24.45 -15.60
CA VAL A 262 -9.56 25.68 -16.12
C VAL A 262 -10.89 25.27 -16.73
N GLU A 263 -11.98 25.96 -16.37
CA GLU A 263 -13.31 25.65 -16.93
C GLU A 263 -13.76 26.81 -17.82
N ASP A 264 -14.60 26.54 -18.82
CA ASP A 264 -15.09 27.61 -19.70
C ASP A 264 -16.40 28.20 -19.20
N GLU A 265 -17.11 28.92 -20.06
CA GLU A 265 -18.36 29.56 -19.68
C GLU A 265 -19.49 28.55 -19.49
N ASN A 266 -19.30 27.36 -20.05
CA ASN A 266 -20.29 26.30 -19.98
C ASN A 266 -20.03 25.32 -18.83
N GLY A 267 -18.90 25.48 -18.15
CA GLY A 267 -18.56 24.62 -17.03
C GLY A 267 -17.78 23.38 -17.47
N ILE A 268 -17.05 23.53 -18.56
CA ILE A 268 -16.28 22.43 -19.13
C ILE A 268 -14.77 22.62 -18.98
N ILE A 269 -14.06 21.57 -18.59
CA ILE A 269 -12.62 21.62 -18.38
C ILE A 269 -11.88 21.58 -19.72
N THR A 270 -11.10 22.62 -20.03
CA THR A 270 -10.38 22.66 -21.29
C THR A 270 -8.88 22.57 -21.10
N ASP A 271 -8.43 22.94 -19.90
CA ASP A 271 -7.01 22.92 -19.60
C ASP A 271 -6.76 22.45 -18.19
N TYR A 272 -5.50 22.17 -17.89
CA TYR A 272 -5.12 21.71 -16.57
C TYR A 272 -3.64 21.52 -16.53
N PHE A 273 -3.06 21.69 -15.34
CA PHE A 273 -1.64 21.49 -15.14
C PHE A 273 -1.47 21.09 -13.69
N SER A 274 -0.33 20.49 -13.37
CA SER A 274 0.01 20.10 -12.00
C SER A 274 1.51 20.30 -11.87
N TYR A 275 1.99 20.29 -10.63
CA TYR A 275 3.43 20.42 -10.35
C TYR A 275 3.66 20.05 -8.93
N TYR A 276 4.84 19.52 -8.63
CA TYR A 276 5.10 19.14 -7.26
C TYR A 276 6.15 20.02 -6.64
N LEU A 277 6.14 20.04 -5.31
CA LEU A 277 7.06 20.83 -4.50
C LEU A 277 8.06 19.95 -3.74
N LEU A 278 9.33 20.35 -3.78
CA LEU A 278 10.39 19.62 -3.08
C LEU A 278 11.51 20.64 -2.98
N PRO A 279 11.52 21.41 -1.89
CA PRO A 279 12.54 22.44 -1.67
C PRO A 279 13.99 21.98 -1.43
N PHE A 280 14.88 22.95 -1.41
CA PHE A 280 16.27 22.71 -1.16
C PHE A 280 16.64 23.35 0.18
N THR A 281 17.84 23.06 0.66
CA THR A 281 18.31 23.66 1.89
C THR A 281 19.54 24.46 1.51
N VAL A 282 19.62 25.70 1.97
CA VAL A 282 20.76 26.52 1.65
C VAL A 282 21.69 26.41 2.84
N LEU A 283 22.85 25.81 2.63
CA LEU A 283 23.74 25.63 3.74
C LEU A 283 24.37 26.90 4.31
N ASP A 284 25.65 27.09 4.07
CA ASP A 284 26.37 28.22 4.60
C ASP A 284 25.87 29.59 4.14
N ASN A 285 24.61 29.89 4.45
CA ASN A 285 24.05 31.16 4.06
C ASN A 285 23.53 31.79 5.33
N ALA A 286 23.78 33.08 5.50
CA ALA A 286 23.33 33.77 6.71
C ALA A 286 21.98 34.42 6.56
N GLN A 287 21.34 34.25 5.42
CA GLN A 287 20.04 34.86 5.18
C GLN A 287 18.92 33.84 5.26
N HIS A 288 18.98 32.85 4.38
CA HIS A 288 17.93 31.85 4.35
C HIS A 288 18.53 30.47 4.33
N ASP A 289 17.70 29.49 4.66
CA ASP A 289 18.12 28.11 4.63
C ASP A 289 17.02 27.22 4.03
N GLU A 290 16.31 27.77 3.06
CA GLU A 290 15.26 27.04 2.38
C GLU A 290 14.89 27.70 1.07
N LEU A 291 15.13 26.98 -0.03
CA LEU A 291 14.82 27.47 -1.36
C LEU A 291 13.58 26.75 -1.88
N GLY A 292 12.51 27.49 -2.17
CA GLY A 292 11.29 26.87 -2.66
C GLY A 292 11.41 26.39 -4.09
N ILE A 293 11.00 25.16 -4.36
CA ILE A 293 11.10 24.66 -5.70
C ILE A 293 9.91 23.84 -6.12
N ALA A 294 9.54 23.97 -7.40
CA ALA A 294 8.40 23.24 -7.95
C ALA A 294 8.78 22.60 -9.28
N TYR A 295 8.41 21.33 -9.46
CA TYR A 295 8.72 20.65 -10.70
C TYR A 295 7.46 20.44 -11.51
N LEU A 296 7.49 20.83 -12.78
CA LEU A 296 6.31 20.67 -13.63
C LEU A 296 6.02 19.18 -13.81
N PHE A 297 4.79 18.80 -13.51
CA PHE A 297 4.41 17.41 -13.61
C PHE A 297 3.67 17.23 -14.92
N TYR A 298 2.42 16.77 -14.85
CA TYR A 298 1.62 16.59 -16.04
C TYR A 298 0.73 17.79 -16.28
N TYR A 299 0.17 17.88 -17.49
CA TYR A 299 -0.71 18.97 -17.87
C TYR A 299 -1.39 18.61 -19.19
N ALA A 300 -2.28 19.45 -19.68
CA ALA A 300 -3.00 19.18 -20.92
C ALA A 300 -3.87 20.36 -21.34
N SER A 301 -4.29 20.38 -22.59
CA SER A 301 -5.13 21.45 -23.11
C SER A 301 -5.84 20.96 -24.35
N ASP A 302 -7.14 21.17 -24.45
CA ASP A 302 -7.84 20.68 -25.62
C ASP A 302 -7.69 21.56 -26.84
N SER A 303 -6.82 22.56 -26.74
CA SER A 303 -6.59 23.47 -27.84
C SER A 303 -5.46 23.04 -28.75
N PHE A 304 -4.95 21.85 -28.53
CA PHE A 304 -3.83 21.31 -29.31
C PHE A 304 -4.12 21.21 -30.78
N GLU A 305 -5.39 21.01 -31.14
CA GLU A 305 -5.77 20.93 -32.54
C GLU A 305 -6.03 22.34 -33.03
N LYS A 306 -6.56 23.18 -32.15
CA LYS A 306 -6.83 24.57 -32.52
C LYS A 306 -5.54 25.24 -32.95
N PRO A 307 -5.64 26.44 -33.53
CA PRO A 307 -4.44 27.16 -33.99
C PRO A 307 -3.79 28.01 -32.91
N ASN A 308 -4.56 28.33 -31.85
CA ASN A 308 -4.07 29.16 -30.75
C ASN A 308 -3.30 28.38 -29.67
N TYR A 309 -3.13 27.08 -29.90
CA TYR A 309 -2.43 26.19 -28.99
C TYR A 309 -1.31 26.87 -28.21
N LYS A 310 -0.14 27.01 -28.82
CA LYS A 310 1.00 27.64 -28.17
C LYS A 310 0.65 28.91 -27.37
N LYS A 311 -0.19 29.78 -27.93
CA LYS A 311 -0.60 31.01 -27.25
C LYS A 311 -1.24 30.64 -25.93
N ARG A 312 -2.06 29.60 -25.96
CA ARG A 312 -2.75 29.13 -24.78
C ARG A 312 -1.75 28.41 -23.90
N LEU A 313 -0.93 27.57 -24.49
CA LEU A 313 0.04 26.82 -23.71
C LEU A 313 0.95 27.74 -22.93
N ASN A 314 1.12 28.98 -23.37
CA ASN A 314 1.97 29.90 -22.64
C ASN A 314 1.23 30.54 -21.49
N GLU A 315 -0.03 30.91 -21.72
CA GLU A 315 -0.83 31.52 -20.67
C GLU A 315 -0.97 30.53 -19.55
N LEU A 316 -1.40 29.33 -19.94
CA LEU A 316 -1.59 28.23 -19.00
C LEU A 316 -0.39 28.08 -18.07
N ILE A 317 0.81 27.91 -18.63
CA ILE A 317 2.01 27.73 -17.80
C ILE A 317 2.35 28.97 -17.05
N THR A 318 1.96 30.13 -17.58
CA THR A 318 2.26 31.37 -16.91
C THR A 318 1.37 31.56 -15.69
N ASP A 319 0.19 30.96 -15.72
CA ASP A 319 -0.68 31.08 -14.56
C ASP A 319 -0.17 30.14 -13.50
N ALA A 320 0.23 28.96 -13.95
CA ALA A 320 0.77 27.95 -13.06
C ALA A 320 1.91 28.54 -12.23
N LEU A 321 2.62 29.50 -12.81
CA LEU A 321 3.73 30.15 -12.15
C LEU A 321 3.22 31.09 -11.09
N ILE A 322 2.30 31.95 -11.49
CA ILE A 322 1.71 32.92 -10.59
C ILE A 322 1.18 32.20 -9.35
N THR A 323 0.76 30.96 -9.51
CA THR A 323 0.24 30.23 -8.36
C THR A 323 1.37 29.66 -7.54
N SER A 324 2.51 29.41 -8.16
CA SER A 324 3.60 28.82 -7.41
C SER A 324 4.05 29.72 -6.27
N LYS A 325 3.77 31.02 -6.41
CA LYS A 325 4.15 31.99 -5.41
C LYS A 325 3.36 31.87 -4.12
N LYS A 326 2.16 31.35 -4.18
CA LYS A 326 1.42 31.22 -2.96
C LYS A 326 2.03 30.13 -2.09
N PHE A 327 3.11 29.50 -2.54
CA PHE A 327 3.68 28.43 -1.74
C PHE A 327 5.14 28.61 -1.39
N GLY A 328 5.69 29.75 -1.77
CA GLY A 328 7.08 30.02 -1.46
C GLY A 328 8.04 29.58 -2.52
N VAL A 329 7.55 29.24 -3.69
CA VAL A 329 8.46 28.79 -4.74
C VAL A 329 9.36 29.93 -5.21
N ASP A 330 10.66 29.68 -5.30
CA ASP A 330 11.59 30.71 -5.71
C ASP A 330 12.09 30.41 -7.12
N VAL A 331 11.96 29.17 -7.56
CA VAL A 331 12.37 28.81 -8.92
C VAL A 331 11.48 27.70 -9.44
N PHE A 332 10.99 27.83 -10.67
CA PHE A 332 10.14 26.79 -11.24
C PHE A 332 10.98 25.94 -12.19
N ASN A 333 11.03 24.63 -11.94
CA ASN A 333 11.84 23.75 -12.79
C ASN A 333 11.06 22.78 -13.62
N CYS A 334 11.56 22.49 -14.82
CA CYS A 334 10.95 21.49 -15.67
C CYS A 334 12.03 21.06 -16.64
N LEU A 335 11.76 20.02 -17.41
CA LEU A 335 12.72 19.51 -18.39
C LEU A 335 12.29 19.95 -19.78
N THR A 336 12.83 19.29 -20.80
CA THR A 336 12.53 19.61 -22.19
C THR A 336 11.55 18.61 -22.85
N CYS A 337 11.10 17.63 -22.06
CA CYS A 337 10.17 16.59 -22.48
C CYS A 337 8.81 17.20 -22.76
N GLN A 338 7.86 16.39 -23.21
CA GLN A 338 6.50 16.85 -23.54
C GLN A 338 6.50 17.98 -24.55
N ASP A 339 5.54 18.89 -24.45
CA ASP A 339 5.50 20.00 -25.37
C ASP A 339 5.95 21.25 -24.64
N ASN A 340 7.00 21.11 -23.85
CA ASN A 340 7.50 22.23 -23.08
C ASN A 340 8.23 23.28 -23.88
N THR A 341 8.91 22.84 -24.92
CA THR A 341 9.66 23.77 -25.75
C THR A 341 8.76 24.81 -26.37
N TYR A 342 7.44 24.64 -26.28
CA TYR A 342 6.53 25.64 -26.82
C TYR A 342 6.38 26.83 -25.86
N PHE A 343 6.47 26.59 -24.56
CA PHE A 343 6.33 27.67 -23.59
C PHE A 343 7.62 28.16 -22.95
N LEU A 344 8.71 27.40 -23.13
CA LEU A 344 9.98 27.79 -22.54
C LEU A 344 10.41 29.22 -22.86
N LYS A 345 10.97 29.40 -24.05
CA LYS A 345 11.48 30.69 -24.47
C LYS A 345 10.68 31.90 -23.97
N ASP A 346 9.44 32.00 -24.40
CA ASP A 346 8.60 33.12 -24.02
C ASP A 346 8.18 33.26 -22.56
N CYS A 347 8.30 32.20 -21.79
CA CYS A 347 7.92 32.28 -20.39
C CYS A 347 9.08 32.73 -19.54
N LYS A 348 10.22 32.87 -20.20
CA LYS A 348 11.46 33.30 -19.56
C LYS A 348 12.13 32.15 -18.85
N PHE A 349 11.93 30.93 -19.35
CA PHE A 349 12.57 29.76 -18.76
C PHE A 349 14.05 29.73 -19.11
N GLY A 350 14.89 29.69 -18.08
CA GLY A 350 16.31 29.69 -18.31
C GLY A 350 16.86 28.31 -18.48
N SER A 351 17.69 28.14 -19.50
CA SER A 351 18.30 26.85 -19.80
C SER A 351 19.24 26.48 -18.66
N GLY A 352 19.13 25.24 -18.21
CA GLY A 352 19.95 24.77 -17.12
C GLY A 352 21.33 24.27 -17.49
N ASP A 353 21.90 23.43 -16.63
CA ASP A 353 23.23 22.89 -16.85
C ASP A 353 23.26 21.37 -16.71
N GLY A 354 22.24 20.82 -16.07
CA GLY A 354 22.17 19.37 -15.89
C GLY A 354 21.39 18.63 -16.97
N PHE A 355 21.75 17.38 -17.20
CA PHE A 355 21.05 16.60 -18.21
C PHE A 355 20.53 15.30 -17.66
N LEU A 356 19.39 14.87 -18.18
CA LEU A 356 18.78 13.65 -17.72
C LEU A 356 18.70 12.64 -18.85
N ASN A 357 18.83 11.36 -18.52
CA ASN A 357 18.74 10.33 -19.52
C ASN A 357 17.68 9.32 -19.13
N TYR A 358 16.75 9.07 -20.04
CA TYR A 358 15.69 8.13 -19.76
C TYR A 358 16.08 6.76 -20.23
N TYR A 359 15.77 5.75 -19.42
CA TYR A 359 16.07 4.37 -19.80
C TYR A 359 14.84 3.48 -19.74
N LEU A 360 14.85 2.45 -20.56
CA LEU A 360 13.76 1.50 -20.60
C LEU A 360 14.44 0.15 -20.52
N PHE A 361 14.48 -0.44 -19.35
CA PHE A 361 15.15 -1.71 -19.20
C PHE A 361 14.44 -2.91 -19.86
N ASN A 362 15.18 -3.65 -20.69
CA ASN A 362 14.66 -4.84 -21.36
C ASN A 362 13.50 -4.54 -22.29
N TYR A 363 13.79 -3.81 -23.35
CA TYR A 363 12.79 -3.50 -24.36
C TYR A 363 13.37 -2.56 -25.40
N ARG A 364 13.49 -3.05 -26.63
CA ARG A 364 14.02 -2.23 -27.71
C ARG A 364 12.92 -1.34 -28.29
N THR A 365 13.30 -0.14 -28.67
CA THR A 365 12.36 0.82 -29.27
C THR A 365 13.11 2.03 -29.77
N PHE A 366 12.67 2.53 -30.92
CA PHE A 366 13.28 3.69 -31.57
C PHE A 366 13.63 4.85 -30.60
N PRO A 367 14.79 5.50 -30.75
CA PRO A 367 15.11 6.59 -29.83
C PRO A 367 14.16 7.73 -30.11
N MET A 368 13.73 8.41 -29.06
CA MET A 368 12.81 9.51 -29.23
C MET A 368 13.50 10.84 -29.04
N ASP A 369 12.74 11.91 -29.22
CA ASP A 369 13.26 13.27 -29.08
C ASP A 369 13.30 13.67 -27.61
N GLY A 370 14.36 14.36 -27.22
CA GLY A 370 14.48 14.76 -25.83
C GLY A 370 14.08 16.21 -25.67
N GLY A 371 14.00 16.91 -26.78
CA GLY A 371 13.64 18.32 -26.73
C GLY A 371 14.84 19.20 -26.98
N ILE A 372 16.02 18.61 -27.02
CA ILE A 372 17.23 19.40 -27.27
C ILE A 372 17.89 19.03 -28.60
N ASP A 373 18.58 20.00 -29.20
CA ASP A 373 19.30 19.77 -30.45
C ASP A 373 20.41 18.78 -30.07
N LYS A 374 20.22 17.53 -30.47
CA LYS A 374 21.17 16.45 -30.14
C LYS A 374 22.64 16.84 -30.30
N LYS A 375 22.93 17.82 -31.14
CA LYS A 375 24.31 18.24 -31.37
C LYS A 375 24.82 19.28 -30.37
N THR A 376 24.13 20.41 -30.27
CA THR A 376 24.55 21.44 -29.33
C THR A 376 23.94 21.20 -27.96
N LYS A 377 23.10 20.17 -27.88
CA LYS A 377 22.38 19.82 -26.64
C LYS A 377 21.61 21.02 -26.08
N GLU A 378 21.37 22.02 -26.93
CA GLU A 378 20.64 23.21 -26.54
C GLU A 378 19.16 23.11 -26.91
N VAL A 379 18.32 23.77 -26.13
CA VAL A 379 16.89 23.76 -26.36
C VAL A 379 16.55 24.09 -27.82
N VAL A 380 15.44 23.52 -28.29
CA VAL A 380 14.91 23.75 -29.66
C VAL A 380 13.40 24.05 -29.58
N GLU A 381 13.04 25.31 -29.83
CA GLU A 381 11.65 25.75 -29.77
C GLU A 381 10.65 24.86 -30.45
N ASP A 382 9.38 25.08 -30.13
CA ASP A 382 8.24 24.32 -30.65
C ASP A 382 8.63 22.99 -31.32
N GLN A 383 8.91 21.97 -30.52
CA GLN A 383 9.27 20.67 -31.05
C GLN A 383 8.73 19.55 -30.19
N THR A 384 7.48 19.14 -30.41
CA THR A 384 6.90 18.05 -29.60
C THR A 384 7.90 16.94 -29.35
N SER A 385 8.03 16.53 -28.10
CA SER A 385 8.97 15.48 -27.76
C SER A 385 8.33 14.12 -27.53
N GLY A 386 9.09 13.08 -27.83
CA GLY A 386 8.59 11.75 -27.62
C GLY A 386 8.25 11.50 -26.17
N ILE A 387 9.08 12.01 -25.26
CA ILE A 387 8.83 11.78 -23.83
C ILE A 387 7.60 12.48 -23.26
N GLY A 388 6.60 11.69 -22.86
CA GLY A 388 5.39 12.24 -22.32
C GLY A 388 5.09 11.70 -20.94
N VAL A 389 6.13 11.31 -20.22
CA VAL A 389 5.97 10.81 -18.87
C VAL A 389 6.91 11.62 -18.00
N VAL A 390 6.61 11.72 -16.72
CA VAL A 390 7.47 12.47 -15.82
C VAL A 390 7.79 11.56 -14.66
N LEU A 391 9.07 11.44 -14.31
CA LEU A 391 9.44 10.61 -13.19
C LEU A 391 10.01 11.60 -12.19
N LEU A 392 9.85 11.31 -10.91
CA LEU A 392 10.36 12.18 -9.87
C LEU A 392 11.85 12.19 -9.93
N VAL B 13 14.29 -16.30 -13.20
CA VAL B 13 15.22 -15.51 -12.34
C VAL B 13 15.58 -16.24 -11.05
N PRO B 14 16.80 -15.99 -10.56
CA PRO B 14 17.34 -16.59 -9.33
C PRO B 14 16.59 -16.15 -8.09
N ASN B 15 16.12 -17.11 -7.30
CA ASN B 15 15.41 -16.79 -6.08
C ASN B 15 16.48 -16.42 -5.02
N ASP B 16 16.08 -15.96 -3.85
CA ASP B 16 17.08 -15.60 -2.84
C ASP B 16 17.99 -14.47 -3.39
N PRO B 17 17.98 -13.30 -2.74
CA PRO B 17 18.74 -12.10 -3.09
C PRO B 17 20.19 -12.26 -3.47
N LEU B 18 20.58 -11.58 -4.55
CA LEU B 18 21.93 -11.62 -5.08
C LEU B 18 22.95 -11.26 -4.02
N PRO B 19 24.20 -11.71 -4.20
CA PRO B 19 25.29 -11.46 -3.25
C PRO B 19 25.78 -10.04 -3.34
N LEU B 20 26.16 -9.49 -2.20
CA LEU B 20 26.65 -8.12 -2.13
C LEU B 20 28.15 -8.06 -2.25
N ILE B 21 28.69 -6.87 -2.50
CA ILE B 21 30.14 -6.68 -2.65
C ILE B 21 31.04 -7.26 -1.56
N SER B 22 32.20 -7.77 -1.98
CA SER B 22 33.16 -8.38 -1.05
C SER B 22 34.54 -7.73 -1.07
N ASP B 23 35.16 -7.66 0.11
CA ASP B 23 36.49 -7.07 0.26
C ASP B 23 37.57 -8.05 -0.13
N PHE B 24 37.18 -9.32 -0.30
CA PHE B 24 38.11 -10.37 -0.65
C PHE B 24 37.81 -10.96 -2.03
N GLU B 25 38.75 -11.74 -2.55
CA GLU B 25 38.57 -12.37 -3.84
C GLU B 25 39.38 -13.66 -3.88
N TRP B 26 38.92 -14.62 -4.68
CA TRP B 26 39.59 -15.90 -4.81
C TRP B 26 40.86 -15.77 -5.59
N SER B 27 41.81 -16.65 -5.32
CA SER B 27 43.07 -16.60 -6.03
C SER B 27 43.74 -17.97 -6.08
N THR B 28 43.90 -18.52 -7.29
CA THR B 28 44.54 -19.81 -7.43
C THR B 28 46.00 -19.51 -7.21
N LEU B 29 46.58 -20.14 -6.20
CA LEU B 29 47.97 -19.93 -5.87
C LEU B 29 48.88 -20.67 -6.84
N ASP B 30 50.15 -20.28 -6.86
CA ASP B 30 51.14 -20.94 -7.71
C ASP B 30 52.34 -21.29 -6.85
N ILE B 31 52.30 -22.45 -6.19
CA ILE B 31 53.39 -22.83 -5.31
C ILE B 31 54.73 -22.99 -6.02
N ASP B 32 54.70 -23.07 -7.34
CA ASP B 32 55.95 -23.18 -8.11
C ASP B 32 56.61 -21.83 -8.36
N ASP B 33 56.06 -20.82 -7.72
CA ASP B 33 56.57 -19.46 -7.82
C ASP B 33 57.09 -19.08 -6.42
N ASN B 34 58.41 -19.00 -6.28
CA ASN B 34 59.01 -18.67 -4.99
C ASN B 34 58.31 -17.58 -4.17
N LEU B 35 57.78 -16.58 -4.87
CA LEU B 35 57.10 -15.48 -4.19
C LEU B 35 55.83 -15.95 -3.54
N GLN B 36 54.98 -16.59 -4.34
CA GLN B 36 53.72 -17.11 -3.81
C GLN B 36 54.00 -18.18 -2.74
N LEU B 37 54.91 -19.10 -3.04
CA LEU B 37 55.24 -20.13 -2.06
C LEU B 37 55.69 -19.42 -0.80
N ASP B 38 56.26 -18.25 -0.98
CA ASP B 38 56.74 -17.49 0.16
C ASP B 38 55.56 -16.83 0.90
N GLU B 39 54.55 -16.42 0.15
CA GLU B 39 53.37 -15.77 0.74
C GLU B 39 52.61 -16.75 1.61
N LEU B 40 52.57 -18.01 1.18
CA LEU B 40 51.83 -19.03 1.93
C LEU B 40 52.58 -19.34 3.20
N TYR B 41 53.90 -19.45 3.05
CA TYR B 41 54.77 -19.74 4.19
C TYR B 41 54.41 -18.75 5.29
N LYS B 42 54.57 -17.47 5.02
CA LYS B 42 54.26 -16.44 6.01
C LYS B 42 52.87 -16.65 6.59
N LEU B 43 51.90 -17.03 5.75
CA LEU B 43 50.52 -17.25 6.21
C LEU B 43 50.38 -18.46 7.13
N LEU B 44 50.81 -19.62 6.64
CA LEU B 44 50.71 -20.84 7.42
C LEU B 44 51.52 -20.87 8.69
N TYR B 45 52.74 -20.35 8.63
CA TYR B 45 53.62 -20.32 9.79
C TYR B 45 52.95 -19.65 10.99
N ASP B 46 52.45 -18.44 10.80
CA ASP B 46 51.80 -17.69 11.88
C ASP B 46 50.31 -17.89 12.07
N ASN B 47 49.69 -18.79 11.31
CA ASN B 47 48.25 -18.92 11.45
C ASN B 47 47.68 -20.34 11.62
N TYR B 48 48.29 -21.33 10.97
CA TYR B 48 47.76 -22.69 11.06
C TYR B 48 47.44 -23.10 12.50
N VAL B 49 46.16 -23.04 12.61
CA VAL B 49 45.56 -23.37 13.91
C VAL B 49 46.58 -23.75 14.96
N GLU B 50 47.08 -22.77 15.70
CA GLU B 50 48.05 -23.05 16.75
C GLU B 50 47.60 -24.23 17.61
N ASP B 51 48.56 -24.90 18.25
CA ASP B 51 48.26 -26.05 19.11
C ASP B 51 47.40 -25.66 20.33
N ILE B 52 48.03 -25.11 21.36
CA ILE B 52 47.31 -24.68 22.56
C ILE B 52 48.32 -24.16 23.60
N ASP B 53 49.60 -24.21 23.24
CA ASP B 53 50.68 -23.74 24.10
C ASP B 53 51.31 -22.46 23.59
N ALA B 54 50.67 -21.87 22.58
CA ALA B 54 51.15 -20.63 21.98
C ALA B 54 52.67 -20.47 22.01
N THR B 55 53.35 -21.19 21.41
CA THR B 55 54.82 -21.33 21.37
C THR B 55 55.31 -22.27 20.26
N PHE B 56 54.41 -23.10 19.73
CA PHE B 56 54.75 -24.04 18.67
C PHE B 56 54.29 -23.60 17.27
N ARG B 57 55.20 -23.68 16.30
CA ARG B 57 54.86 -23.31 14.93
C ARG B 57 55.46 -24.34 13.97
N PHE B 58 54.62 -24.87 13.09
CA PHE B 58 55.10 -25.86 12.14
C PHE B 58 56.18 -25.17 11.30
N LYS B 59 57.29 -25.85 11.08
CA LYS B 59 58.39 -25.30 10.30
C LYS B 59 58.29 -25.85 8.88
N TYR B 60 57.45 -25.23 8.07
CA TYR B 60 57.32 -25.71 6.70
C TYR B 60 58.59 -25.38 5.97
N SER B 61 58.83 -26.07 4.87
CA SER B 61 60.02 -25.85 4.06
C SER B 61 59.70 -25.91 2.56
N HIS B 62 60.61 -25.38 1.76
CA HIS B 62 60.44 -25.35 0.31
C HIS B 62 60.71 -26.74 -0.24
N GLU B 63 60.68 -27.73 0.64
CA GLU B 63 60.91 -29.11 0.25
C GLU B 63 59.80 -30.01 0.76
N PHE B 64 59.06 -29.50 1.74
CA PHE B 64 57.93 -30.20 2.33
C PHE B 64 56.74 -29.98 1.41
N PHE B 65 56.26 -28.75 1.33
CA PHE B 65 55.13 -28.41 0.48
C PHE B 65 55.27 -29.16 -0.83
N GLN B 66 56.48 -29.12 -1.40
CA GLN B 66 56.75 -29.79 -2.67
C GLN B 66 56.24 -31.22 -2.63
N TRP B 67 56.86 -32.01 -1.77
CA TRP B 67 56.51 -33.40 -1.58
C TRP B 67 55.02 -33.55 -1.27
N ALA B 68 54.55 -32.70 -0.36
CA ALA B 68 53.16 -32.69 0.11
C ALA B 68 52.12 -32.28 -0.91
N LEU B 69 52.19 -31.04 -1.36
CA LEU B 69 51.20 -30.53 -2.30
C LEU B 69 51.41 -30.88 -3.77
N LYS B 70 52.27 -31.84 -4.07
CA LYS B 70 52.48 -32.16 -5.46
C LYS B 70 52.68 -33.62 -5.86
N PRO B 71 51.85 -34.52 -5.30
CA PRO B 71 52.01 -35.92 -5.68
C PRO B 71 51.48 -36.02 -7.11
N PRO B 72 51.62 -37.19 -7.74
CA PRO B 72 51.13 -37.33 -9.12
C PRO B 72 49.63 -37.09 -9.24
N GLY B 73 49.26 -36.23 -10.19
CA GLY B 73 47.86 -35.91 -10.42
C GLY B 73 47.48 -34.54 -9.95
N TRP B 74 48.32 -33.93 -9.11
CA TRP B 74 48.05 -32.62 -8.55
C TRP B 74 47.52 -31.62 -9.58
N ARG B 75 46.89 -30.56 -9.09
CA ARG B 75 46.33 -29.53 -9.95
C ARG B 75 46.54 -28.15 -9.31
N LYS B 76 46.92 -27.17 -10.10
CA LYS B 76 47.15 -25.82 -9.60
C LYS B 76 45.87 -25.19 -9.08
N ASP B 77 44.76 -25.40 -9.77
CA ASP B 77 43.49 -24.83 -9.33
C ASP B 77 42.91 -25.45 -8.03
N TRP B 78 43.61 -26.44 -7.47
CA TRP B 78 43.18 -27.08 -6.24
C TRP B 78 43.98 -26.50 -5.08
N HIS B 79 44.68 -25.41 -5.36
CA HIS B 79 45.45 -24.67 -4.37
C HIS B 79 44.73 -23.34 -4.33
N VAL B 80 43.58 -23.33 -3.69
CA VAL B 80 42.73 -22.15 -3.59
C VAL B 80 43.12 -21.24 -2.45
N GLY B 81 43.33 -19.97 -2.77
CA GLY B 81 43.67 -19.03 -1.72
C GLY B 81 42.71 -17.88 -1.83
N VAL B 82 42.66 -17.05 -0.79
CA VAL B 82 41.79 -15.90 -0.78
C VAL B 82 42.59 -14.66 -0.42
N ARG B 83 42.56 -13.64 -1.25
CA ARG B 83 43.30 -12.41 -0.96
C ARG B 83 42.41 -11.21 -0.64
N VAL B 84 43.03 -10.04 -0.54
CA VAL B 84 42.33 -8.82 -0.24
C VAL B 84 42.43 -7.81 -1.38
N LYS B 85 41.32 -7.63 -2.09
CA LYS B 85 41.24 -6.72 -3.24
C LYS B 85 42.03 -5.43 -3.08
N SER B 86 41.97 -4.80 -1.91
CA SER B 86 42.67 -3.54 -1.76
C SER B 86 44.17 -3.63 -1.53
N THR B 87 44.57 -4.45 -0.56
CA THR B 87 45.97 -4.60 -0.22
C THR B 87 46.66 -5.74 -0.97
N GLY B 88 46.08 -6.94 -0.86
CA GLY B 88 46.65 -8.13 -1.50
C GLY B 88 46.98 -9.22 -0.50
N LYS B 89 46.99 -8.87 0.78
CA LYS B 89 47.30 -9.79 1.88
C LYS B 89 46.62 -11.14 1.76
N LEU B 90 47.35 -12.20 1.43
CA LEU B 90 46.76 -13.53 1.34
C LEU B 90 46.29 -13.98 2.73
N VAL B 91 44.98 -13.94 2.98
CA VAL B 91 44.47 -14.34 4.28
C VAL B 91 43.73 -15.64 4.39
N ALA B 92 43.89 -16.55 3.43
CA ALA B 92 43.23 -17.84 3.54
C ALA B 92 43.76 -18.79 2.52
N PHE B 93 43.62 -20.08 2.81
CA PHE B 93 44.10 -21.14 1.95
C PHE B 93 43.41 -22.47 2.29
N ILE B 94 43.50 -23.41 1.35
CA ILE B 94 42.93 -24.75 1.52
C ILE B 94 43.29 -25.40 0.20
N ALA B 95 43.70 -26.65 0.27
CA ALA B 95 44.10 -27.35 -0.93
C ALA B 95 43.42 -28.70 -0.98
N ALA B 96 43.46 -29.31 -2.16
CA ALA B 96 42.88 -30.62 -2.35
C ALA B 96 43.96 -31.46 -3.01
N THR B 97 44.06 -32.71 -2.59
CA THR B 97 45.05 -33.58 -3.17
C THR B 97 44.38 -34.90 -3.52
N PRO B 98 44.60 -35.38 -4.76
CA PRO B 98 44.03 -36.63 -5.27
C PRO B 98 44.46 -37.86 -4.50
N VAL B 99 43.47 -38.63 -4.07
CA VAL B 99 43.70 -39.87 -3.33
C VAL B 99 42.63 -40.89 -3.71
N THR B 100 43.08 -42.07 -4.11
CA THR B 100 42.15 -43.13 -4.48
C THR B 100 42.02 -44.17 -3.38
N PHE B 101 41.02 -44.02 -2.52
CA PHE B 101 40.86 -45.00 -1.44
C PHE B 101 39.92 -46.11 -1.85
N LYS B 102 39.90 -47.16 -1.03
CA LYS B 102 39.04 -48.32 -1.26
C LYS B 102 38.25 -48.67 -0.01
N LEU B 103 37.08 -49.27 -0.19
CA LEU B 103 36.25 -49.67 0.95
C LEU B 103 36.23 -51.19 1.07
N ASN B 104 37.24 -51.77 1.72
CA ASN B 104 37.31 -53.21 1.89
C ASN B 104 35.96 -53.88 2.12
N LYS B 105 35.44 -53.82 3.35
CA LYS B 105 34.15 -54.46 3.64
C LYS B 105 32.94 -53.73 3.05
N SER B 106 33.13 -53.13 1.88
CA SER B 106 32.06 -52.40 1.18
C SER B 106 32.27 -52.56 -0.33
N ASN B 107 33.50 -52.93 -0.72
CA ASN B 107 33.85 -53.08 -2.13
C ASN B 107 33.31 -51.88 -2.89
N LYS B 108 34.02 -50.76 -2.78
CA LYS B 108 33.58 -49.53 -3.42
C LYS B 108 34.74 -48.56 -3.55
N VAL B 109 35.78 -48.91 -4.32
CA VAL B 109 36.93 -48.01 -4.49
C VAL B 109 36.49 -46.64 -5.00
N ILE B 110 36.40 -45.66 -4.10
CA ILE B 110 35.96 -44.32 -4.48
C ILE B 110 37.08 -43.32 -4.68
N ASP B 111 37.42 -43.05 -5.95
CA ASP B 111 38.48 -42.09 -6.24
C ASP B 111 38.05 -40.72 -5.71
N SER B 112 38.92 -40.05 -4.94
CA SER B 112 38.59 -38.73 -4.39
C SER B 112 39.82 -37.86 -4.14
N VAL B 113 39.69 -36.95 -3.18
CA VAL B 113 40.78 -36.05 -2.82
C VAL B 113 41.03 -35.97 -1.32
N GLU B 114 41.99 -35.13 -0.97
CA GLU B 114 42.37 -34.93 0.41
C GLU B 114 42.41 -33.43 0.69
N ILE B 115 41.56 -32.99 1.62
CA ILE B 115 41.53 -31.59 1.99
C ILE B 115 42.51 -31.36 3.12
N ASN B 116 43.42 -30.42 2.91
CA ASN B 116 44.45 -30.19 3.90
C ASN B 116 44.93 -28.74 3.82
N PHE B 117 45.69 -28.31 4.81
CA PHE B 117 46.23 -26.95 4.80
C PHE B 117 45.18 -25.87 4.89
N LEU B 118 44.00 -26.24 5.36
CA LEU B 118 42.93 -25.25 5.52
C LEU B 118 43.40 -24.18 6.52
N CYS B 119 43.78 -23.02 6.00
CA CYS B 119 44.28 -21.94 6.84
C CYS B 119 43.46 -20.66 6.68
N ILE B 120 43.29 -19.92 7.78
CA ILE B 120 42.56 -18.65 7.77
C ILE B 120 43.26 -17.71 8.73
N HIS B 121 43.69 -16.54 8.24
CA HIS B 121 44.37 -15.56 9.10
C HIS B 121 43.69 -15.34 10.44
N LYS B 122 44.47 -15.12 11.50
CA LYS B 122 43.92 -14.94 12.86
C LYS B 122 42.95 -13.78 13.04
N LYS B 123 43.24 -12.68 12.36
CA LYS B 123 42.40 -11.50 12.43
C LYS B 123 41.18 -11.64 11.51
N LEU B 124 41.02 -12.83 10.94
CA LEU B 124 39.91 -13.05 10.03
C LEU B 124 38.98 -14.13 10.58
N ARG B 125 39.14 -14.44 11.85
CA ARG B 125 38.31 -15.46 12.48
C ARG B 125 36.97 -14.82 12.83
N ASN B 126 35.98 -15.65 13.09
CA ASN B 126 34.63 -15.19 13.40
C ASN B 126 33.88 -14.83 12.12
N LYS B 127 34.61 -14.48 11.07
CA LYS B 127 34.00 -14.12 9.79
C LYS B 127 33.29 -15.32 9.13
N ARG B 128 33.29 -16.48 9.79
CA ARG B 128 32.64 -17.67 9.25
C ARG B 128 33.01 -17.89 7.79
N LEU B 129 34.28 -17.70 7.48
CA LEU B 129 34.75 -17.89 6.12
C LEU B 129 35.04 -19.35 5.77
N ALA B 130 35.34 -20.15 6.80
CA ALA B 130 35.66 -21.57 6.63
C ALA B 130 34.65 -22.38 5.85
N PRO B 131 33.36 -22.25 6.17
CA PRO B 131 32.39 -23.05 5.40
C PRO B 131 32.53 -22.67 3.93
N VAL B 132 32.72 -21.38 3.67
CA VAL B 132 32.86 -20.89 2.33
C VAL B 132 34.06 -21.50 1.64
N LEU B 133 35.10 -21.79 2.41
CA LEU B 133 36.31 -22.38 1.85
C LEU B 133 36.10 -23.82 1.47
N ILE B 134 35.31 -24.53 2.26
CA ILE B 134 35.08 -25.93 1.95
C ILE B 134 34.13 -26.08 0.80
N LYS B 135 33.02 -25.34 0.87
CA LYS B 135 32.01 -25.36 -0.16
C LYS B 135 32.65 -25.08 -1.51
N GLU B 136 33.43 -24.01 -1.60
CA GLU B 136 34.08 -23.68 -2.85
C GLU B 136 35.08 -24.74 -3.29
N ILE B 137 35.92 -25.23 -2.40
CA ILE B 137 36.91 -26.24 -2.81
C ILE B 137 36.18 -27.47 -3.37
N THR B 138 35.07 -27.83 -2.72
CA THR B 138 34.27 -28.95 -3.16
C THR B 138 33.80 -28.73 -4.61
N ARG B 139 33.38 -27.52 -4.95
CA ARG B 139 32.95 -27.22 -6.31
C ARG B 139 34.07 -27.57 -7.30
N ARG B 140 35.24 -26.97 -7.14
CA ARG B 140 36.39 -27.21 -8.00
C ARG B 140 36.73 -28.69 -8.14
N VAL B 141 36.39 -29.47 -7.12
CA VAL B 141 36.67 -30.90 -7.13
C VAL B 141 35.64 -31.59 -8.04
N ASN B 142 34.35 -31.31 -7.78
CA ASN B 142 33.23 -31.87 -8.55
C ASN B 142 33.41 -31.56 -10.03
N LYS B 143 33.96 -30.39 -10.31
CA LYS B 143 34.19 -30.00 -11.68
C LYS B 143 35.02 -31.08 -12.39
N GLN B 144 35.51 -32.06 -11.64
CA GLN B 144 36.31 -33.14 -12.20
C GLN B 144 35.70 -34.49 -11.84
N ASN B 145 34.37 -34.50 -11.73
CA ASN B 145 33.59 -35.70 -11.44
C ASN B 145 33.96 -36.37 -10.12
N ILE B 146 34.56 -35.61 -9.20
CA ILE B 146 34.94 -36.15 -7.90
C ILE B 146 33.93 -35.68 -6.86
N TRP B 147 33.25 -36.62 -6.23
CA TRP B 147 32.19 -36.29 -5.26
C TRP B 147 32.41 -36.80 -3.87
N GLN B 148 33.66 -37.12 -3.54
CA GLN B 148 33.98 -37.63 -2.22
C GLN B 148 35.31 -37.06 -1.79
N ALA B 149 35.49 -36.91 -0.48
CA ALA B 149 36.74 -36.38 0.07
C ALA B 149 36.84 -36.62 1.57
N LEU B 150 37.95 -37.24 1.99
CA LEU B 150 38.18 -37.51 3.41
C LEU B 150 39.09 -36.41 3.93
N TYR B 151 38.57 -35.69 4.91
CA TYR B 151 39.23 -34.54 5.52
C TYR B 151 39.42 -34.65 7.03
N THR B 152 40.68 -34.60 7.47
CA THR B 152 41.02 -34.65 8.90
C THR B 152 41.02 -33.25 9.56
N GLY B 153 40.21 -33.08 10.58
CA GLY B 153 40.17 -31.78 11.24
C GLY B 153 39.53 -31.85 12.61
N GLY B 154 38.92 -30.73 13.01
CA GLY B 154 38.26 -30.68 14.30
C GLY B 154 36.96 -31.46 14.29
N SER B 155 36.39 -31.66 15.47
CA SER B 155 35.13 -32.41 15.62
C SER B 155 33.88 -31.50 15.58
N ILE B 156 34.12 -30.21 15.34
CA ILE B 156 33.03 -29.24 15.27
C ILE B 156 32.01 -29.56 14.19
N LEU B 157 32.49 -30.03 13.04
CA LEU B 157 31.62 -30.41 11.92
C LEU B 157 30.63 -31.48 12.41
N PRO B 158 29.47 -31.59 11.76
CA PRO B 158 28.45 -32.58 12.14
C PRO B 158 28.83 -34.03 11.77
N THR B 159 28.66 -34.93 12.75
CA THR B 159 28.94 -36.38 12.66
C THR B 159 30.21 -36.83 11.95
N PRO B 160 31.30 -36.95 12.70
CA PRO B 160 32.60 -37.39 12.19
C PRO B 160 32.66 -38.91 12.02
N LEU B 161 33.46 -39.36 11.05
CA LEU B 161 33.65 -40.78 10.76
C LEU B 161 34.02 -41.48 12.05
N THR B 162 35.25 -41.27 12.50
CA THR B 162 35.74 -41.86 13.75
C THR B 162 36.68 -40.90 14.44
N THR B 163 37.21 -41.34 15.58
CA THR B 163 38.13 -40.51 16.32
C THR B 163 39.48 -41.18 16.61
N CYS B 164 40.52 -40.36 16.63
CA CYS B 164 41.84 -40.86 16.91
C CYS B 164 42.38 -40.01 18.05
N ARG B 165 43.63 -40.24 18.44
CA ARG B 165 44.23 -39.44 19.50
C ARG B 165 45.73 -39.36 19.32
N TYR B 166 46.32 -38.27 19.82
CA TYR B 166 47.77 -38.02 19.73
C TYR B 166 48.60 -39.04 20.50
N GLN B 167 49.67 -39.55 19.90
CA GLN B 167 50.52 -40.48 20.60
C GLN B 167 51.95 -40.00 20.43
N HIS B 168 52.57 -39.66 21.57
CA HIS B 168 53.93 -39.17 21.60
C HIS B 168 54.86 -40.24 22.17
N ARG B 169 56.15 -40.16 21.82
CA ARG B 169 57.11 -41.11 22.32
C ARG B 169 58.46 -40.44 22.44
N PRO B 170 58.76 -39.94 23.65
CA PRO B 170 60.03 -39.27 23.92
C PRO B 170 61.26 -39.97 23.37
N ILE B 171 62.19 -39.17 22.83
CA ILE B 171 63.46 -39.68 22.30
C ILE B 171 64.54 -38.93 23.04
N ASN B 172 64.24 -37.65 23.33
CA ASN B 172 65.11 -36.74 24.05
C ASN B 172 64.27 -36.07 25.15
N TRP B 173 63.63 -36.89 25.97
CA TRP B 173 62.80 -36.40 27.06
C TRP B 173 63.42 -35.17 27.70
N SER B 174 64.73 -35.22 27.90
CA SER B 174 65.41 -34.10 28.54
C SER B 174 65.02 -32.78 27.90
N LYS B 175 64.79 -32.82 26.58
CA LYS B 175 64.43 -31.62 25.82
C LYS B 175 62.94 -31.29 25.82
N LEU B 176 62.10 -32.32 25.70
CA LEU B 176 60.64 -32.09 25.71
C LEU B 176 60.24 -31.58 27.06
N HIS B 177 61.23 -31.41 27.94
CA HIS B 177 60.96 -30.99 29.29
C HIS B 177 60.96 -29.48 29.53
N ASP B 178 62.08 -28.87 29.18
CA ASP B 178 62.23 -27.44 29.34
C ASP B 178 61.04 -26.78 28.64
N VAL B 179 60.94 -26.98 27.33
CA VAL B 179 59.87 -26.42 26.52
C VAL B 179 58.49 -26.41 27.21
N GLY B 180 58.33 -27.24 28.25
CA GLY B 180 57.07 -27.27 28.97
C GLY B 180 56.14 -28.37 28.53
N PHE B 181 56.54 -29.13 27.51
CA PHE B 181 55.73 -30.21 26.97
C PHE B 181 55.60 -31.41 27.91
N SER B 182 56.43 -32.43 27.73
CA SER B 182 56.38 -33.61 28.62
C SER B 182 56.84 -33.14 29.99
N HIS B 183 55.87 -32.88 30.87
CA HIS B 183 56.16 -32.41 32.22
C HIS B 183 56.79 -33.55 33.03
N LEU B 184 57.36 -33.20 34.18
CA LEU B 184 58.03 -34.14 35.09
C LEU B 184 57.11 -34.74 36.16
N PRO B 185 56.57 -35.95 35.90
CA PRO B 185 55.67 -36.58 36.88
C PRO B 185 56.29 -36.65 38.26
N PRO B 186 55.48 -36.46 39.32
CA PRO B 186 56.00 -36.53 40.69
C PRO B 186 56.69 -37.87 40.92
N ASN B 187 57.38 -37.98 42.05
CA ASN B 187 58.12 -39.21 42.41
C ASN B 187 59.01 -39.69 41.27
N GLN B 188 59.89 -38.81 40.79
CA GLN B 188 60.81 -39.14 39.71
C GLN B 188 61.95 -38.12 39.64
N THR B 189 63.04 -38.52 38.99
CA THR B 189 64.19 -37.64 38.85
C THR B 189 64.57 -37.50 37.39
N LYS B 190 64.70 -36.25 36.95
CA LYS B 190 65.07 -35.95 35.57
C LYS B 190 65.94 -37.04 34.97
N SER B 191 66.99 -37.39 35.69
CA SER B 191 67.93 -38.38 35.23
C SER B 191 67.31 -39.74 35.03
N SER B 192 66.41 -40.11 35.94
CA SER B 192 65.73 -41.41 35.90
C SER B 192 64.80 -41.52 34.71
N MET B 193 63.99 -40.48 34.47
CA MET B 193 63.05 -40.49 33.34
C MET B 193 63.86 -40.70 32.07
N VAL B 194 64.77 -39.75 31.80
CA VAL B 194 65.62 -39.85 30.61
C VAL B 194 66.17 -41.24 30.38
N ALA B 195 66.44 -41.93 31.47
CA ALA B 195 66.99 -43.29 31.43
C ALA B 195 65.91 -44.31 31.05
N SER B 196 64.66 -43.96 31.35
CA SER B 196 63.54 -44.83 31.02
C SER B 196 63.26 -44.80 29.52
N TYR B 197 63.19 -43.59 28.97
CA TYR B 197 62.93 -43.41 27.53
C TYR B 197 64.14 -43.63 26.64
N THR B 198 65.31 -43.84 27.22
CA THR B 198 66.50 -44.02 26.39
C THR B 198 66.33 -45.14 25.38
N LEU B 199 67.12 -45.07 24.31
CA LEU B 199 67.05 -46.07 23.26
C LEU B 199 68.42 -46.32 22.69
N PRO B 200 68.61 -47.48 22.06
CA PRO B 200 69.85 -47.91 21.43
C PRO B 200 70.48 -46.79 20.57
N ASN B 201 71.52 -47.13 19.80
CA ASN B 201 72.18 -46.15 18.95
C ASN B 201 72.37 -46.67 17.54
N ASN B 202 71.98 -47.93 17.36
CA ASN B 202 72.06 -48.54 16.04
C ASN B 202 70.90 -49.51 15.86
N PRO B 203 70.40 -49.61 14.63
CA PRO B 203 69.27 -50.50 14.33
C PRO B 203 69.66 -51.96 14.59
N LYS B 204 69.07 -52.56 15.61
CA LYS B 204 69.36 -53.94 15.91
C LYS B 204 68.97 -54.85 14.75
N LEU B 205 67.66 -54.99 14.51
CA LEU B 205 67.14 -55.86 13.44
C LEU B 205 68.08 -56.02 12.24
N LYS B 206 68.19 -57.23 11.72
CA LYS B 206 69.07 -57.48 10.57
C LYS B 206 68.26 -57.43 9.29
N GLY B 207 68.54 -56.42 8.46
CA GLY B 207 67.82 -56.27 7.20
C GLY B 207 67.05 -54.96 7.20
N LEU B 208 67.75 -53.89 7.59
CA LEU B 208 67.15 -52.58 7.66
C LEU B 208 67.94 -51.55 6.87
N ARG B 209 67.56 -51.38 5.61
CA ARG B 209 68.22 -50.41 4.74
C ARG B 209 67.25 -49.35 4.19
N PRO B 210 67.78 -48.20 3.78
CA PRO B 210 66.96 -47.14 3.21
C PRO B 210 66.25 -47.70 1.99
N MET B 211 64.98 -47.34 1.80
CA MET B 211 64.22 -47.81 0.63
C MET B 211 64.64 -47.03 -0.62
N THR B 212 64.68 -47.72 -1.75
CA THR B 212 65.04 -47.09 -3.03
C THR B 212 64.41 -47.78 -4.25
N GLY B 213 64.70 -47.24 -5.42
CA GLY B 213 64.17 -47.76 -6.65
C GLY B 213 63.66 -49.18 -6.55
N LYS B 214 64.57 -50.16 -6.64
CA LYS B 214 64.19 -51.57 -6.57
C LYS B 214 63.13 -51.84 -5.51
N ASP B 215 63.55 -51.85 -4.25
CA ASP B 215 62.61 -52.11 -3.15
C ASP B 215 61.52 -51.05 -3.07
N VAL B 216 60.69 -50.99 -4.11
CA VAL B 216 59.60 -50.04 -4.18
C VAL B 216 58.30 -50.72 -4.62
N SER B 217 58.27 -51.20 -5.85
CA SER B 217 57.08 -51.85 -6.40
C SER B 217 56.51 -53.00 -5.56
N THR B 218 57.35 -53.97 -5.25
CA THR B 218 56.91 -55.10 -4.44
C THR B 218 56.22 -54.63 -3.17
N VAL B 219 56.96 -53.84 -2.38
CA VAL B 219 56.52 -53.29 -1.09
C VAL B 219 55.04 -52.99 -1.08
N LEU B 220 54.58 -52.32 -2.12
CA LEU B 220 53.17 -51.97 -2.23
C LEU B 220 52.37 -53.28 -2.20
N SER B 221 52.67 -54.18 -3.14
CA SER B 221 51.98 -55.46 -3.16
C SER B 221 51.91 -55.97 -1.74
N LEU B 222 53.04 -55.98 -1.05
CA LEU B 222 53.06 -56.40 0.36
C LEU B 222 51.95 -55.61 1.07
N LEU B 223 52.22 -54.33 1.31
CA LEU B 223 51.27 -53.45 1.99
C LEU B 223 49.84 -53.71 1.59
N TYR B 224 49.63 -53.79 0.28
CA TYR B 224 48.31 -54.01 -0.28
C TYR B 224 47.50 -55.08 0.43
N LYS B 225 48.01 -56.30 0.40
CA LYS B 225 47.32 -57.41 1.05
C LYS B 225 47.11 -57.13 2.52
N TYR B 226 48.15 -56.65 3.19
CA TYR B 226 48.09 -56.34 4.62
C TYR B 226 46.91 -55.45 5.00
N GLN B 227 46.75 -54.33 4.28
CA GLN B 227 45.66 -53.38 4.56
C GLN B 227 44.27 -54.00 4.64
N GLU B 228 44.09 -55.19 4.06
CA GLU B 228 42.77 -55.84 4.06
C GLU B 228 42.06 -55.89 5.43
N ARG B 229 42.83 -55.95 6.52
CA ARG B 229 42.20 -56.03 7.84
C ARG B 229 41.53 -54.73 8.26
N PHE B 230 41.71 -53.69 7.45
CA PHE B 230 41.10 -52.40 7.77
C PHE B 230 39.83 -52.15 6.93
N ASP B 231 38.95 -51.31 7.48
CA ASP B 231 37.70 -50.96 6.81
C ASP B 231 38.01 -50.08 5.60
N ILE B 232 38.48 -48.85 5.88
CA ILE B 232 38.80 -47.87 4.82
C ILE B 232 40.30 -47.66 4.61
N VAL B 233 40.81 -48.09 3.44
CA VAL B 233 42.23 -47.95 3.11
C VAL B 233 42.53 -47.09 1.87
N GLN B 234 43.81 -46.92 1.58
CA GLN B 234 44.22 -46.12 0.43
C GLN B 234 45.11 -46.94 -0.48
N LEU B 235 44.74 -47.05 -1.75
CA LEU B 235 45.54 -47.80 -2.72
C LEU B 235 46.47 -46.85 -3.46
N PHE B 236 47.67 -47.31 -3.83
CA PHE B 236 48.63 -46.48 -4.52
C PHE B 236 49.06 -46.98 -5.89
N THR B 237 49.13 -46.06 -6.84
CA THR B 237 49.61 -46.41 -8.16
C THR B 237 51.13 -46.34 -7.98
N GLU B 238 51.87 -47.20 -8.68
CA GLU B 238 53.33 -47.20 -8.51
C GLU B 238 53.91 -45.79 -8.43
N GLU B 239 53.29 -44.85 -9.16
CA GLU B 239 53.75 -43.46 -9.17
C GLU B 239 53.47 -42.71 -7.85
N GLU B 240 52.20 -42.72 -7.42
CA GLU B 240 51.81 -42.06 -6.18
C GLU B 240 52.71 -42.53 -5.04
N PHE B 241 52.62 -43.82 -4.76
CA PHE B 241 53.43 -44.42 -3.72
C PHE B 241 54.86 -43.89 -3.80
N LYS B 242 55.66 -44.47 -4.69
CA LYS B 242 57.05 -44.06 -4.87
C LYS B 242 57.26 -42.62 -4.40
N HIS B 243 56.44 -41.71 -4.94
CA HIS B 243 56.51 -40.29 -4.59
C HIS B 243 56.38 -40.16 -3.11
N TRP B 244 55.20 -40.51 -2.63
CA TRP B 244 54.84 -40.46 -1.22
C TRP B 244 55.83 -41.07 -0.25
N MET B 245 56.61 -42.04 -0.73
CA MET B 245 57.60 -42.71 0.10
C MET B 245 59.00 -42.16 -0.15
N LEU B 246 59.36 -42.03 -1.42
CA LEU B 246 60.69 -41.58 -1.80
C LEU B 246 60.79 -40.12 -2.28
N GLY B 247 59.82 -39.29 -1.92
CA GLY B 247 59.87 -37.91 -2.37
C GLY B 247 59.83 -37.84 -3.89
N HIS B 248 60.52 -36.86 -4.49
CA HIS B 248 60.52 -36.73 -5.94
C HIS B 248 61.67 -37.51 -6.61
N ASP B 249 62.87 -36.92 -6.70
CA ASP B 249 63.98 -37.65 -7.34
C ASP B 249 64.22 -39.01 -6.67
N GLU B 250 63.98 -40.07 -7.45
CA GLU B 250 64.12 -41.45 -6.99
C GLU B 250 65.55 -41.75 -6.54
N ASN B 251 66.46 -40.86 -6.94
CA ASN B 251 67.86 -41.04 -6.61
C ASN B 251 68.43 -39.80 -5.90
N SER B 252 67.59 -39.13 -5.13
CA SER B 252 68.02 -37.95 -4.39
C SER B 252 67.53 -38.10 -2.95
N ASP B 253 68.07 -37.31 -2.04
CA ASP B 253 67.69 -37.34 -0.62
C ASP B 253 66.17 -37.22 -0.48
N SER B 254 65.72 -37.00 0.75
CA SER B 254 64.30 -36.83 1.04
C SER B 254 64.18 -36.48 2.51
N ASN B 255 64.82 -35.39 2.89
CA ASN B 255 64.82 -34.92 4.26
C ASN B 255 63.46 -34.78 4.93
N VAL B 256 62.38 -35.05 4.20
CA VAL B 256 61.05 -34.93 4.77
C VAL B 256 60.41 -36.30 5.05
N VAL B 257 60.69 -37.30 4.22
CA VAL B 257 60.13 -38.66 4.44
C VAL B 257 61.14 -39.83 4.40
N LYS B 258 61.20 -40.55 5.52
CA LYS B 258 62.10 -41.69 5.63
C LYS B 258 61.37 -43.03 5.46
N SER B 259 61.72 -43.73 4.39
CA SER B 259 61.11 -45.01 4.11
C SER B 259 62.11 -46.09 4.51
N TYR B 260 61.59 -47.12 5.18
CA TYR B 260 62.40 -48.24 5.63
C TYR B 260 61.72 -49.59 5.33
N VAL B 261 62.53 -50.59 4.99
CA VAL B 261 62.03 -51.94 4.68
C VAL B 261 62.84 -53.02 5.42
N VAL B 262 62.33 -54.24 5.40
CA VAL B 262 62.99 -55.35 6.08
C VAL B 262 63.05 -56.62 5.22
N GLU B 263 64.24 -56.93 4.70
CA GLU B 263 64.42 -58.13 3.88
C GLU B 263 65.18 -59.22 4.65
N ASP B 264 64.72 -60.47 4.52
CA ASP B 264 65.37 -61.60 5.19
C ASP B 264 66.66 -62.05 4.47
N GLU B 265 67.37 -62.98 5.09
CA GLU B 265 68.62 -63.51 4.56
C GLU B 265 68.45 -64.08 3.16
N ASN B 266 67.28 -63.88 2.58
CA ASN B 266 66.95 -64.37 1.24
C ASN B 266 66.19 -63.38 0.36
N GLY B 267 66.58 -62.10 0.38
CA GLY B 267 65.92 -61.09 -0.45
C GLY B 267 64.40 -61.23 -0.43
N ILE B 268 63.80 -61.00 0.72
CA ILE B 268 62.35 -61.11 0.87
C ILE B 268 61.82 -59.99 1.78
N ILE B 269 61.28 -58.94 1.15
CA ILE B 269 60.73 -57.80 1.88
C ILE B 269 59.51 -58.22 2.72
N THR B 270 59.73 -58.54 3.99
CA THR B 270 58.64 -58.99 4.85
C THR B 270 58.07 -57.89 5.75
N ASP B 271 58.91 -56.91 6.05
CA ASP B 271 58.47 -55.80 6.89
C ASP B 271 58.82 -54.48 6.20
N TYR B 272 58.22 -53.41 6.69
CA TYR B 272 58.43 -52.05 6.16
C TYR B 272 57.65 -51.04 6.95
N PHE B 273 58.30 -49.91 7.21
CA PHE B 273 57.68 -48.82 7.93
C PHE B 273 58.15 -47.49 7.35
N SER B 274 57.37 -46.44 7.58
CA SER B 274 57.72 -45.14 7.08
C SER B 274 57.21 -44.07 7.99
N TYR B 275 57.77 -42.87 7.84
CA TYR B 275 57.33 -41.71 8.62
C TYR B 275 57.90 -40.47 7.96
N TYR B 276 57.32 -39.31 8.28
CA TYR B 276 57.80 -38.08 7.70
C TYR B 276 58.16 -37.14 8.83
N LEU B 277 59.15 -36.29 8.61
CA LEU B 277 59.58 -35.35 9.62
C LEU B 277 59.08 -33.93 9.40
N LEU B 278 58.41 -33.40 10.42
CA LEU B 278 57.89 -32.03 10.39
C LEU B 278 58.19 -31.37 11.72
N PRO B 279 59.29 -30.58 11.78
CA PRO B 279 59.76 -29.86 12.96
C PRO B 279 58.93 -28.69 13.47
N PHE B 280 59.01 -28.45 14.78
CA PHE B 280 58.25 -27.37 15.42
C PHE B 280 59.22 -26.36 15.99
N THR B 281 59.42 -25.24 15.31
CA THR B 281 60.34 -24.27 15.84
C THR B 281 59.80 -23.69 17.16
N VAL B 282 60.42 -24.07 18.28
CA VAL B 282 59.96 -23.54 19.55
C VAL B 282 60.09 -22.02 19.53
N LEU B 283 59.12 -21.34 20.13
CA LEU B 283 59.11 -19.89 20.17
C LEU B 283 59.30 -19.30 21.57
N ASP B 284 58.19 -18.96 22.22
CA ASP B 284 58.23 -18.35 23.56
C ASP B 284 59.01 -19.17 24.56
N ASN B 285 60.34 -19.04 24.47
CA ASN B 285 61.29 -19.72 25.35
C ASN B 285 62.66 -19.09 25.18
N ALA B 286 63.41 -19.01 26.29
CA ALA B 286 64.76 -18.43 26.31
C ALA B 286 65.87 -19.45 26.07
N GLN B 287 65.49 -20.66 25.67
CA GLN B 287 66.46 -21.73 25.38
C GLN B 287 66.40 -22.17 23.91
N HIS B 288 66.00 -23.42 23.68
CA HIS B 288 65.92 -23.98 22.32
C HIS B 288 65.04 -23.17 21.35
N ASP B 289 64.95 -23.63 20.10
CA ASP B 289 64.15 -22.94 19.09
C ASP B 289 63.43 -23.88 18.10
N GLU B 290 63.78 -25.17 18.15
CA GLU B 290 63.21 -26.18 17.28
C GLU B 290 62.68 -27.36 18.11
N LEU B 291 62.53 -28.52 17.48
CA LEU B 291 62.02 -29.71 18.17
C LEU B 291 61.63 -30.74 17.14
N GLY B 292 62.54 -31.65 16.84
CA GLY B 292 62.25 -32.68 15.85
C GLY B 292 61.02 -33.49 16.22
N ILE B 293 60.12 -33.68 15.26
CA ILE B 293 58.88 -34.44 15.51
C ILE B 293 58.49 -35.35 14.35
N ALA B 294 58.75 -36.64 14.50
CA ALA B 294 58.40 -37.59 13.44
C ALA B 294 56.94 -38.04 13.51
N TYR B 295 56.42 -38.49 12.37
CA TYR B 295 55.05 -38.97 12.31
C TYR B 295 55.08 -40.32 11.63
N LEU B 296 54.67 -41.34 12.37
CA LEU B 296 54.62 -42.69 11.84
C LEU B 296 53.67 -42.73 10.65
N PHE B 297 54.21 -43.01 9.47
CA PHE B 297 53.37 -43.07 8.27
C PHE B 297 52.76 -44.48 8.10
N TYR B 298 52.92 -45.08 6.92
CA TYR B 298 52.42 -46.42 6.63
C TYR B 298 53.48 -47.47 6.95
N TYR B 299 53.02 -48.65 7.36
CA TYR B 299 53.90 -49.75 7.69
C TYR B 299 53.19 -51.06 7.38
N ALA B 300 53.98 -52.10 7.20
CA ALA B 300 53.45 -53.43 6.91
C ALA B 300 54.51 -54.52 7.11
N SER B 301 54.11 -55.64 7.71
CA SER B 301 55.03 -56.75 7.91
C SER B 301 54.30 -58.10 7.90
N ASP B 302 54.55 -58.87 6.84
CA ASP B 302 53.96 -60.19 6.63
C ASP B 302 53.78 -61.01 7.89
N SER B 303 54.73 -60.88 8.81
CA SER B 303 54.68 -61.62 10.05
C SER B 303 53.29 -61.51 10.71
N PHE B 304 52.56 -60.45 10.36
CA PHE B 304 51.23 -60.22 10.92
C PHE B 304 50.45 -61.52 10.98
N GLU B 305 50.62 -62.33 9.95
CA GLU B 305 49.94 -63.62 9.86
C GLU B 305 50.41 -64.51 11.01
N LYS B 306 51.72 -64.66 11.12
CA LYS B 306 52.35 -65.44 12.17
C LYS B 306 51.74 -65.05 13.52
N PRO B 307 51.95 -65.88 14.56
CA PRO B 307 51.43 -65.62 15.91
C PRO B 307 52.25 -64.59 16.68
N ASN B 308 53.49 -64.42 16.25
CA ASN B 308 54.41 -63.48 16.90
C ASN B 308 54.29 -62.04 16.37
N TYR B 309 53.16 -61.74 15.73
CA TYR B 309 52.90 -60.42 15.19
C TYR B 309 53.32 -59.39 16.22
N LYS B 310 52.50 -59.24 17.26
CA LYS B 310 52.75 -58.31 18.36
C LYS B 310 54.26 -58.06 18.50
N LYS B 311 54.94 -58.95 19.24
CA LYS B 311 56.38 -58.83 19.46
C LYS B 311 57.14 -58.43 18.21
N ARG B 312 56.89 -59.15 17.11
CA ARG B 312 57.56 -58.82 15.85
C ARG B 312 57.39 -57.33 15.56
N LEU B 313 56.14 -56.91 15.37
CA LEU B 313 55.85 -55.52 15.08
C LEU B 313 56.63 -54.53 15.94
N ASN B 314 56.67 -54.78 17.25
CA ASN B 314 57.40 -53.89 18.15
C ASN B 314 58.80 -53.63 17.64
N GLU B 315 59.52 -54.67 17.26
CA GLU B 315 60.87 -54.45 16.74
C GLU B 315 60.78 -53.46 15.57
N LEU B 316 59.82 -53.70 14.69
CA LEU B 316 59.61 -52.87 13.50
C LEU B 316 59.35 -51.41 13.85
N ILE B 317 58.69 -51.17 14.96
CA ILE B 317 58.39 -49.83 15.41
C ILE B 317 59.56 -49.28 16.20
N THR B 318 60.06 -50.11 17.11
CA THR B 318 61.20 -49.71 17.93
C THR B 318 62.35 -49.29 17.01
N ASP B 319 62.64 -50.09 15.99
CA ASP B 319 63.74 -49.74 15.12
C ASP B 319 63.52 -48.36 14.55
N ALA B 320 62.27 -48.11 14.13
CA ALA B 320 61.89 -46.82 13.57
C ALA B 320 62.44 -45.78 14.50
N LEU B 321 62.02 -45.87 15.76
CA LEU B 321 62.47 -44.95 16.80
C LEU B 321 63.97 -44.71 16.74
N ILE B 322 64.74 -45.75 16.48
CA ILE B 322 66.18 -45.63 16.45
C ILE B 322 66.67 -44.83 15.26
N THR B 323 66.30 -45.30 14.08
CA THR B 323 66.71 -44.68 12.82
C THR B 323 66.40 -43.19 12.82
N SER B 324 65.32 -42.82 13.49
CA SER B 324 64.93 -41.42 13.54
C SER B 324 66.02 -40.54 14.17
N LYS B 325 66.66 -41.03 15.24
CA LYS B 325 67.69 -40.25 15.94
C LYS B 325 68.82 -39.77 15.03
N LYS B 326 69.11 -40.58 14.02
CA LYS B 326 70.16 -40.26 13.08
C LYS B 326 69.71 -39.09 12.21
N PHE B 327 68.62 -38.45 12.61
CA PHE B 327 68.06 -37.31 11.88
C PHE B 327 67.92 -36.05 12.71
N GLY B 328 67.67 -36.20 14.01
CA GLY B 328 67.53 -35.05 14.86
C GLY B 328 66.25 -35.02 15.68
N VAL B 329 65.41 -36.04 15.50
CA VAL B 329 64.12 -36.15 16.19
C VAL B 329 64.25 -36.11 17.70
N ASP B 330 63.28 -35.49 18.37
CA ASP B 330 63.28 -35.38 19.82
C ASP B 330 62.00 -35.96 20.38
N VAL B 331 61.13 -36.43 19.48
CA VAL B 331 59.84 -37.04 19.86
C VAL B 331 59.20 -37.67 18.63
N PHE B 332 58.53 -38.80 18.81
CA PHE B 332 57.88 -39.50 17.72
C PHE B 332 56.38 -39.40 17.93
N ASN B 333 55.64 -39.41 16.81
CA ASN B 333 54.19 -39.31 16.88
C ASN B 333 53.41 -40.24 15.92
N CYS B 334 52.20 -40.59 16.33
CA CYS B 334 51.35 -41.44 15.53
C CYS B 334 49.97 -41.31 16.13
N LEU B 335 49.02 -42.04 15.57
CA LEU B 335 47.63 -41.98 16.03
C LEU B 335 47.11 -43.31 16.52
N THR B 336 46.11 -43.24 17.41
CA THR B 336 45.48 -44.43 17.99
C THR B 336 44.67 -45.23 16.99
N CYS B 337 44.64 -44.80 15.73
CA CYS B 337 43.91 -45.54 14.72
C CYS B 337 44.87 -46.58 14.11
N GLN B 338 44.63 -46.96 12.86
CA GLN B 338 45.46 -47.94 12.16
C GLN B 338 45.62 -49.20 12.98
N ASP B 339 46.85 -49.49 13.38
CA ASP B 339 47.13 -50.67 14.20
C ASP B 339 47.99 -50.29 15.38
N ASN B 340 48.55 -49.09 15.28
CA ASN B 340 49.41 -48.52 16.29
C ASN B 340 49.17 -48.97 17.72
N THR B 341 47.90 -49.20 18.06
CA THR B 341 47.52 -49.64 19.40
C THR B 341 48.21 -50.95 19.82
N TYR B 342 48.38 -51.87 18.88
CA TYR B 342 49.04 -53.11 19.20
C TYR B 342 50.47 -52.89 19.78
N PHE B 343 51.22 -51.92 19.25
CA PHE B 343 52.58 -51.68 19.73
C PHE B 343 52.81 -50.37 20.49
N LEU B 344 51.75 -49.71 20.92
CA LEU B 344 51.90 -48.46 21.65
C LEU B 344 52.63 -48.73 22.96
N LYS B 345 51.86 -49.16 23.97
CA LYS B 345 52.38 -49.47 25.31
C LYS B 345 53.81 -50.03 25.37
N ASP B 346 54.04 -51.12 24.64
CA ASP B 346 55.37 -51.76 24.61
C ASP B 346 56.51 -50.82 24.26
N CYS B 347 56.29 -50.00 23.23
CA CYS B 347 57.29 -49.05 22.80
C CYS B 347 57.23 -47.79 23.63
N LYS B 348 56.31 -47.76 24.57
CA LYS B 348 56.17 -46.60 25.45
C LYS B 348 55.81 -45.29 24.76
N PHE B 349 54.51 -45.13 24.50
CA PHE B 349 53.94 -43.94 23.89
C PHE B 349 53.03 -43.33 24.97
N GLY B 350 52.89 -42.01 24.99
CA GLY B 350 52.04 -41.36 25.97
C GLY B 350 50.92 -40.61 25.30
N SER B 351 49.70 -41.08 25.49
CA SER B 351 48.52 -40.45 24.89
C SER B 351 48.56 -38.94 25.06
N GLY B 352 48.52 -38.21 23.95
CA GLY B 352 48.54 -36.76 24.01
C GLY B 352 47.21 -36.14 24.44
N ASP B 353 47.09 -34.82 24.37
CA ASP B 353 45.85 -34.17 24.76
C ASP B 353 44.84 -34.13 23.64
N GLY B 354 45.28 -33.63 22.49
CA GLY B 354 44.41 -33.49 21.34
C GLY B 354 43.86 -34.76 20.72
N PHE B 355 42.84 -34.58 19.89
CA PHE B 355 42.21 -35.68 19.19
C PHE B 355 42.09 -35.30 17.73
N LEU B 356 41.74 -36.28 16.92
CA LEU B 356 41.59 -36.07 15.49
C LEU B 356 40.31 -36.73 14.99
N ASN B 357 39.64 -36.09 14.05
CA ASN B 357 38.41 -36.67 13.53
C ASN B 357 38.46 -36.67 12.01
N TYR B 358 38.11 -37.79 11.40
CA TYR B 358 38.09 -37.89 9.96
C TYR B 358 36.72 -37.46 9.45
N TYR B 359 36.63 -37.14 8.17
CA TYR B 359 35.34 -36.72 7.62
C TYR B 359 35.22 -37.05 6.14
N LEU B 360 34.36 -38.02 5.83
CA LEU B 360 34.13 -38.40 4.44
C LEU B 360 32.94 -37.57 3.97
N PHE B 361 33.14 -36.85 2.87
CA PHE B 361 32.06 -36.03 2.33
C PHE B 361 31.31 -36.82 1.25
N ASN B 362 30.01 -36.57 1.21
CA ASN B 362 29.10 -37.21 0.28
C ASN B 362 29.20 -38.72 0.32
N TYR B 363 29.02 -39.28 1.51
CA TYR B 363 29.00 -40.73 1.68
C TYR B 363 28.53 -41.16 3.04
N ARG B 364 28.44 -42.48 3.24
CA ARG B 364 27.98 -43.05 4.51
C ARG B 364 28.40 -44.52 4.70
N THR B 365 28.88 -44.84 5.90
CA THR B 365 29.31 -46.22 6.23
C THR B 365 29.40 -46.49 7.74
N PHE B 366 29.50 -47.78 8.08
CA PHE B 366 29.61 -48.16 9.47
C PHE B 366 30.83 -47.50 10.11
N PRO B 367 30.60 -46.63 11.11
CA PRO B 367 31.70 -45.95 11.79
C PRO B 367 32.74 -46.96 12.25
N MET B 368 34.01 -46.55 12.35
CA MET B 368 35.08 -47.43 12.81
C MET B 368 35.48 -47.06 14.24
N ASP B 369 36.55 -47.68 14.73
CA ASP B 369 37.09 -47.43 16.08
C ASP B 369 38.37 -46.59 15.93
N GLY B 370 38.89 -46.09 17.06
CA GLY B 370 40.11 -45.30 17.00
C GLY B 370 41.09 -45.73 18.07
N GLY B 371 41.25 -47.03 18.24
CA GLY B 371 42.17 -47.53 19.26
C GLY B 371 41.82 -46.99 20.64
N ILE B 372 40.63 -46.41 20.76
CA ILE B 372 40.20 -45.84 22.03
C ILE B 372 38.71 -46.07 22.30
N ASP B 373 38.39 -46.48 23.52
CA ASP B 373 37.00 -46.71 23.90
C ASP B 373 36.20 -45.43 23.79
N LYS B 374 35.03 -45.54 23.16
CA LYS B 374 34.12 -44.40 22.96
C LYS B 374 33.61 -43.91 24.31
N LYS B 375 33.73 -44.80 25.29
CA LYS B 375 33.28 -44.47 26.64
C LYS B 375 34.41 -43.90 27.47
N THR B 376 35.43 -44.72 27.74
CA THR B 376 36.58 -44.31 28.55
C THR B 376 37.45 -43.21 27.93
N LYS B 377 37.25 -42.93 26.65
CA LYS B 377 38.01 -41.90 25.95
C LYS B 377 39.53 -42.08 26.15
N GLU B 378 39.95 -43.34 26.18
CA GLU B 378 41.35 -43.73 26.36
C GLU B 378 41.69 -44.85 25.39
N VAL B 379 42.97 -45.21 25.31
CA VAL B 379 43.42 -46.28 24.41
C VAL B 379 42.78 -47.63 24.77
N VAL B 380 42.91 -48.58 23.84
CA VAL B 380 42.42 -49.92 24.05
C VAL B 380 43.52 -50.90 23.65
N GLU B 381 44.03 -51.63 24.63
CA GLU B 381 45.11 -52.60 24.42
C GLU B 381 44.79 -53.57 23.27
N ASP B 382 45.59 -53.52 22.22
CA ASP B 382 45.41 -54.41 21.08
C ASP B 382 44.00 -54.38 20.49
N GLN B 383 43.86 -53.73 19.33
CA GLN B 383 42.56 -53.64 18.68
C GLN B 383 42.54 -52.94 17.32
N THR B 384 42.94 -53.68 16.28
CA THR B 384 42.98 -53.13 14.90
C THR B 384 41.77 -52.29 14.50
N SER B 385 42.05 -51.14 13.89
CA SER B 385 41.02 -50.22 13.47
C SER B 385 40.73 -50.32 11.96
N GLY B 386 39.73 -49.56 11.53
CA GLY B 386 39.40 -49.56 10.11
C GLY B 386 40.26 -48.54 9.43
N ILE B 387 40.41 -47.38 10.07
CA ILE B 387 41.21 -46.26 9.56
C ILE B 387 42.58 -46.74 9.08
N GLY B 388 42.70 -47.01 7.78
CA GLY B 388 43.96 -47.49 7.26
C GLY B 388 44.67 -46.46 6.44
N VAL B 389 44.27 -45.20 6.63
CA VAL B 389 44.89 -44.11 5.89
C VAL B 389 45.53 -43.14 6.86
N VAL B 390 46.57 -42.46 6.40
CA VAL B 390 47.28 -41.47 7.21
C VAL B 390 47.43 -40.20 6.42
N LEU B 391 46.57 -39.23 6.68
CA LEU B 391 46.62 -37.94 6.02
C LEU B 391 47.33 -36.97 6.93
N LEU B 392 48.36 -36.33 6.39
CA LEU B 392 49.15 -35.37 7.12
C LEU B 392 48.27 -34.21 7.57
N ASP C 12 -24.93 27.84 15.25
CA ASP C 12 -24.09 27.03 16.18
C ASP C 12 -24.32 25.53 15.94
N VAL C 13 -25.43 25.00 16.46
CA VAL C 13 -25.74 23.59 16.27
C VAL C 13 -27.12 23.45 15.62
N PRO C 14 -27.16 22.78 14.45
CA PRO C 14 -28.37 22.53 13.66
C PRO C 14 -29.51 21.89 14.45
N ASN C 15 -30.69 22.49 14.39
CA ASN C 15 -31.86 21.93 15.08
C ASN C 15 -32.50 20.92 14.11
N ASP C 16 -31.98 20.94 12.89
CA ASP C 16 -32.43 20.06 11.82
C ASP C 16 -31.65 18.73 11.87
N PRO C 17 -32.36 17.60 11.98
CA PRO C 17 -31.71 16.28 12.04
C PRO C 17 -30.92 15.94 10.78
N LEU C 18 -29.72 15.40 10.95
CA LEU C 18 -28.91 15.02 9.81
C LEU C 18 -29.76 14.17 8.86
N PRO C 19 -29.66 14.39 7.54
CA PRO C 19 -30.46 13.60 6.61
C PRO C 19 -29.91 12.17 6.55
N LEU C 20 -30.80 11.20 6.36
CA LEU C 20 -30.40 9.80 6.30
C LEU C 20 -29.97 9.33 4.92
N ILE C 21 -29.25 8.20 4.87
CA ILE C 21 -28.73 7.64 3.60
C ILE C 21 -29.76 7.46 2.50
N SER C 22 -29.35 7.70 1.26
CA SER C 22 -30.26 7.58 0.14
C SER C 22 -29.88 6.54 -0.93
N ASP C 23 -30.90 6.03 -1.62
CA ASP C 23 -30.71 5.04 -2.65
C ASP C 23 -30.29 5.67 -3.98
N PHE C 24 -30.37 6.99 -4.07
CA PHE C 24 -29.99 7.70 -5.30
C PHE C 24 -28.97 8.78 -5.06
N GLU C 25 -28.23 9.17 -6.10
CA GLU C 25 -27.20 10.21 -5.98
C GLU C 25 -27.39 11.22 -7.13
N TRP C 26 -26.79 12.41 -7.00
CA TRP C 26 -26.89 13.42 -8.04
C TRP C 26 -25.90 13.03 -9.10
N SER C 27 -26.29 13.17 -10.37
CA SER C 27 -25.42 12.83 -11.47
C SER C 27 -25.49 13.92 -12.53
N THR C 28 -24.43 14.70 -12.69
CA THR C 28 -24.46 15.73 -13.71
C THR C 28 -24.30 15.05 -15.04
N LEU C 29 -25.34 15.11 -15.84
CA LEU C 29 -25.40 14.49 -17.16
C LEU C 29 -24.68 15.31 -18.21
N ASP C 30 -23.92 14.64 -19.07
CA ASP C 30 -23.20 15.32 -20.14
C ASP C 30 -23.85 14.95 -21.46
N ILE C 31 -24.68 15.83 -22.03
CA ILE C 31 -25.35 15.46 -23.27
C ILE C 31 -24.47 15.40 -24.49
N ASP C 32 -23.18 15.66 -24.34
CA ASP C 32 -22.27 15.60 -25.46
C ASP C 32 -21.63 14.22 -25.53
N ASP C 33 -21.91 13.39 -24.54
CA ASP C 33 -21.37 12.05 -24.52
C ASP C 33 -22.40 11.10 -25.07
N ASN C 34 -22.12 10.54 -26.24
CA ASN C 34 -23.02 9.61 -26.91
C ASN C 34 -23.75 8.68 -25.97
N LEU C 35 -23.03 8.13 -24.99
CA LEU C 35 -23.64 7.19 -24.05
C LEU C 35 -24.73 7.82 -23.21
N GLN C 36 -24.36 8.83 -22.43
CA GLN C 36 -25.33 9.48 -21.57
C GLN C 36 -26.50 10.06 -22.36
N LEU C 37 -26.25 10.42 -23.62
CA LEU C 37 -27.28 10.98 -24.47
C LEU C 37 -28.36 9.97 -24.75
N ASP C 38 -27.98 8.71 -24.89
CA ASP C 38 -28.94 7.66 -25.13
C ASP C 38 -29.61 7.41 -23.79
N GLU C 39 -28.85 7.58 -22.73
CA GLU C 39 -29.37 7.39 -21.39
C GLU C 39 -30.56 8.30 -21.19
N LEU C 40 -30.34 9.57 -21.53
CA LEU C 40 -31.36 10.59 -21.42
C LEU C 40 -32.52 10.22 -22.29
N TYR C 41 -32.22 10.04 -23.57
CA TYR C 41 -33.22 9.67 -24.56
C TYR C 41 -34.14 8.59 -24.05
N LYS C 42 -33.56 7.50 -23.54
CA LYS C 42 -34.32 6.38 -23.04
C LYS C 42 -35.21 6.73 -21.85
N LEU C 43 -34.75 7.58 -20.91
CA LEU C 43 -35.56 7.95 -19.73
C LEU C 43 -36.80 8.68 -20.18
N LEU C 44 -36.61 9.67 -21.02
CA LEU C 44 -37.69 10.49 -21.53
C LEU C 44 -38.64 9.75 -22.45
N TYR C 45 -38.14 8.75 -23.17
CA TYR C 45 -39.00 8.02 -24.08
C TYR C 45 -39.90 7.10 -23.26
N ASP C 46 -39.44 6.68 -22.10
CA ASP C 46 -40.25 5.78 -21.30
C ASP C 46 -41.07 6.48 -20.24
N ASN C 47 -40.69 7.67 -19.82
CA ASN C 47 -41.50 8.31 -18.80
C ASN C 47 -41.68 9.83 -18.83
N TYR C 48 -41.89 10.39 -20.02
CA TYR C 48 -42.12 11.84 -20.07
C TYR C 48 -43.42 12.19 -20.75
N VAL C 49 -43.74 13.39 -20.18
CA VAL C 49 -45.01 13.96 -20.68
C VAL C 49 -45.90 12.89 -21.35
N GLU C 50 -46.76 12.28 -20.56
CA GLU C 50 -47.64 11.26 -21.09
C GLU C 50 -48.53 11.81 -22.22
N ASP C 51 -48.60 11.09 -23.35
CA ASP C 51 -49.44 11.52 -24.49
C ASP C 51 -50.91 11.38 -24.11
N ILE C 52 -51.74 12.24 -24.70
CA ILE C 52 -53.19 12.25 -24.45
C ILE C 52 -53.82 10.90 -24.09
N ASP C 53 -53.56 9.88 -24.91
CA ASP C 53 -54.14 8.56 -24.70
C ASP C 53 -53.11 7.44 -24.58
N ALA C 54 -51.93 7.78 -24.05
CA ALA C 54 -50.86 6.81 -23.88
C ALA C 54 -50.69 5.95 -25.15
N THR C 55 -50.37 6.49 -26.18
CA THR C 55 -50.08 5.85 -27.48
C THR C 55 -48.99 6.58 -28.25
N PHE C 56 -48.58 7.74 -27.76
CA PHE C 56 -47.55 8.52 -28.44
C PHE C 56 -46.30 8.74 -27.62
N ARG C 57 -45.19 8.99 -28.31
CA ARG C 57 -43.91 9.22 -27.66
C ARG C 57 -43.03 10.20 -28.43
N PHE C 58 -42.60 11.27 -27.77
CA PHE C 58 -41.73 12.27 -28.40
C PHE C 58 -40.52 11.56 -29.03
N LYS C 59 -40.27 11.86 -30.30
CA LYS C 59 -39.15 11.24 -30.99
C LYS C 59 -37.95 12.14 -30.94
N TYR C 60 -37.34 12.23 -29.78
CA TYR C 60 -36.18 13.07 -29.61
C TYR C 60 -35.04 12.68 -30.54
N SER C 61 -34.18 13.63 -30.83
CA SER C 61 -33.04 13.39 -31.68
C SER C 61 -31.86 14.14 -31.07
N HIS C 62 -30.69 14.02 -31.66
CA HIS C 62 -29.53 14.70 -31.13
C HIS C 62 -29.62 16.18 -31.41
N GLU C 63 -29.92 16.52 -32.65
CA GLU C 63 -30.03 17.91 -33.06
C GLU C 63 -30.92 18.64 -32.08
N PHE C 64 -32.06 18.04 -31.76
CA PHE C 64 -33.02 18.64 -30.83
C PHE C 64 -32.43 18.93 -29.46
N PHE C 65 -31.76 17.93 -28.90
CA PHE C 65 -31.12 18.02 -27.61
C PHE C 65 -30.07 19.11 -27.63
N GLN C 66 -29.23 19.10 -28.65
CA GLN C 66 -28.18 20.09 -28.74
C GLN C 66 -28.74 21.50 -28.92
N TRP C 67 -29.90 21.57 -29.55
CA TRP C 67 -30.55 22.84 -29.80
C TRP C 67 -31.27 23.33 -28.54
N ALA C 68 -32.24 22.54 -28.10
CA ALA C 68 -33.05 22.84 -26.92
C ALA C 68 -32.27 23.08 -25.64
N LEU C 69 -31.22 22.29 -25.43
CA LEU C 69 -30.41 22.34 -24.21
C LEU C 69 -29.14 23.18 -24.22
N LYS C 70 -28.50 23.35 -25.37
CA LYS C 70 -27.28 24.11 -25.39
C LYS C 70 -27.37 25.50 -26.02
N PRO C 71 -28.25 26.36 -25.49
CA PRO C 71 -28.36 27.71 -26.06
C PRO C 71 -27.15 28.50 -25.62
N PRO C 72 -26.87 29.64 -26.27
CA PRO C 72 -25.68 30.37 -25.80
C PRO C 72 -25.83 30.80 -24.35
N GLY C 73 -24.81 30.49 -23.57
CA GLY C 73 -24.82 30.83 -22.16
C GLY C 73 -25.23 29.65 -21.27
N TRP C 74 -25.27 28.46 -21.86
CA TRP C 74 -25.63 27.28 -21.13
C TRP C 74 -24.54 26.80 -20.19
N ARG C 75 -24.86 25.83 -19.36
CA ARG C 75 -23.91 25.29 -18.41
C ARG C 75 -24.20 23.81 -18.20
N LYS C 76 -23.17 23.02 -17.94
CA LYS C 76 -23.37 21.60 -17.71
C LYS C 76 -23.99 21.37 -16.38
N ASP C 77 -23.50 22.05 -15.35
CA ASP C 77 -24.05 21.82 -14.02
C ASP C 77 -25.52 22.16 -13.91
N TRP C 78 -26.16 22.42 -15.05
CA TRP C 78 -27.57 22.77 -15.09
C TRP C 78 -28.35 21.70 -15.84
N HIS C 79 -27.65 20.62 -16.16
CA HIS C 79 -28.25 19.48 -16.83
C HIS C 79 -28.22 18.43 -15.75
N VAL C 80 -29.04 18.60 -14.72
CA VAL C 80 -29.06 17.71 -13.59
C VAL C 80 -29.70 16.35 -13.81
N GLY C 81 -29.21 15.36 -13.08
CA GLY C 81 -29.76 14.03 -13.21
C GLY C 81 -29.85 13.35 -11.85
N VAL C 82 -30.47 12.18 -11.81
CA VAL C 82 -30.60 11.43 -10.58
C VAL C 82 -30.43 9.97 -10.93
N ARG C 83 -29.42 9.34 -10.34
CA ARG C 83 -29.17 7.93 -10.61
C ARG C 83 -29.32 7.05 -9.37
N VAL C 84 -29.19 5.75 -9.58
CA VAL C 84 -29.29 4.83 -8.47
C VAL C 84 -27.89 4.34 -8.17
N LYS C 85 -27.51 4.41 -6.89
CA LYS C 85 -26.18 3.98 -6.49
C LYS C 85 -25.93 2.54 -6.92
N SER C 86 -26.94 1.69 -6.69
CA SER C 86 -26.90 0.26 -7.02
C SER C 86 -26.51 -0.03 -8.47
N THR C 87 -27.50 -0.04 -9.36
CA THR C 87 -27.26 -0.32 -10.77
C THR C 87 -26.69 0.85 -11.55
N GLY C 88 -26.96 2.06 -11.10
CA GLY C 88 -26.43 3.23 -11.80
C GLY C 88 -27.23 3.66 -13.02
N LYS C 89 -28.54 3.65 -12.93
CA LYS C 89 -29.32 4.04 -14.06
C LYS C 89 -29.94 5.39 -13.83
N LEU C 90 -30.21 6.10 -14.93
CA LEU C 90 -30.80 7.43 -14.88
C LEU C 90 -32.30 7.29 -14.65
N VAL C 91 -32.78 7.79 -13.52
CA VAL C 91 -34.20 7.66 -13.25
C VAL C 91 -34.94 8.98 -13.26
N ALA C 92 -34.21 10.08 -13.18
CA ALA C 92 -34.84 11.38 -13.19
C ALA C 92 -33.97 12.44 -13.86
N PHE C 93 -34.60 13.49 -14.35
CA PHE C 93 -33.89 14.58 -15.03
C PHE C 93 -34.64 15.91 -14.87
N ILE C 94 -33.95 17.00 -15.14
CA ILE C 94 -34.50 18.33 -15.04
C ILE C 94 -33.38 19.25 -15.48
N ALA C 95 -33.64 20.03 -16.53
CA ALA C 95 -32.64 20.96 -17.06
C ALA C 95 -33.05 22.40 -16.89
N ALA C 96 -32.06 23.30 -16.97
CA ALA C 96 -32.30 24.72 -16.86
C ALA C 96 -31.54 25.38 -18.00
N THR C 97 -32.17 26.37 -18.61
CA THR C 97 -31.58 27.08 -19.72
C THR C 97 -31.64 28.59 -19.53
N PRO C 98 -30.58 29.29 -19.96
CA PRO C 98 -30.60 30.74 -19.81
C PRO C 98 -31.70 31.42 -20.66
N VAL C 99 -32.24 32.51 -20.14
CA VAL C 99 -33.26 33.28 -20.84
C VAL C 99 -33.49 34.62 -20.16
N THR C 100 -33.55 35.67 -20.96
CA THR C 100 -33.81 36.99 -20.42
C THR C 100 -35.23 37.35 -20.83
N PHE C 101 -36.07 37.72 -19.89
CA PHE C 101 -37.41 38.09 -20.27
C PHE C 101 -37.68 39.52 -19.86
N LYS C 102 -38.79 40.06 -20.34
CA LYS C 102 -39.16 41.43 -20.01
C LYS C 102 -40.64 41.58 -19.72
N LEU C 103 -40.95 42.27 -18.63
CA LEU C 103 -42.32 42.53 -18.26
C LEU C 103 -42.53 43.90 -18.85
N ASN C 104 -43.32 43.96 -19.92
CA ASN C 104 -43.59 45.20 -20.60
C ASN C 104 -44.27 46.30 -19.78
N LYS C 105 -45.41 46.01 -19.12
CA LYS C 105 -46.10 47.02 -18.33
C LYS C 105 -45.10 47.80 -17.49
N SER C 106 -44.67 47.16 -16.41
CA SER C 106 -43.72 47.76 -15.47
C SER C 106 -42.32 47.84 -16.05
N ASN C 107 -42.24 47.76 -17.38
CA ASN C 107 -40.98 47.86 -18.09
C ASN C 107 -39.87 47.35 -17.20
N LYS C 108 -39.88 46.05 -16.95
CA LYS C 108 -38.87 45.45 -16.10
C LYS C 108 -38.19 44.29 -16.82
N VAL C 109 -36.88 44.21 -16.68
CA VAL C 109 -36.12 43.14 -17.30
C VAL C 109 -35.49 42.29 -16.21
N ILE C 110 -35.47 40.98 -16.42
CA ILE C 110 -34.91 40.06 -15.45
C ILE C 110 -34.20 38.92 -16.14
N ASP C 111 -32.97 38.65 -15.70
CA ASP C 111 -32.20 37.55 -16.24
C ASP C 111 -32.63 36.36 -15.42
N SER C 112 -32.95 35.27 -16.09
CA SER C 112 -33.34 34.06 -15.40
C SER C 112 -33.10 32.85 -16.27
N VAL C 113 -33.93 31.83 -16.09
CA VAL C 113 -33.76 30.60 -16.83
C VAL C 113 -35.08 29.89 -16.98
N GLU C 114 -35.11 28.92 -17.88
CA GLU C 114 -36.31 28.12 -18.11
C GLU C 114 -36.10 26.71 -17.56
N ILE C 115 -37.13 26.19 -16.93
CA ILE C 115 -37.07 24.85 -16.39
C ILE C 115 -37.74 23.94 -17.40
N ASN C 116 -37.02 22.97 -17.88
CA ASN C 116 -37.62 22.10 -18.85
C ASN C 116 -37.08 20.71 -18.71
N PHE C 117 -37.67 19.76 -19.41
CA PHE C 117 -37.22 18.39 -19.36
C PHE C 117 -37.27 17.71 -18.01
N LEU C 118 -38.09 18.22 -17.09
CA LEU C 118 -38.21 17.60 -15.77
C LEU C 118 -38.93 16.29 -15.96
N CYS C 119 -38.25 15.19 -15.63
CA CYS C 119 -38.82 13.85 -15.78
C CYS C 119 -38.46 12.92 -14.61
N ILE C 120 -39.37 12.00 -14.31
CA ILE C 120 -39.15 11.05 -13.24
C ILE C 120 -39.57 9.67 -13.77
N HIS C 121 -38.87 8.63 -13.33
CA HIS C 121 -39.19 7.27 -13.76
C HIS C 121 -40.62 6.88 -13.35
N LYS C 122 -41.40 6.36 -14.29
CA LYS C 122 -42.78 5.97 -14.03
C LYS C 122 -43.00 5.37 -12.66
N LYS C 123 -41.97 4.70 -12.15
CA LYS C 123 -42.01 4.04 -10.84
C LYS C 123 -41.42 4.87 -9.71
N LEU C 124 -40.77 5.98 -10.02
CA LEU C 124 -40.20 6.80 -8.96
C LEU C 124 -41.18 7.90 -8.55
N ARG C 125 -42.38 7.83 -9.11
CA ARG C 125 -43.39 8.82 -8.77
C ARG C 125 -43.91 8.50 -7.38
N ASN C 126 -44.73 9.38 -6.83
CA ASN C 126 -45.27 9.18 -5.49
C ASN C 126 -44.23 9.06 -4.39
N LYS C 127 -42.99 9.43 -4.71
CA LYS C 127 -41.91 9.39 -3.73
C LYS C 127 -41.60 10.86 -3.43
N ARG C 128 -42.45 11.75 -3.93
CA ARG C 128 -42.26 13.18 -3.73
C ARG C 128 -40.82 13.54 -4.13
N LEU C 129 -40.48 13.25 -5.37
CA LEU C 129 -39.15 13.52 -5.87
C LEU C 129 -39.11 14.85 -6.60
N ALA C 130 -40.08 15.07 -7.46
CA ALA C 130 -40.15 16.29 -8.25
C ALA C 130 -39.72 17.52 -7.48
N PRO C 131 -40.31 17.75 -6.30
CA PRO C 131 -39.97 18.90 -5.47
C PRO C 131 -38.45 19.04 -5.29
N VAL C 132 -37.79 17.98 -4.83
CA VAL C 132 -36.34 17.99 -4.63
C VAL C 132 -35.62 18.47 -5.89
N LEU C 133 -35.96 17.86 -7.03
CA LEU C 133 -35.35 18.23 -8.27
C LEU C 133 -35.42 19.72 -8.47
N ILE C 134 -36.52 20.33 -8.04
CA ILE C 134 -36.69 21.77 -8.20
C ILE C 134 -35.93 22.57 -7.14
N LYS C 135 -35.98 22.13 -5.91
CA LYS C 135 -35.25 22.86 -4.91
C LYS C 135 -33.78 22.82 -5.22
N GLU C 136 -33.34 21.80 -5.94
CA GLU C 136 -31.92 21.65 -6.29
C GLU C 136 -31.55 22.38 -7.55
N ILE C 137 -32.38 22.28 -8.58
CA ILE C 137 -32.06 22.95 -9.82
C ILE C 137 -31.95 24.45 -9.57
N THR C 138 -32.65 24.92 -8.53
CA THR C 138 -32.65 26.33 -8.16
C THR C 138 -31.28 26.66 -7.58
N ARG C 139 -30.97 25.97 -6.49
CA ARG C 139 -29.70 26.11 -5.80
C ARG C 139 -28.55 26.25 -6.79
N ARG C 140 -28.47 25.33 -7.75
CA ARG C 140 -27.40 25.34 -8.73
C ARG C 140 -27.38 26.64 -9.51
N VAL C 141 -28.56 27.23 -9.68
CA VAL C 141 -28.70 28.48 -10.44
C VAL C 141 -28.46 29.67 -9.52
N ASN C 142 -29.03 29.59 -8.32
CA ASN C 142 -28.89 30.62 -7.31
C ASN C 142 -27.43 31.01 -7.19
N LYS C 143 -26.55 30.10 -7.58
CA LYS C 143 -25.13 30.34 -7.51
C LYS C 143 -24.67 31.08 -8.76
N GLN C 144 -25.52 31.96 -9.27
CA GLN C 144 -25.19 32.73 -10.47
C GLN C 144 -26.03 33.99 -10.47
N ASN C 145 -26.42 34.38 -9.27
CA ASN C 145 -27.23 35.57 -9.06
C ASN C 145 -28.52 35.58 -9.89
N ILE C 146 -29.02 34.37 -10.18
CA ILE C 146 -30.28 34.21 -10.91
C ILE C 146 -31.31 33.74 -9.87
N TRP C 147 -32.31 34.58 -9.59
CA TRP C 147 -33.28 34.22 -8.57
C TRP C 147 -34.73 34.14 -9.00
N GLN C 148 -34.96 33.88 -10.29
CA GLN C 148 -36.33 33.72 -10.81
C GLN C 148 -36.25 32.69 -11.91
N ALA C 149 -37.28 31.90 -12.08
CA ALA C 149 -37.22 30.91 -13.14
C ALA C 149 -38.58 30.76 -13.77
N LEU C 150 -38.61 30.34 -15.02
CA LEU C 150 -39.88 30.17 -15.70
C LEU C 150 -40.08 28.74 -16.14
N TYR C 151 -41.33 28.30 -16.21
CA TYR C 151 -41.62 26.94 -16.63
C TYR C 151 -43.08 26.65 -16.89
N THR C 152 -43.35 25.68 -17.75
CA THR C 152 -44.72 25.34 -18.06
C THR C 152 -44.99 23.91 -17.60
N GLY C 153 -46.23 23.62 -17.22
CA GLY C 153 -46.59 22.29 -16.77
C GLY C 153 -48.06 21.99 -16.47
N GLY C 154 -48.32 20.71 -16.16
CA GLY C 154 -49.67 20.24 -15.85
C GLY C 154 -50.30 21.00 -14.70
N SER C 155 -51.42 21.65 -15.00
CA SER C 155 -52.18 22.47 -14.05
C SER C 155 -52.24 21.92 -12.63
N ILE C 156 -51.22 22.24 -11.83
CA ILE C 156 -51.19 21.76 -10.46
C ILE C 156 -50.60 22.78 -9.50
N LEU C 157 -49.29 23.03 -9.66
CA LEU C 157 -48.52 23.97 -8.84
C LEU C 157 -49.29 25.24 -8.39
N PRO C 158 -48.81 25.90 -7.31
CA PRO C 158 -49.41 27.11 -6.75
C PRO C 158 -49.57 28.37 -7.60
N THR C 159 -50.82 28.64 -8.00
CA THR C 159 -51.19 29.82 -8.80
C THR C 159 -50.34 30.13 -10.01
N PRO C 160 -50.78 29.70 -11.18
CA PRO C 160 -50.05 29.93 -12.42
C PRO C 160 -50.15 31.35 -12.99
N LEU C 161 -49.05 31.88 -13.50
CA LEU C 161 -49.04 33.21 -14.10
C LEU C 161 -50.24 33.31 -15.03
N THR C 162 -50.68 32.19 -15.60
CA THR C 162 -51.83 32.12 -16.49
C THR C 162 -51.97 30.69 -16.96
N THR C 163 -52.78 30.47 -17.99
CA THR C 163 -53.00 29.12 -18.51
C THR C 163 -53.45 29.21 -19.97
N CYS C 164 -52.75 28.53 -20.87
CA CYS C 164 -53.13 28.57 -22.27
C CYS C 164 -53.57 27.15 -22.61
N ARG C 165 -54.43 26.97 -23.62
CA ARG C 165 -54.94 25.65 -23.99
C ARG C 165 -54.42 25.13 -25.32
N TYR C 166 -54.26 23.79 -25.45
CA TYR C 166 -53.76 23.19 -26.72
C TYR C 166 -54.73 23.43 -27.83
N GLN C 167 -54.19 23.44 -29.06
CA GLN C 167 -54.99 23.63 -30.31
C GLN C 167 -54.28 22.82 -31.36
N HIS C 168 -55.05 22.18 -32.25
CA HIS C 168 -54.45 21.33 -33.29
C HIS C 168 -54.97 21.73 -34.65
N ARG C 169 -54.10 21.60 -35.66
CA ARG C 169 -54.48 21.95 -37.02
C ARG C 169 -53.99 20.85 -37.96
N PRO C 170 -54.89 19.92 -38.31
CA PRO C 170 -54.57 18.82 -39.21
C PRO C 170 -53.97 19.36 -40.50
N ILE C 171 -52.83 18.82 -40.92
CA ILE C 171 -52.22 19.23 -42.16
C ILE C 171 -52.41 18.04 -43.07
N ASN C 172 -52.49 16.86 -42.47
CA ASN C 172 -52.69 15.61 -43.18
C ASN C 172 -53.74 14.84 -42.40
N TRP C 173 -55.01 15.11 -42.70
CA TRP C 173 -56.10 14.47 -41.99
C TRP C 173 -56.13 12.96 -42.05
N SER C 174 -56.44 12.41 -43.23
CA SER C 174 -56.54 10.97 -43.43
C SER C 174 -55.56 10.11 -42.64
N LYS C 175 -54.35 10.62 -42.39
CA LYS C 175 -53.34 9.87 -41.64
C LYS C 175 -53.48 9.99 -40.14
N LEU C 176 -54.07 11.09 -39.68
CA LEU C 176 -54.26 11.29 -38.26
C LEU C 176 -55.41 10.42 -37.84
N HIS C 177 -56.32 10.13 -38.79
CA HIS C 177 -57.51 9.34 -38.51
C HIS C 177 -57.17 7.94 -38.12
N ASP C 178 -56.22 7.35 -38.84
CA ASP C 178 -55.77 6.00 -38.56
C ASP C 178 -55.24 5.83 -37.14
N VAL C 179 -54.23 6.63 -36.81
CA VAL C 179 -53.63 6.56 -35.50
C VAL C 179 -54.61 6.89 -34.39
N GLY C 180 -55.86 7.14 -34.77
CA GLY C 180 -56.89 7.42 -33.79
C GLY C 180 -56.75 8.73 -33.04
N PHE C 181 -56.01 9.67 -33.63
CA PHE C 181 -55.81 10.98 -33.03
C PHE C 181 -57.14 11.72 -32.96
N SER C 182 -57.53 12.35 -34.06
CA SER C 182 -58.79 13.08 -34.13
C SER C 182 -59.89 12.15 -34.62
N HIS C 183 -60.94 12.05 -33.83
CA HIS C 183 -62.07 11.18 -34.20
C HIS C 183 -62.87 11.81 -35.35
N LEU C 184 -63.88 11.09 -35.82
CA LEU C 184 -64.75 11.55 -36.89
C LEU C 184 -66.18 11.77 -36.38
N PRO C 185 -66.71 13.01 -36.52
CA PRO C 185 -68.07 13.27 -36.06
C PRO C 185 -69.08 12.52 -36.93
N PRO C 186 -70.31 12.32 -36.41
CA PRO C 186 -71.34 11.61 -37.17
C PRO C 186 -71.57 12.20 -38.56
N ASN C 187 -72.36 11.48 -39.35
CA ASN C 187 -72.71 11.89 -40.72
C ASN C 187 -71.58 12.63 -41.42
N GLN C 188 -70.41 12.00 -41.48
CA GLN C 188 -69.24 12.59 -42.12
C GLN C 188 -68.35 11.55 -42.81
N THR C 189 -67.43 12.04 -43.64
CA THR C 189 -66.51 11.15 -44.35
C THR C 189 -65.09 11.70 -44.53
N LYS C 190 -64.12 10.80 -44.62
CA LYS C 190 -62.76 11.22 -44.83
C LYS C 190 -62.70 12.23 -45.98
N SER C 191 -63.08 11.81 -47.18
CA SER C 191 -63.06 12.67 -48.38
C SER C 191 -63.90 13.94 -48.25
N SER C 192 -64.36 14.21 -47.02
CA SER C 192 -65.16 15.38 -46.70
C SER C 192 -64.26 16.31 -45.91
N MET C 193 -63.75 15.79 -44.79
CA MET C 193 -62.84 16.56 -43.94
C MET C 193 -61.56 16.74 -44.75
N VAL C 194 -60.95 15.62 -45.11
CA VAL C 194 -59.71 15.59 -45.87
C VAL C 194 -59.60 16.83 -46.74
N ALA C 195 -60.65 17.10 -47.50
CA ALA C 195 -60.69 18.26 -48.40
C ALA C 195 -60.72 19.60 -47.64
N SER C 196 -61.44 19.62 -46.53
CA SER C 196 -61.54 20.83 -45.76
C SER C 196 -60.19 21.30 -45.27
N TYR C 197 -59.28 20.35 -45.01
CA TYR C 197 -57.95 20.71 -44.51
C TYR C 197 -56.86 20.65 -45.58
N THR C 198 -57.21 20.85 -46.84
CA THR C 198 -56.18 20.82 -47.87
C THR C 198 -55.67 22.23 -48.07
N LEU C 199 -54.41 22.37 -48.46
CA LEU C 199 -53.83 23.71 -48.69
C LEU C 199 -52.99 23.72 -49.96
N PRO C 200 -52.58 24.90 -50.42
CA PRO C 200 -51.76 25.01 -51.63
C PRO C 200 -50.52 24.17 -51.53
N ASN C 201 -49.77 24.07 -52.61
CA ASN C 201 -48.55 23.28 -52.61
C ASN C 201 -47.38 24.22 -52.50
N ASN C 202 -47.68 25.52 -52.52
CA ASN C 202 -46.66 26.56 -52.44
C ASN C 202 -47.17 27.75 -51.63
N PRO C 203 -46.25 28.55 -51.07
CA PRO C 203 -46.62 29.72 -50.27
C PRO C 203 -47.25 30.84 -51.11
N LYS C 204 -48.37 31.39 -50.63
CA LYS C 204 -49.06 32.47 -51.32
C LYS C 204 -48.29 33.79 -51.21
N LEU C 205 -48.22 34.34 -50.01
CA LEU C 205 -47.50 35.58 -49.77
C LEU C 205 -46.22 35.68 -50.59
N LYS C 206 -46.27 36.57 -51.58
CA LYS C 206 -45.16 36.80 -52.49
C LYS C 206 -43.95 37.35 -51.71
N GLY C 207 -42.77 36.78 -51.98
CA GLY C 207 -41.56 37.21 -51.31
C GLY C 207 -41.18 36.38 -50.10
N LEU C 208 -41.98 35.37 -49.79
CA LEU C 208 -41.70 34.51 -48.66
C LEU C 208 -40.42 33.71 -48.91
N ARG C 209 -39.37 34.03 -48.17
CA ARG C 209 -38.09 33.38 -48.32
C ARG C 209 -37.62 32.95 -46.95
N PRO C 210 -36.66 32.01 -46.90
CA PRO C 210 -36.09 31.51 -45.65
C PRO C 210 -35.38 32.66 -44.96
N MET C 211 -35.09 32.50 -43.67
CA MET C 211 -34.40 33.54 -42.92
C MET C 211 -32.94 33.16 -42.80
N THR C 212 -32.04 34.02 -43.24
CA THR C 212 -30.61 33.71 -43.14
C THR C 212 -29.89 34.54 -42.06
N GLY C 213 -28.67 34.14 -41.72
CA GLY C 213 -27.93 34.86 -40.69
C GLY C 213 -27.87 36.36 -40.85
N LYS C 214 -28.09 36.87 -42.06
CA LYS C 214 -28.04 38.31 -42.29
C LYS C 214 -29.30 39.00 -41.77
N ASP C 215 -30.43 38.34 -41.97
CA ASP C 215 -31.73 38.85 -41.57
C ASP C 215 -31.96 38.93 -40.05
N VAL C 216 -31.12 38.25 -39.29
CA VAL C 216 -31.24 38.19 -37.84
C VAL C 216 -31.28 39.54 -37.14
N SER C 217 -30.40 40.45 -37.56
CA SER C 217 -30.30 41.79 -37.00
C SER C 217 -31.60 42.59 -37.16
N THR C 218 -32.26 42.40 -38.30
CA THR C 218 -33.51 43.13 -38.58
C THR C 218 -34.72 42.48 -37.96
N VAL C 219 -34.95 41.23 -38.31
CA VAL C 219 -36.08 40.47 -37.80
C VAL C 219 -36.23 40.69 -36.30
N LEU C 220 -35.09 40.83 -35.63
CA LEU C 220 -35.03 41.03 -34.18
C LEU C 220 -35.61 42.37 -33.77
N SER C 221 -35.34 43.40 -34.55
CA SER C 221 -35.85 44.71 -34.24
C SER C 221 -37.34 44.71 -34.51
N LEU C 222 -37.70 44.04 -35.61
CA LEU C 222 -39.08 43.93 -36.03
C LEU C 222 -39.90 43.26 -34.95
N LEU C 223 -39.31 42.22 -34.37
CA LEU C 223 -39.97 41.51 -33.30
C LEU C 223 -40.27 42.47 -32.16
N TYR C 224 -39.22 43.06 -31.59
CA TYR C 224 -39.37 43.99 -30.49
C TYR C 224 -40.43 45.02 -30.75
N LYS C 225 -40.53 45.50 -31.98
CA LYS C 225 -41.53 46.50 -32.26
C LYS C 225 -42.91 45.86 -32.09
N TYR C 226 -43.03 44.62 -32.51
CA TYR C 226 -44.29 43.91 -32.42
C TYR C 226 -44.58 43.26 -31.05
N GLN C 227 -43.53 42.96 -30.28
CA GLN C 227 -43.68 42.35 -28.97
C GLN C 227 -44.42 43.15 -27.90
N GLU C 228 -44.15 44.46 -27.84
CA GLU C 228 -44.73 45.32 -26.83
C GLU C 228 -46.19 45.05 -26.40
N ARG C 229 -47.00 44.47 -27.28
CA ARG C 229 -48.40 44.25 -26.94
C ARG C 229 -48.65 43.16 -25.89
N PHE C 230 -47.58 42.49 -25.45
CA PHE C 230 -47.77 41.42 -24.48
C PHE C 230 -47.19 41.81 -23.15
N ASP C 231 -47.63 41.16 -22.08
CA ASP C 231 -47.14 41.47 -20.75
C ASP C 231 -45.80 40.81 -20.45
N ILE C 232 -45.52 39.70 -21.10
CA ILE C 232 -44.27 38.99 -20.83
C ILE C 232 -43.63 38.53 -22.14
N VAL C 233 -42.38 38.94 -22.32
CA VAL C 233 -41.67 38.62 -23.53
C VAL C 233 -40.25 38.18 -23.22
N GLN C 234 -39.57 37.65 -24.25
CA GLN C 234 -38.20 37.17 -24.12
C GLN C 234 -37.30 38.03 -24.96
N LEU C 235 -36.32 38.68 -24.36
CA LEU C 235 -35.37 39.52 -25.09
C LEU C 235 -34.18 38.69 -25.50
N PHE C 236 -33.81 38.71 -26.77
CA PHE C 236 -32.67 37.93 -27.22
C PHE C 236 -31.51 38.85 -27.56
N THR C 237 -30.38 38.26 -27.91
CA THR C 237 -29.17 38.96 -28.32
C THR C 237 -28.95 38.29 -29.64
N GLU C 238 -28.11 38.84 -30.51
CA GLU C 238 -27.91 38.21 -31.81
C GLU C 238 -27.51 36.74 -31.68
N GLU C 239 -26.57 36.48 -30.78
CA GLU C 239 -26.08 35.14 -30.53
C GLU C 239 -27.24 34.20 -30.18
N GLU C 240 -28.18 34.68 -29.38
CA GLU C 240 -29.33 33.88 -28.96
C GLU C 240 -30.33 33.70 -30.09
N PHE C 241 -30.75 34.81 -30.68
CA PHE C 241 -31.72 34.76 -31.76
C PHE C 241 -31.28 33.82 -32.88
N LYS C 242 -30.05 33.99 -33.33
CA LYS C 242 -29.55 33.16 -34.41
C LYS C 242 -29.76 31.69 -34.06
N HIS C 243 -29.32 31.31 -32.86
CA HIS C 243 -29.43 29.94 -32.35
C HIS C 243 -30.86 29.44 -32.32
N TRP C 244 -31.75 30.19 -31.68
CA TRP C 244 -33.15 29.82 -31.55
C TRP C 244 -33.92 29.91 -32.85
N MET C 245 -33.36 30.51 -33.88
CA MET C 245 -34.08 30.59 -35.14
C MET C 245 -33.42 29.78 -36.23
N LEU C 246 -32.10 29.64 -36.17
CA LEU C 246 -31.41 28.90 -37.22
C LEU C 246 -30.80 27.57 -36.77
N GLY C 247 -30.60 27.40 -35.48
CA GLY C 247 -30.04 26.17 -34.98
C GLY C 247 -28.71 26.43 -34.33
N HIS C 248 -28.02 25.37 -33.92
CA HIS C 248 -26.72 25.52 -33.30
C HIS C 248 -25.60 25.62 -34.33
N ASP C 249 -25.90 25.30 -35.58
CA ASP C 249 -24.90 25.40 -36.63
C ASP C 249 -25.44 26.29 -37.75
N GLU C 250 -25.22 27.58 -37.58
CA GLU C 250 -25.69 28.56 -38.56
C GLU C 250 -25.41 28.16 -40.00
N ASN C 251 -24.19 27.64 -40.27
CA ASN C 251 -23.84 27.22 -41.63
C ASN C 251 -24.83 26.22 -42.22
N SER C 252 -24.95 25.07 -41.56
CA SER C 252 -25.84 24.02 -42.03
C SER C 252 -27.28 24.27 -41.59
N ASP C 253 -28.23 23.98 -42.49
CA ASP C 253 -29.65 24.18 -42.22
C ASP C 253 -30.17 23.26 -41.13
N SER C 254 -30.84 23.84 -40.13
CA SER C 254 -31.39 23.08 -39.02
C SER C 254 -32.65 22.36 -39.45
N ASN C 255 -32.80 21.10 -39.02
CA ASN C 255 -33.99 20.30 -39.36
C ASN C 255 -34.90 20.29 -38.15
N VAL C 256 -34.54 21.10 -37.15
CA VAL C 256 -35.26 21.20 -35.89
C VAL C 256 -36.14 22.43 -35.79
N VAL C 257 -35.72 23.53 -36.42
CA VAL C 257 -36.47 24.77 -36.36
C VAL C 257 -36.52 25.44 -37.72
N LYS C 258 -37.69 25.91 -38.14
CA LYS C 258 -37.82 26.56 -39.43
C LYS C 258 -38.33 27.98 -39.29
N SER C 259 -37.54 28.95 -39.73
CA SER C 259 -37.91 30.36 -39.67
C SER C 259 -37.96 31.00 -41.04
N TYR C 260 -39.10 31.59 -41.38
CA TYR C 260 -39.24 32.25 -42.67
C TYR C 260 -39.39 33.76 -42.54
N VAL C 261 -39.13 34.48 -43.63
CA VAL C 261 -39.25 35.93 -43.66
C VAL C 261 -40.05 36.37 -44.85
N VAL C 262 -40.50 37.61 -44.79
CA VAL C 262 -41.28 38.18 -45.88
C VAL C 262 -40.76 39.58 -46.16
N GLU C 263 -39.91 39.70 -47.19
CA GLU C 263 -39.36 40.99 -47.57
C GLU C 263 -40.11 41.41 -48.82
N ASP C 264 -40.51 42.69 -48.86
CA ASP C 264 -41.24 43.25 -49.98
C ASP C 264 -40.32 43.66 -51.14
N GLU C 265 -40.83 44.48 -52.06
CA GLU C 265 -40.03 44.93 -53.20
C GLU C 265 -39.00 45.98 -52.76
N ASN C 266 -38.90 46.21 -51.44
CA ASN C 266 -37.98 47.21 -50.89
C ASN C 266 -36.88 46.61 -49.98
N GLY C 267 -36.57 45.33 -50.16
CA GLY C 267 -35.54 44.71 -49.33
C GLY C 267 -35.89 44.85 -47.85
N ILE C 268 -37.14 45.18 -47.58
CA ILE C 268 -37.62 45.37 -46.23
C ILE C 268 -38.45 44.19 -45.72
N ILE C 269 -38.10 43.71 -44.53
CA ILE C 269 -38.77 42.58 -43.91
C ILE C 269 -39.99 43.10 -43.16
N THR C 270 -41.17 42.62 -43.53
CA THR C 270 -42.39 43.08 -42.89
C THR C 270 -43.14 41.98 -42.16
N ASP C 271 -42.73 40.74 -42.42
CA ASP C 271 -43.33 39.58 -41.78
C ASP C 271 -42.31 38.47 -41.59
N TYR C 272 -42.60 37.55 -40.67
CA TYR C 272 -41.70 36.44 -40.37
C TYR C 272 -42.27 35.57 -39.25
N PHE C 273 -42.15 34.26 -39.37
CA PHE C 273 -42.65 33.36 -38.33
C PHE C 273 -41.64 32.26 -38.10
N SER C 274 -41.95 31.33 -37.22
CA SER C 274 -41.03 30.24 -36.98
C SER C 274 -41.72 29.09 -36.26
N TYR C 275 -41.15 27.91 -36.38
CA TYR C 275 -41.71 26.76 -35.71
C TYR C 275 -40.65 25.69 -35.61
N TYR C 276 -40.79 24.78 -34.64
CA TYR C 276 -39.83 23.70 -34.49
C TYR C 276 -40.50 22.35 -34.66
N LEU C 277 -39.73 21.39 -35.17
CA LEU C 277 -40.24 20.06 -35.41
C LEU C 277 -39.80 19.12 -34.29
N LEU C 278 -40.69 18.23 -33.89
CA LEU C 278 -40.46 17.27 -32.84
C LEU C 278 -41.60 16.25 -33.00
N PRO C 279 -41.37 15.23 -33.81
CA PRO C 279 -42.31 14.15 -34.11
C PRO C 279 -42.69 13.24 -32.96
N PHE C 280 -43.69 12.39 -33.20
CA PHE C 280 -44.15 11.44 -32.20
C PHE C 280 -43.82 10.05 -32.69
N THR C 281 -44.05 9.04 -31.86
CA THR C 281 -43.79 7.70 -32.33
C THR C 281 -45.09 6.95 -32.13
N VAL C 282 -45.83 6.74 -33.22
CA VAL C 282 -47.07 6.02 -33.07
C VAL C 282 -46.70 4.62 -32.59
N LEU C 283 -47.53 4.05 -31.74
CA LEU C 283 -47.22 2.74 -31.20
C LEU C 283 -47.73 1.61 -32.04
N ASP C 284 -48.46 0.71 -31.41
CA ASP C 284 -49.00 -0.46 -32.09
C ASP C 284 -49.95 -0.08 -33.23
N ASN C 285 -49.40 0.22 -34.40
CA ASN C 285 -50.19 0.60 -35.56
C ASN C 285 -49.63 -0.16 -36.76
N ALA C 286 -50.48 -0.70 -37.62
CA ALA C 286 -49.94 -1.48 -38.72
C ALA C 286 -49.53 -0.71 -39.94
N GLN C 287 -49.69 0.60 -39.94
CA GLN C 287 -49.34 1.41 -41.13
C GLN C 287 -48.24 2.40 -40.91
N HIS C 288 -48.40 3.21 -39.87
CA HIS C 288 -47.43 4.25 -39.59
C HIS C 288 -46.75 3.98 -38.29
N ASP C 289 -45.55 4.51 -38.13
CA ASP C 289 -44.91 4.34 -36.85
C ASP C 289 -44.34 5.69 -36.40
N GLU C 290 -44.69 6.74 -37.13
CA GLU C 290 -44.22 8.09 -36.81
C GLU C 290 -45.21 9.15 -37.30
N LEU C 291 -45.52 10.10 -36.41
CA LEU C 291 -46.44 11.21 -36.70
C LEU C 291 -45.69 12.54 -36.76
N GLY C 292 -45.87 13.30 -37.83
CA GLY C 292 -45.15 14.57 -37.94
C GLY C 292 -45.79 15.76 -37.26
N ILE C 293 -45.11 16.31 -36.26
CA ILE C 293 -45.62 17.47 -35.53
C ILE C 293 -44.67 18.65 -35.70
N ALA C 294 -45.22 19.85 -35.56
CA ALA C 294 -44.48 21.09 -35.68
C ALA C 294 -45.17 22.08 -34.73
N TYR C 295 -44.38 22.83 -33.94
CA TYR C 295 -44.93 23.78 -33.00
C TYR C 295 -44.61 25.20 -33.42
N LEU C 296 -45.57 26.11 -33.27
CA LEU C 296 -45.40 27.52 -33.62
C LEU C 296 -44.53 28.22 -32.60
N PHE C 297 -43.38 28.72 -33.04
CA PHE C 297 -42.49 29.37 -32.11
C PHE C 297 -42.82 30.86 -32.04
N TYR C 298 -41.97 31.70 -32.59
CA TYR C 298 -42.19 33.13 -32.57
C TYR C 298 -42.48 33.67 -33.96
N TYR C 299 -43.12 34.84 -34.00
CA TYR C 299 -43.49 35.49 -35.26
C TYR C 299 -43.74 36.96 -34.98
N ALA C 300 -43.81 37.76 -36.04
CA ALA C 300 -44.04 39.20 -35.93
C ALA C 300 -44.53 39.74 -37.26
N SER C 301 -45.24 40.86 -37.22
CA SER C 301 -45.77 41.47 -38.44
C SER C 301 -45.87 42.97 -38.25
N ASP C 302 -45.22 43.75 -39.12
CA ASP C 302 -45.23 45.22 -39.01
C ASP C 302 -46.56 45.83 -39.41
N SER C 303 -47.66 45.13 -39.15
CA SER C 303 -48.97 45.62 -39.51
C SER C 303 -49.90 45.66 -38.32
N PHE C 304 -49.39 45.38 -37.14
CA PHE C 304 -50.23 45.36 -35.95
C PHE C 304 -51.07 46.60 -35.78
N GLU C 305 -50.62 47.68 -36.41
CA GLU C 305 -51.27 48.98 -36.36
C GLU C 305 -52.41 49.08 -37.39
N LYS C 306 -52.11 48.95 -38.67
CA LYS C 306 -53.16 49.03 -39.69
C LYS C 306 -54.36 48.14 -39.34
N PRO C 307 -55.49 48.33 -40.04
CA PRO C 307 -56.69 47.52 -39.78
C PRO C 307 -56.70 46.22 -40.58
N ASN C 308 -55.63 45.98 -41.33
CA ASN C 308 -55.54 44.75 -42.13
C ASN C 308 -54.74 43.67 -41.43
N TYR C 309 -54.55 43.82 -40.11
CA TYR C 309 -53.80 42.84 -39.30
C TYR C 309 -54.45 41.47 -39.45
N LYS C 310 -55.55 41.24 -38.74
CA LYS C 310 -56.23 39.95 -38.82
C LYS C 310 -56.09 39.34 -40.19
N LYS C 311 -56.23 40.11 -41.25
CA LYS C 311 -56.10 39.52 -42.59
C LYS C 311 -54.67 39.03 -42.82
N ARG C 312 -53.69 39.89 -42.53
CA ARG C 312 -52.27 39.56 -42.72
C ARG C 312 -51.82 38.38 -41.83
N LEU C 313 -52.09 38.51 -40.54
CA LEU C 313 -51.72 37.47 -39.62
C LEU C 313 -52.25 36.17 -40.16
N ASN C 314 -53.50 36.19 -40.63
CA ASN C 314 -54.11 34.97 -41.16
C ASN C 314 -53.51 34.40 -42.43
N GLU C 315 -52.88 35.24 -43.24
CA GLU C 315 -52.22 34.76 -44.45
C GLU C 315 -50.84 34.29 -43.99
N LEU C 316 -50.24 35.08 -43.11
CA LEU C 316 -48.92 34.79 -42.61
C LEU C 316 -48.89 33.38 -42.06
N ILE C 317 -49.82 33.08 -41.14
CA ILE C 317 -49.87 31.76 -40.54
C ILE C 317 -50.22 30.67 -41.55
N THR C 318 -51.13 30.97 -42.47
CA THR C 318 -51.54 30.02 -43.46
C THR C 318 -50.36 29.56 -44.31
N ASP C 319 -49.44 30.45 -44.63
CA ASP C 319 -48.30 30.00 -45.43
C ASP C 319 -47.41 29.12 -44.58
N ALA C 320 -47.43 29.37 -43.27
CA ALA C 320 -46.65 28.59 -42.34
C ALA C 320 -47.08 27.12 -42.45
N LEU C 321 -48.40 26.91 -42.53
CA LEU C 321 -48.96 25.58 -42.65
C LEU C 321 -48.58 24.88 -43.95
N ILE C 322 -48.36 25.65 -45.01
CA ILE C 322 -48.03 25.03 -46.28
C ILE C 322 -46.57 24.63 -46.38
N THR C 323 -45.74 25.33 -45.63
CA THR C 323 -44.30 25.09 -45.63
C THR C 323 -44.00 23.76 -45.00
N SER C 324 -44.67 23.50 -43.89
CA SER C 324 -44.50 22.27 -43.17
C SER C 324 -44.71 21.02 -44.02
N LYS C 325 -45.64 21.08 -44.96
CA LYS C 325 -45.89 19.91 -45.78
C LYS C 325 -44.59 19.38 -46.36
N LYS C 326 -43.65 20.28 -46.58
CA LYS C 326 -42.34 19.93 -47.15
C LYS C 326 -41.46 19.18 -46.15
N PHE C 327 -41.83 19.24 -44.88
CA PHE C 327 -41.06 18.58 -43.83
C PHE C 327 -41.82 17.44 -43.15
N GLY C 328 -42.81 16.92 -43.85
CA GLY C 328 -43.59 15.83 -43.31
C GLY C 328 -44.35 16.13 -42.04
N VAL C 329 -45.17 17.17 -42.05
CA VAL C 329 -45.96 17.50 -40.87
C VAL C 329 -47.38 16.99 -41.12
N ASP C 330 -47.95 16.30 -40.14
CA ASP C 330 -49.29 15.75 -40.25
C ASP C 330 -50.25 16.66 -39.50
N VAL C 331 -49.78 17.34 -38.47
CA VAL C 331 -50.61 18.25 -37.69
C VAL C 331 -49.78 19.37 -37.10
N PHE C 332 -50.21 20.61 -37.36
CA PHE C 332 -49.53 21.82 -36.89
C PHE C 332 -50.12 22.21 -35.55
N ASN C 333 -49.26 22.49 -34.55
CA ASN C 333 -49.75 22.89 -33.22
C ASN C 333 -49.34 24.28 -32.84
N CYS C 334 -49.99 24.78 -31.78
CA CYS C 334 -49.72 26.11 -31.21
C CYS C 334 -50.67 26.30 -30.09
N LEU C 335 -50.34 27.20 -29.19
CA LEU C 335 -51.21 27.48 -28.05
C LEU C 335 -52.01 28.75 -28.31
N THR C 336 -52.91 29.06 -27.39
CA THR C 336 -53.75 30.25 -27.48
C THR C 336 -52.98 31.47 -26.99
N CYS C 337 -51.76 31.24 -26.50
CA CYS C 337 -50.89 32.32 -26.01
C CYS C 337 -50.64 33.28 -27.17
N GLN C 338 -49.80 34.29 -26.94
CA GLN C 338 -49.50 35.28 -27.96
C GLN C 338 -50.79 35.79 -28.58
N ASP C 339 -50.70 36.25 -29.82
CA ASP C 339 -51.84 36.80 -30.51
C ASP C 339 -52.36 35.70 -31.43
N ASN C 340 -52.31 34.47 -30.98
CA ASN C 340 -52.75 33.37 -31.82
C ASN C 340 -54.25 33.25 -32.01
N THR C 341 -55.02 33.63 -31.00
CA THR C 341 -56.48 33.55 -31.09
C THR C 341 -57.07 34.36 -32.25
N TYR C 342 -56.27 35.23 -32.85
CA TYR C 342 -56.72 36.05 -33.98
C TYR C 342 -56.78 35.24 -35.27
N PHE C 343 -56.15 34.07 -35.30
CA PHE C 343 -56.14 33.26 -36.51
C PHE C 343 -56.55 31.81 -36.35
N LEU C 344 -56.88 31.42 -35.13
CA LEU C 344 -57.28 30.05 -34.85
C LEU C 344 -58.44 29.59 -35.70
N LYS C 345 -59.55 30.35 -35.71
CA LYS C 345 -60.74 30.02 -36.50
C LYS C 345 -60.48 29.95 -38.00
N ASP C 346 -60.25 31.11 -38.60
CA ASP C 346 -60.02 31.15 -40.04
C ASP C 346 -58.86 30.28 -40.51
N CYS C 347 -58.11 29.72 -39.57
CA CYS C 347 -57.02 28.86 -39.99
C CYS C 347 -57.24 27.41 -39.60
N LYS C 348 -58.49 27.07 -39.36
CA LYS C 348 -58.82 25.71 -39.04
C LYS C 348 -58.02 25.13 -37.87
N PHE C 349 -57.90 25.87 -36.78
CA PHE C 349 -57.19 25.32 -35.63
C PHE C 349 -58.26 24.93 -34.62
N GLY C 350 -58.48 23.64 -34.44
CA GLY C 350 -59.46 23.22 -33.45
C GLY C 350 -58.86 23.06 -32.06
N SER C 351 -59.63 23.36 -31.01
CA SER C 351 -59.12 23.25 -29.65
C SER C 351 -58.57 21.86 -29.38
N GLY C 352 -57.88 21.69 -28.26
CA GLY C 352 -57.28 20.40 -27.97
C GLY C 352 -57.70 19.79 -26.66
N ASP C 353 -56.85 18.92 -26.14
CA ASP C 353 -57.13 18.22 -24.90
C ASP C 353 -56.33 18.77 -23.73
N GLY C 354 -55.12 19.25 -24.01
CA GLY C 354 -54.26 19.75 -22.94
C GLY C 354 -54.37 21.19 -22.50
N PHE C 355 -53.82 21.46 -21.32
CA PHE C 355 -53.82 22.80 -20.74
C PHE C 355 -52.46 23.09 -20.12
N LEU C 356 -51.70 23.96 -20.78
CA LEU C 356 -50.38 24.30 -20.29
C LEU C 356 -50.48 25.41 -19.25
N ASN C 357 -49.58 25.41 -18.29
CA ASN C 357 -49.57 26.43 -17.24
C ASN C 357 -48.19 27.09 -17.10
N TYR C 358 -48.13 28.40 -17.23
CA TYR C 358 -46.85 29.07 -17.08
C TYR C 358 -46.62 29.39 -15.62
N TYR C 359 -45.37 29.43 -15.19
CA TYR C 359 -45.10 29.75 -13.81
C TYR C 359 -43.89 30.64 -13.64
N LEU C 360 -44.09 31.71 -12.89
CA LEU C 360 -43.02 32.64 -12.63
C LEU C 360 -42.64 32.29 -11.22
N PHE C 361 -41.41 31.83 -11.06
CA PHE C 361 -40.92 31.42 -9.77
C PHE C 361 -40.24 32.55 -9.02
N ASN C 362 -40.68 32.79 -7.80
CA ASN C 362 -40.08 33.83 -6.99
C ASN C 362 -40.17 35.22 -7.62
N TYR C 363 -41.40 35.70 -7.76
CA TYR C 363 -41.65 37.01 -8.33
C TYR C 363 -43.16 37.15 -8.42
N ARG C 364 -43.68 38.26 -7.93
CA ARG C 364 -45.10 38.47 -7.99
C ARG C 364 -45.46 39.39 -9.15
N THR C 365 -46.60 39.13 -9.79
CA THR C 365 -47.09 39.95 -10.89
C THR C 365 -48.52 39.51 -11.18
N PHE C 366 -49.31 40.47 -11.63
CA PHE C 366 -50.72 40.22 -11.92
C PHE C 366 -50.93 39.07 -12.89
N PRO C 367 -52.03 38.34 -12.71
CA PRO C 367 -52.36 37.21 -13.58
C PRO C 367 -52.48 37.79 -14.97
N MET C 368 -52.47 36.95 -15.98
CA MET C 368 -52.58 37.45 -17.33
C MET C 368 -53.55 36.61 -18.12
N ASP C 369 -53.96 37.09 -19.28
CA ASP C 369 -54.88 36.34 -20.10
C ASP C 369 -54.14 35.26 -20.90
N GLY C 370 -54.62 34.02 -20.81
CA GLY C 370 -53.99 32.93 -21.51
C GLY C 370 -54.60 32.66 -22.87
N GLY C 371 -55.68 33.39 -23.17
CA GLY C 371 -56.36 33.22 -24.44
C GLY C 371 -57.68 32.47 -24.36
N ILE C 372 -58.02 31.99 -23.17
CA ILE C 372 -59.27 31.27 -22.96
C ILE C 372 -60.12 31.88 -21.83
N ASP C 373 -61.41 31.55 -21.79
CA ASP C 373 -62.31 32.04 -20.74
C ASP C 373 -61.86 31.42 -19.44
N LYS C 374 -61.58 32.26 -18.46
CA LYS C 374 -61.10 31.77 -17.17
C LYS C 374 -62.20 30.99 -16.42
N LYS C 375 -63.34 30.82 -17.08
CA LYS C 375 -64.46 30.12 -16.47
C LYS C 375 -64.90 28.85 -17.19
N THR C 376 -65.14 28.95 -18.49
CA THR C 376 -65.58 27.80 -19.27
C THR C 376 -64.40 27.05 -19.89
N LYS C 377 -63.24 27.70 -19.90
CA LYS C 377 -62.03 27.13 -20.47
C LYS C 377 -62.19 26.91 -21.98
N GLU C 378 -62.80 27.88 -22.67
CA GLU C 378 -62.98 27.80 -24.14
C GLU C 378 -62.21 28.96 -24.75
N VAL C 379 -61.98 28.89 -26.06
CA VAL C 379 -61.22 29.93 -26.76
C VAL C 379 -62.03 31.20 -27.06
N VAL C 380 -61.33 32.34 -27.06
CA VAL C 380 -61.95 33.63 -27.34
C VAL C 380 -61.25 34.29 -28.50
N GLU C 381 -61.93 34.40 -29.64
CA GLU C 381 -61.38 35.02 -30.82
C GLU C 381 -60.81 36.40 -30.58
N ASP C 382 -60.15 36.92 -31.61
CA ASP C 382 -59.54 38.24 -31.62
C ASP C 382 -59.06 38.69 -30.24
N GLN C 383 -58.48 37.75 -29.51
CA GLN C 383 -57.95 38.03 -28.18
C GLN C 383 -56.44 38.23 -28.25
N THR C 384 -55.89 38.91 -27.26
CA THR C 384 -54.45 39.11 -27.23
C THR C 384 -53.95 38.79 -25.84
N SER C 385 -53.35 37.60 -25.70
CA SER C 385 -52.80 37.09 -24.44
C SER C 385 -51.59 37.86 -23.94
N GLY C 386 -51.47 37.95 -22.62
CA GLY C 386 -50.34 38.65 -22.05
C GLY C 386 -49.05 37.90 -22.29
N ILE C 387 -49.14 36.56 -22.32
CA ILE C 387 -48.00 35.67 -22.54
C ILE C 387 -47.39 35.84 -23.91
N GLY C 388 -46.28 36.54 -23.98
CA GLY C 388 -45.62 36.75 -25.26
C GLY C 388 -44.41 35.84 -25.37
N VAL C 389 -44.07 35.17 -24.26
CA VAL C 389 -42.94 34.25 -24.19
C VAL C 389 -43.37 32.86 -24.61
N VAL C 390 -42.45 32.05 -25.10
CA VAL C 390 -42.84 30.71 -25.52
C VAL C 390 -41.84 29.62 -25.11
N LEU C 391 -42.29 28.68 -24.29
CA LEU C 391 -41.45 27.61 -23.85
C LEU C 391 -41.59 26.40 -24.78
N LEU C 392 -40.48 25.66 -24.89
CA LEU C 392 -40.40 24.46 -25.72
C LEU C 392 -41.16 23.35 -25.10
N VAL D 13 -28.10 29.93 0.89
CA VAL D 13 -27.48 29.53 -0.41
C VAL D 13 -26.55 28.35 -0.25
N PRO D 14 -27.11 27.16 0.01
CA PRO D 14 -26.32 25.94 0.20
C PRO D 14 -25.30 25.65 -0.90
N ASN D 15 -24.08 25.33 -0.49
CA ASN D 15 -23.04 25.00 -1.46
C ASN D 15 -22.93 23.49 -1.77
N ASP D 16 -23.74 22.65 -1.13
CA ASP D 16 -23.71 21.22 -1.41
C ASP D 16 -25.08 20.75 -1.92
N PRO D 17 -25.09 19.80 -2.86
CA PRO D 17 -26.32 19.27 -3.42
C PRO D 17 -27.32 18.91 -2.34
N LEU D 18 -28.59 19.09 -2.64
CA LEU D 18 -29.62 18.78 -1.68
C LEU D 18 -29.72 17.29 -1.42
N PRO D 19 -30.18 16.93 -0.20
CA PRO D 19 -30.33 15.54 0.21
C PRO D 19 -31.49 14.92 -0.54
N LEU D 20 -31.25 13.77 -1.16
CA LEU D 20 -32.31 13.10 -1.91
C LEU D 20 -33.22 12.27 -1.00
N ILE D 21 -34.26 11.66 -1.56
CA ILE D 21 -35.20 10.87 -0.77
C ILE D 21 -34.59 9.67 -0.07
N SER D 22 -35.18 9.31 1.07
CA SER D 22 -34.72 8.16 1.87
C SER D 22 -35.92 7.35 2.41
N ASP D 23 -35.74 6.04 2.57
CA ASP D 23 -36.81 5.17 3.07
C ASP D 23 -36.73 4.93 4.56
N PHE D 24 -35.93 5.77 5.24
CA PHE D 24 -35.75 5.68 6.67
C PHE D 24 -35.95 7.05 7.30
N GLU D 25 -36.36 7.05 8.56
CA GLU D 25 -36.55 8.27 9.31
C GLU D 25 -36.14 8.03 10.75
N TRP D 26 -35.71 9.09 11.44
CA TRP D 26 -35.27 8.97 12.83
C TRP D 26 -36.41 8.55 13.73
N SER D 27 -36.07 7.96 14.87
CA SER D 27 -37.06 7.52 15.84
C SER D 27 -36.47 7.64 17.22
N THR D 28 -37.13 8.44 18.06
CA THR D 28 -36.67 8.63 19.43
C THR D 28 -37.15 7.41 20.19
N LEU D 29 -36.24 6.51 20.53
CA LEU D 29 -36.63 5.31 21.24
C LEU D 29 -37.09 5.57 22.66
N ASP D 30 -38.03 4.75 23.12
CA ASP D 30 -38.56 4.82 24.48
C ASP D 30 -38.53 3.43 25.08
N ILE D 31 -37.38 3.04 25.64
CA ILE D 31 -37.22 1.73 26.22
C ILE D 31 -38.14 1.44 27.41
N ASP D 32 -38.90 2.45 27.85
CA ASP D 32 -39.83 2.30 28.95
C ASP D 32 -41.06 1.60 28.43
N ASP D 33 -41.50 2.00 27.24
CA ASP D 33 -42.63 1.37 26.60
C ASP D 33 -42.11 -0.02 26.19
N ASN D 34 -42.37 -1.00 27.03
CA ASN D 34 -41.92 -2.37 26.78
C ASN D 34 -41.95 -2.74 25.31
N LEU D 35 -43.01 -2.34 24.62
CA LEU D 35 -43.11 -2.64 23.20
C LEU D 35 -41.85 -2.30 22.43
N GLN D 36 -41.31 -1.10 22.67
CA GLN D 36 -40.09 -0.64 21.98
C GLN D 36 -38.83 -1.30 22.56
N LEU D 37 -38.80 -1.42 23.87
CA LEU D 37 -37.66 -2.03 24.52
C LEU D 37 -37.46 -3.40 23.95
N ASP D 38 -38.54 -3.99 23.42
CA ASP D 38 -38.47 -5.32 22.85
C ASP D 38 -37.86 -5.27 21.47
N GLU D 39 -38.20 -4.21 20.73
CA GLU D 39 -37.67 -4.02 19.39
C GLU D 39 -36.18 -3.86 19.57
N LEU D 40 -35.76 -3.00 20.50
CA LEU D 40 -34.34 -2.78 20.71
C LEU D 40 -33.63 -4.11 20.90
N TYR D 41 -33.99 -4.82 21.96
CA TYR D 41 -33.41 -6.12 22.28
C TYR D 41 -33.37 -7.04 21.07
N LYS D 42 -34.51 -7.21 20.41
CA LYS D 42 -34.57 -8.07 19.23
C LYS D 42 -33.59 -7.61 18.17
N LEU D 43 -33.38 -6.31 18.09
CA LEU D 43 -32.47 -5.71 17.10
C LEU D 43 -31.02 -6.02 17.39
N LEU D 44 -30.65 -5.73 18.63
CA LEU D 44 -29.30 -5.96 19.07
C LEU D 44 -28.97 -7.45 19.06
N TYR D 45 -29.96 -8.28 19.39
CA TYR D 45 -29.75 -9.72 19.41
C TYR D 45 -29.06 -10.21 18.14
N ASP D 46 -29.84 -10.47 17.09
CA ASP D 46 -29.27 -10.98 15.84
C ASP D 46 -28.32 -10.04 15.11
N ASN D 47 -28.41 -8.75 15.40
CA ASN D 47 -27.59 -7.80 14.67
C ASN D 47 -26.33 -7.26 15.32
N TYR D 48 -26.34 -7.13 16.64
CA TYR D 48 -25.17 -6.60 17.32
C TYR D 48 -23.90 -7.43 17.05
N VAL D 49 -22.91 -6.61 17.07
CA VAL D 49 -21.60 -7.10 16.70
C VAL D 49 -21.32 -8.52 17.16
N GLU D 50 -20.74 -9.32 16.28
CA GLU D 50 -20.39 -10.70 16.64
C GLU D 50 -18.97 -10.61 17.21
N ASP D 51 -18.02 -10.69 16.29
CA ASP D 51 -16.60 -10.65 16.63
C ASP D 51 -15.75 -10.58 15.33
N ILE D 52 -14.47 -10.28 15.50
CA ILE D 52 -13.52 -10.19 14.38
C ILE D 52 -13.75 -11.29 13.34
N ASP D 53 -14.16 -12.48 13.79
CA ASP D 53 -14.40 -13.59 12.87
C ASP D 53 -15.82 -14.17 12.83
N ALA D 54 -16.80 -13.31 13.17
CA ALA D 54 -18.21 -13.68 13.17
C ALA D 54 -18.45 -15.05 13.79
N THR D 55 -17.58 -15.51 14.59
CA THR D 55 -17.65 -16.71 15.42
C THR D 55 -17.89 -16.42 16.91
N PHE D 56 -18.98 -15.72 17.21
CA PHE D 56 -19.35 -15.39 18.59
C PHE D 56 -20.51 -14.42 18.73
N ARG D 57 -21.52 -14.84 19.50
CA ARG D 57 -22.69 -13.99 19.74
C ARG D 57 -22.75 -13.50 21.18
N PHE D 58 -23.79 -12.72 21.47
CA PHE D 58 -24.03 -12.14 22.80
C PHE D 58 -25.38 -12.66 23.29
N LYS D 59 -25.76 -12.30 24.51
CA LYS D 59 -27.02 -12.77 25.09
C LYS D 59 -27.67 -11.72 26.00
N TYR D 60 -27.73 -10.48 25.51
CA TYR D 60 -28.31 -9.37 26.28
C TYR D 60 -29.43 -9.85 27.17
N SER D 61 -29.51 -9.26 28.36
CA SER D 61 -30.55 -9.67 29.29
C SER D 61 -31.83 -8.89 29.05
N HIS D 62 -32.27 -8.16 30.07
CA HIS D 62 -33.47 -7.36 30.02
C HIS D 62 -33.37 -6.43 31.22
N GLU D 63 -32.74 -6.93 32.27
CA GLU D 63 -32.57 -6.14 33.50
C GLU D 63 -31.29 -5.33 33.44
N PHE D 64 -30.61 -5.43 32.30
CA PHE D 64 -29.36 -4.72 32.07
C PHE D 64 -29.61 -3.33 31.52
N PHE D 65 -30.23 -3.29 30.34
CA PHE D 65 -30.56 -2.05 29.64
C PHE D 65 -31.04 -0.97 30.61
N GLN D 66 -32.08 -1.32 31.36
CA GLN D 66 -32.70 -0.42 32.34
C GLN D 66 -31.67 0.40 33.14
N TRP D 67 -30.76 -0.30 33.80
CA TRP D 67 -29.73 0.34 34.60
C TRP D 67 -28.77 1.06 33.68
N ALA D 68 -28.22 0.29 32.75
CA ALA D 68 -27.24 0.80 31.79
C ALA D 68 -27.73 1.88 30.83
N LEU D 69 -28.87 2.49 31.11
CA LEU D 69 -29.37 3.54 30.21
C LEU D 69 -30.19 4.61 30.88
N LYS D 70 -30.61 4.38 32.12
CA LYS D 70 -31.43 5.36 32.80
C LYS D 70 -30.82 6.07 34.01
N PRO D 71 -29.46 6.10 34.12
CA PRO D 71 -28.83 6.79 35.25
C PRO D 71 -29.21 8.27 35.28
N PRO D 72 -29.46 8.83 36.48
CA PRO D 72 -29.85 10.24 36.65
C PRO D 72 -29.14 11.22 35.71
N GLY D 73 -29.95 12.04 35.03
CA GLY D 73 -29.41 13.00 34.10
C GLY D 73 -29.36 12.48 32.66
N TRP D 74 -30.18 11.49 32.35
CA TRP D 74 -30.20 10.96 30.99
C TRP D 74 -31.37 11.63 30.28
N ARG D 75 -31.51 11.37 28.99
CA ARG D 75 -32.58 11.98 28.20
C ARG D 75 -33.01 11.00 27.12
N LYS D 76 -34.32 10.92 26.87
CA LYS D 76 -34.87 10.00 25.88
C LYS D 76 -34.44 10.30 24.44
N ASP D 77 -34.36 11.58 24.10
CA ASP D 77 -33.96 11.96 22.78
C ASP D 77 -32.52 11.50 22.53
N TRP D 78 -31.85 11.00 23.56
CA TRP D 78 -30.49 10.52 23.36
C TRP D 78 -30.49 9.02 23.09
N HIS D 79 -31.68 8.50 22.80
CA HIS D 79 -31.85 7.09 22.48
C HIS D 79 -32.41 7.08 21.08
N VAL D 80 -31.58 7.50 20.15
CA VAL D 80 -31.96 7.61 18.76
C VAL D 80 -31.98 6.25 18.06
N GLY D 81 -33.04 6.00 17.31
CA GLY D 81 -33.15 4.76 16.60
C GLY D 81 -33.42 5.07 15.15
N VAL D 82 -33.70 4.06 14.35
CA VAL D 82 -33.97 4.28 12.93
C VAL D 82 -34.99 3.29 12.43
N ARG D 83 -36.16 3.78 12.02
CA ARG D 83 -37.24 2.93 11.51
C ARG D 83 -37.49 3.09 10.02
N VAL D 84 -38.06 2.08 9.40
CA VAL D 84 -38.35 2.16 7.97
C VAL D 84 -39.73 2.79 7.79
N LYS D 85 -39.77 3.96 7.16
CA LYS D 85 -41.02 4.68 6.96
C LYS D 85 -42.24 3.78 6.71
N SER D 86 -42.09 2.78 5.86
CA SER D 86 -43.19 1.88 5.55
C SER D 86 -43.47 0.89 6.68
N THR D 87 -42.68 -0.18 6.69
CA THR D 87 -42.81 -1.24 7.68
C THR D 87 -42.81 -0.74 9.13
N GLY D 88 -41.95 0.24 9.42
CA GLY D 88 -41.86 0.75 10.78
C GLY D 88 -40.75 0.04 11.55
N LYS D 89 -40.25 -1.06 11.00
CA LYS D 89 -39.19 -1.82 11.65
C LYS D 89 -38.00 -0.96 12.06
N LEU D 90 -37.34 -1.36 13.14
CA LEU D 90 -36.19 -0.66 13.66
C LEU D 90 -34.95 -1.32 13.06
N VAL D 91 -34.03 -0.53 12.54
CA VAL D 91 -32.85 -1.08 11.92
C VAL D 91 -31.54 -0.45 12.37
N ALA D 92 -31.61 0.42 13.36
CA ALA D 92 -30.39 1.03 13.85
C ALA D 92 -30.62 1.74 15.18
N PHE D 93 -29.57 1.85 15.96
CA PHE D 93 -29.69 2.47 17.24
C PHE D 93 -28.34 2.98 17.70
N ILE D 94 -28.35 4.17 18.28
CA ILE D 94 -27.15 4.79 18.81
C ILE D 94 -27.62 5.37 20.13
N ALA D 95 -26.75 5.32 21.15
CA ALA D 95 -27.10 5.81 22.48
C ALA D 95 -25.98 6.65 23.13
N ALA D 96 -26.36 7.69 23.86
CA ALA D 96 -25.39 8.55 24.50
C ALA D 96 -25.85 8.83 25.91
N THR D 97 -25.01 8.49 26.87
CA THR D 97 -25.34 8.70 28.27
C THR D 97 -24.40 9.72 28.89
N PRO D 98 -24.90 10.50 29.86
CA PRO D 98 -24.09 11.52 30.52
C PRO D 98 -22.92 10.97 31.34
N VAL D 99 -21.94 11.83 31.61
CA VAL D 99 -20.75 11.45 32.37
C VAL D 99 -19.72 12.61 32.37
N THR D 100 -18.84 12.63 33.37
CA THR D 100 -17.81 13.68 33.47
C THR D 100 -16.44 13.08 33.75
N PHE D 101 -15.55 13.10 32.77
CA PHE D 101 -14.20 12.54 33.00
C PHE D 101 -13.18 13.62 33.36
N LYS D 102 -12.68 13.56 34.58
CA LYS D 102 -11.72 14.52 35.09
C LYS D 102 -10.39 14.52 34.37
N LEU D 103 -9.86 15.72 34.14
CA LEU D 103 -8.57 15.89 33.49
C LEU D 103 -7.51 16.20 34.57
N ASN D 104 -7.07 15.14 35.26
CA ASN D 104 -6.10 15.27 36.34
C ASN D 104 -4.81 16.01 35.95
N LYS D 105 -4.50 16.07 34.66
CA LYS D 105 -3.29 16.76 34.23
C LYS D 105 -3.26 18.17 34.82
N SER D 106 -4.43 18.78 34.93
CA SER D 106 -4.55 20.13 35.45
C SER D 106 -5.89 20.38 36.14
N ASN D 107 -6.75 19.37 36.17
CA ASN D 107 -8.09 19.48 36.76
C ASN D 107 -9.02 20.26 35.81
N LYS D 108 -9.61 19.54 34.87
CA LYS D 108 -10.52 20.11 33.89
C LYS D 108 -11.83 19.31 33.89
N VAL D 109 -12.75 19.68 34.78
CA VAL D 109 -14.04 19.01 34.86
C VAL D 109 -14.80 19.31 33.59
N ILE D 110 -15.15 18.28 32.82
CA ILE D 110 -15.88 18.51 31.59
C ILE D 110 -17.06 17.60 31.36
N ASP D 111 -18.23 18.20 31.28
CA ASP D 111 -19.43 17.44 31.02
C ASP D 111 -19.27 16.74 29.67
N SER D 112 -19.45 15.42 29.67
CA SER D 112 -19.33 14.62 28.45
C SER D 112 -20.37 13.50 28.36
N VAL D 113 -20.26 12.70 27.32
CA VAL D 113 -21.21 11.62 27.11
C VAL D 113 -20.42 10.40 26.70
N GLU D 114 -21.03 9.23 26.87
CA GLU D 114 -20.37 8.00 26.47
C GLU D 114 -21.20 7.35 25.37
N ILE D 115 -20.77 7.49 24.12
CA ILE D 115 -21.51 6.91 23.03
C ILE D 115 -21.49 5.41 23.18
N ASN D 116 -22.66 4.77 23.06
CA ASN D 116 -22.74 3.33 23.19
C ASN D 116 -23.91 2.70 22.48
N PHE D 117 -23.89 1.38 22.45
CA PHE D 117 -24.94 0.58 21.83
C PHE D 117 -25.18 0.86 20.37
N LEU D 118 -24.13 1.29 19.69
CA LEU D 118 -24.27 1.55 18.28
C LEU D 118 -24.53 0.18 17.63
N CYS D 119 -25.53 0.12 16.77
CA CYS D 119 -25.86 -1.13 16.14
C CYS D 119 -26.58 -0.93 14.83
N ILE D 120 -26.06 -1.51 13.76
CA ILE D 120 -26.70 -1.37 12.46
C ILE D 120 -27.31 -2.71 12.04
N HIS D 121 -28.56 -2.68 11.58
CA HIS D 121 -29.20 -3.93 11.15
C HIS D 121 -28.37 -4.56 10.03
N LYS D 122 -28.30 -5.88 10.04
CA LYS D 122 -27.54 -6.64 9.05
C LYS D 122 -27.95 -6.30 7.61
N LYS D 123 -29.25 -6.09 7.40
CA LYS D 123 -29.76 -5.78 6.06
C LYS D 123 -29.26 -4.45 5.52
N LEU D 124 -28.81 -3.56 6.42
CA LEU D 124 -28.30 -2.22 6.04
C LEU D 124 -26.81 -2.01 6.30
N ARG D 125 -26.09 -3.07 6.61
CA ARG D 125 -24.65 -2.99 6.88
C ARG D 125 -23.86 -2.60 5.62
N ASN D 126 -22.74 -1.91 5.82
CA ASN D 126 -21.93 -1.50 4.69
C ASN D 126 -22.73 -0.53 3.85
N LYS D 127 -23.46 0.37 4.51
CA LYS D 127 -24.27 1.34 3.78
C LYS D 127 -23.96 2.76 4.21
N ARG D 128 -22.88 2.93 4.98
CA ARG D 128 -22.47 4.24 5.45
C ARG D 128 -23.44 4.84 6.48
N LEU D 129 -24.39 4.04 6.93
CA LEU D 129 -25.34 4.51 7.91
C LEU D 129 -24.61 4.87 9.22
N ALA D 130 -23.62 4.07 9.59
CA ALA D 130 -22.90 4.30 10.83
C ALA D 130 -22.53 5.75 11.14
N PRO D 131 -21.79 6.41 10.25
CA PRO D 131 -21.36 7.81 10.44
C PRO D 131 -22.51 8.77 10.68
N VAL D 132 -23.56 8.66 9.87
CA VAL D 132 -24.72 9.52 10.01
C VAL D 132 -25.22 9.41 11.45
N LEU D 133 -25.14 8.22 12.01
CA LEU D 133 -25.57 8.01 13.38
C LEU D 133 -24.75 8.88 14.32
N ILE D 134 -23.44 8.69 14.29
CA ILE D 134 -22.49 9.44 15.13
C ILE D 134 -22.62 10.94 14.95
N LYS D 135 -22.74 11.38 13.70
CA LYS D 135 -22.87 12.77 13.44
C LYS D 135 -24.18 13.27 13.97
N GLU D 136 -25.22 12.45 13.90
CA GLU D 136 -26.52 12.82 14.40
C GLU D 136 -26.57 12.85 15.92
N ILE D 137 -26.25 11.72 16.54
CA ILE D 137 -26.27 11.63 17.99
C ILE D 137 -25.46 12.74 18.62
N THR D 138 -24.43 13.19 17.92
CA THR D 138 -23.57 14.26 18.41
C THR D 138 -24.33 15.59 18.40
N ARG D 139 -24.95 15.87 17.27
CA ARG D 139 -25.72 17.08 17.07
C ARG D 139 -26.69 17.24 18.24
N ARG D 140 -27.30 16.14 18.64
CA ARG D 140 -28.25 16.17 19.72
C ARG D 140 -27.56 16.51 21.03
N VAL D 141 -26.33 16.01 21.21
CA VAL D 141 -25.58 16.28 22.42
C VAL D 141 -25.13 17.73 22.47
N ASN D 142 -24.64 18.24 21.33
CA ASN D 142 -24.19 19.63 21.29
C ASN D 142 -25.34 20.57 21.60
N LYS D 143 -26.56 20.15 21.28
CA LYS D 143 -27.72 20.98 21.55
C LYS D 143 -27.86 21.26 23.04
N GLN D 144 -27.14 20.49 23.86
CA GLN D 144 -27.17 20.67 25.32
C GLN D 144 -25.85 21.27 25.80
N ASN D 145 -25.12 21.87 24.87
CA ASN D 145 -23.84 22.51 25.15
C ASN D 145 -22.73 21.53 25.51
N ILE D 146 -22.94 20.24 25.23
CA ILE D 146 -21.93 19.24 25.52
C ILE D 146 -21.15 19.03 24.23
N TRP D 147 -19.83 19.13 24.30
CA TRP D 147 -19.01 18.96 23.12
C TRP D 147 -17.99 17.85 23.20
N GLN D 148 -17.84 17.26 24.38
CA GLN D 148 -16.87 16.18 24.56
C GLN D 148 -17.55 14.84 24.65
N ALA D 149 -17.21 13.95 23.73
CA ALA D 149 -17.81 12.62 23.70
C ALA D 149 -16.71 11.60 23.60
N LEU D 150 -17.00 10.40 24.09
CA LEU D 150 -16.07 9.27 24.04
C LEU D 150 -16.83 8.06 23.49
N TYR D 151 -16.13 7.21 22.73
CA TYR D 151 -16.74 6.03 22.16
C TYR D 151 -15.72 4.95 21.76
N THR D 152 -15.77 3.80 22.42
CA THR D 152 -14.83 2.72 22.13
C THR D 152 -15.11 2.19 20.73
N GLY D 153 -14.28 1.26 20.28
CA GLY D 153 -14.42 0.68 18.96
C GLY D 153 -13.10 0.06 18.53
N GLY D 154 -13.01 -0.36 17.28
CA GLY D 154 -11.77 -0.97 16.78
C GLY D 154 -10.87 -0.05 15.97
N SER D 155 -9.83 -0.62 15.35
CA SER D 155 -8.92 0.17 14.53
C SER D 155 -9.70 0.82 13.39
N ILE D 156 -10.04 2.09 13.57
CA ILE D 156 -10.80 2.83 12.58
C ILE D 156 -10.19 4.24 12.44
N LEU D 157 -10.92 5.25 12.94
CA LEU D 157 -10.48 6.64 12.87
C LEU D 157 -9.04 6.88 13.34
N PRO D 158 -8.41 7.95 12.82
CA PRO D 158 -7.04 8.31 13.17
C PRO D 158 -6.91 8.76 14.61
N THR D 159 -5.71 8.54 15.18
CA THR D 159 -5.37 8.93 16.55
C THR D 159 -6.31 8.50 17.68
N PRO D 160 -6.15 7.25 18.18
CA PRO D 160 -6.99 6.76 19.27
C PRO D 160 -6.43 7.15 20.64
N LEU D 161 -7.31 7.40 21.61
CA LEU D 161 -6.87 7.77 22.95
C LEU D 161 -5.88 6.72 23.48
N THR D 162 -6.12 5.46 23.12
CA THR D 162 -5.31 4.35 23.57
C THR D 162 -6.03 3.03 23.24
N THR D 163 -5.26 2.02 22.81
CA THR D 163 -5.85 0.73 22.49
C THR D 163 -5.81 -0.18 23.71
N CYS D 164 -6.54 -1.28 23.63
CA CYS D 164 -6.58 -2.25 24.71
C CYS D 164 -6.91 -3.62 24.12
N ARG D 165 -6.27 -4.67 24.62
CA ARG D 165 -6.52 -6.02 24.12
C ARG D 165 -7.40 -6.84 25.07
N TYR D 166 -8.32 -7.63 24.52
CA TYR D 166 -9.19 -8.46 25.36
C TYR D 166 -8.42 -9.66 25.89
N GLN D 167 -8.48 -9.87 27.20
CA GLN D 167 -7.80 -11.00 27.86
C GLN D 167 -8.80 -11.90 28.58
N HIS D 168 -8.94 -13.13 28.08
CA HIS D 168 -9.88 -14.07 28.66
C HIS D 168 -9.30 -15.04 29.71
N ARG D 169 -9.68 -14.81 30.96
CA ARG D 169 -9.25 -15.61 32.10
C ARG D 169 -10.37 -16.60 32.47
N PRO D 170 -10.15 -17.90 32.30
CA PRO D 170 -11.21 -18.86 32.65
C PRO D 170 -11.59 -18.85 34.14
N ILE D 171 -12.41 -19.83 34.51
CA ILE D 171 -12.88 -20.03 35.89
C ILE D 171 -13.47 -21.43 35.93
N ASN D 172 -14.48 -21.62 35.10
CA ASN D 172 -15.20 -22.89 34.96
C ASN D 172 -14.93 -23.36 33.54
N TRP D 173 -13.64 -23.40 33.21
CA TRP D 173 -13.13 -23.80 31.90
C TRP D 173 -13.75 -25.09 31.40
N SER D 174 -13.91 -26.03 32.32
CA SER D 174 -14.47 -27.35 32.01
C SER D 174 -15.57 -27.30 30.94
N LYS D 175 -16.38 -26.25 30.96
CA LYS D 175 -17.44 -26.10 29.97
C LYS D 175 -17.00 -25.10 28.89
N LEU D 176 -16.17 -24.14 29.28
CA LEU D 176 -15.67 -23.11 28.35
C LEU D 176 -15.00 -23.74 27.12
N HIS D 177 -14.05 -24.64 27.38
CA HIS D 177 -13.33 -25.26 26.28
C HIS D 177 -14.30 -25.89 25.28
N ASP D 178 -15.40 -26.43 25.82
CA ASP D 178 -16.47 -27.09 25.03
C ASP D 178 -17.19 -26.16 24.03
N VAL D 179 -16.45 -25.18 23.53
CA VAL D 179 -16.97 -24.22 22.56
C VAL D 179 -15.83 -23.61 21.74
N GLY D 180 -14.63 -23.60 22.33
CA GLY D 180 -13.49 -23.04 21.63
C GLY D 180 -13.22 -21.57 21.89
N PHE D 181 -12.68 -21.28 23.08
CA PHE D 181 -12.36 -19.91 23.49
C PHE D 181 -10.84 -19.86 23.73
N SER D 182 -10.37 -20.49 24.81
CA SER D 182 -8.92 -20.54 25.10
C SER D 182 -8.31 -21.59 24.15
N HIS D 183 -7.65 -22.60 24.72
CA HIS D 183 -7.02 -23.63 23.88
C HIS D 183 -6.79 -24.93 24.65
N LEU D 184 -5.83 -25.71 24.17
CA LEU D 184 -5.45 -27.01 24.77
C LEU D 184 -3.95 -27.01 25.17
N PRO D 185 -3.65 -26.57 26.41
CA PRO D 185 -2.27 -26.51 26.93
C PRO D 185 -1.45 -27.79 26.74
N PRO D 186 -0.47 -27.75 25.80
CA PRO D 186 0.40 -28.90 25.50
C PRO D 186 1.01 -29.60 26.73
N ASN D 187 1.72 -30.69 26.48
CA ASN D 187 2.36 -31.46 27.54
C ASN D 187 1.27 -31.95 28.51
N GLN D 188 0.01 -31.66 28.19
CA GLN D 188 -1.15 -32.05 29.02
C GLN D 188 -2.35 -32.46 28.16
N THR D 189 -3.49 -32.69 28.80
CA THR D 189 -4.70 -33.10 28.08
C THR D 189 -5.91 -32.17 28.32
N LYS D 190 -7.04 -32.78 28.68
CA LYS D 190 -8.28 -32.05 28.95
C LYS D 190 -8.41 -31.82 30.49
N SER D 191 -8.35 -32.90 31.27
CA SER D 191 -8.46 -32.80 32.73
C SER D 191 -7.20 -32.24 33.42
N SER D 192 -6.61 -31.19 32.86
CA SER D 192 -5.43 -30.59 33.45
C SER D 192 -5.56 -29.07 33.50
N MET D 193 -6.79 -28.58 33.59
CA MET D 193 -7.03 -27.14 33.66
C MET D 193 -7.69 -26.77 34.98
N VAL D 194 -8.85 -27.39 35.23
CA VAL D 194 -9.63 -27.19 36.43
C VAL D 194 -8.68 -27.13 37.61
N ALA D 195 -7.75 -28.09 37.62
CA ALA D 195 -6.72 -28.22 38.65
C ALA D 195 -6.41 -26.88 39.32
N SER D 196 -5.64 -26.04 38.65
CA SER D 196 -5.28 -24.73 39.19
C SER D 196 -6.44 -23.74 39.04
N TYR D 197 -7.50 -24.18 38.37
CA TYR D 197 -8.68 -23.36 38.18
C TYR D 197 -9.75 -23.61 39.25
N THR D 198 -9.47 -24.54 40.15
CA THR D 198 -10.38 -24.86 41.24
C THR D 198 -10.07 -23.86 42.36
N LEU D 199 -10.65 -22.66 42.28
CA LEU D 199 -10.40 -21.67 43.33
C LEU D 199 -11.37 -21.88 44.50
N PRO D 200 -11.13 -21.18 45.62
CA PRO D 200 -11.96 -21.27 46.83
C PRO D 200 -13.43 -20.93 46.60
N ASN D 201 -14.15 -20.74 47.70
CA ASN D 201 -15.58 -20.42 47.65
C ASN D 201 -15.95 -19.33 48.66
N ASN D 202 -14.94 -18.86 49.41
CA ASN D 202 -15.15 -17.83 50.41
C ASN D 202 -14.15 -16.70 50.25
N PRO D 203 -14.63 -15.43 50.33
CA PRO D 203 -13.77 -14.24 50.19
C PRO D 203 -12.51 -14.32 51.08
N LYS D 204 -11.33 -14.53 50.48
CA LYS D 204 -10.07 -14.62 51.25
C LYS D 204 -9.79 -13.41 52.12
N LEU D 205 -10.69 -12.42 52.06
CA LEU D 205 -10.58 -11.21 52.87
C LEU D 205 -11.50 -11.31 54.08
N LYS D 206 -11.54 -10.26 54.90
CA LYS D 206 -12.40 -10.25 56.08
C LYS D 206 -13.26 -9.02 56.13
N GLY D 207 -14.55 -9.25 56.41
CA GLY D 207 -15.51 -8.16 56.48
C GLY D 207 -15.83 -7.67 55.09
N LEU D 208 -16.75 -8.36 54.42
CA LEU D 208 -17.17 -7.99 53.07
C LEU D 208 -18.69 -8.08 52.93
N ARG D 209 -19.26 -7.24 52.07
CA ARG D 209 -20.70 -7.24 51.86
C ARG D 209 -21.10 -6.19 50.83
N PRO D 210 -22.34 -6.26 50.32
CA PRO D 210 -22.81 -5.28 49.33
C PRO D 210 -22.75 -3.85 49.93
N MET D 211 -21.96 -2.97 49.32
CA MET D 211 -21.84 -1.57 49.79
C MET D 211 -23.17 -1.05 50.34
N THR D 212 -23.17 -0.67 51.61
CA THR D 212 -24.38 -0.17 52.24
C THR D 212 -24.69 1.24 51.71
N GLY D 213 -25.96 1.65 51.81
CA GLY D 213 -26.37 2.96 51.34
C GLY D 213 -25.54 4.09 51.93
N LYS D 214 -24.74 3.80 52.94
CA LYS D 214 -23.88 4.83 53.56
C LYS D 214 -22.45 4.72 53.03
N ASP D 215 -22.09 3.54 52.54
CA ASP D 215 -20.76 3.23 52.00
C ASP D 215 -20.36 4.08 50.79
N VAL D 216 -21.36 4.69 50.15
CA VAL D 216 -21.12 5.53 48.97
C VAL D 216 -20.09 6.61 49.22
N SER D 217 -20.56 7.81 49.61
CA SER D 217 -19.67 8.94 49.90
C SER D 217 -18.24 8.50 50.16
N THR D 218 -18.07 7.63 51.16
CA THR D 218 -16.78 7.07 51.58
C THR D 218 -15.83 6.72 50.41
N VAL D 219 -16.26 5.76 49.59
CA VAL D 219 -15.49 5.32 48.44
C VAL D 219 -15.32 6.46 47.43
N LEU D 220 -16.35 7.32 47.35
CA LEU D 220 -16.33 8.47 46.45
C LEU D 220 -15.35 9.51 47.03
N SER D 221 -14.94 9.28 48.28
CA SER D 221 -13.99 10.17 48.94
C SER D 221 -12.58 9.58 48.96
N LEU D 222 -12.47 8.29 48.66
CA LEU D 222 -11.16 7.67 48.61
C LEU D 222 -10.85 7.31 47.15
N LEU D 223 -11.88 6.83 46.44
CA LEU D 223 -11.79 6.43 45.03
C LEU D 223 -10.95 7.38 44.19
N TYR D 224 -11.47 8.59 44.01
CA TYR D 224 -10.81 9.62 43.21
C TYR D 224 -9.29 9.64 43.31
N LYS D 225 -8.79 9.65 44.53
CA LYS D 225 -7.35 9.67 44.78
C LYS D 225 -6.69 8.46 44.10
N TYR D 226 -7.17 7.27 44.47
CA TYR D 226 -6.65 6.02 43.92
C TYR D 226 -6.48 6.00 42.38
N GLN D 227 -7.22 6.88 41.68
CA GLN D 227 -7.13 6.93 40.21
C GLN D 227 -6.23 8.05 39.68
N GLU D 228 -5.98 9.06 40.50
CA GLU D 228 -5.17 10.21 40.13
C GLU D 228 -4.13 9.95 39.02
N ARG D 229 -3.18 9.04 39.27
CA ARG D 229 -2.15 8.72 38.29
C ARG D 229 -2.70 8.76 36.86
N PHE D 230 -3.88 8.16 36.71
CA PHE D 230 -4.56 8.07 35.43
C PHE D 230 -4.80 9.44 34.77
N ASP D 231 -4.65 9.45 33.45
CA ASP D 231 -4.82 10.65 32.65
C ASP D 231 -6.31 10.85 32.36
N ILE D 232 -7.09 9.81 32.63
CA ILE D 232 -8.52 9.86 32.40
C ILE D 232 -9.29 9.07 33.45
N VAL D 233 -10.10 9.76 34.25
CA VAL D 233 -10.91 9.12 35.30
C VAL D 233 -12.38 9.49 35.21
N GLN D 234 -13.15 9.03 36.18
CA GLN D 234 -14.57 9.34 36.22
C GLN D 234 -14.88 10.13 37.47
N LEU D 235 -15.63 11.21 37.29
CA LEU D 235 -16.00 12.09 38.39
C LEU D 235 -17.45 11.91 38.80
N PHE D 236 -17.78 10.74 39.35
CA PHE D 236 -19.14 10.49 39.78
C PHE D 236 -19.76 11.57 40.68
N THR D 237 -20.85 11.17 41.34
CA THR D 237 -21.61 11.97 42.30
C THR D 237 -22.32 10.87 43.07
N GLU D 238 -22.39 10.97 44.40
CA GLU D 238 -23.05 9.93 45.18
C GLU D 238 -24.26 9.35 44.45
N GLU D 239 -25.08 10.23 43.86
CA GLU D 239 -26.26 9.80 43.12
C GLU D 239 -25.92 9.04 41.83
N GLU D 240 -24.70 9.25 41.32
CA GLU D 240 -24.23 8.57 40.12
C GLU D 240 -23.42 7.31 40.44
N PHE D 241 -22.50 7.41 41.41
CA PHE D 241 -21.71 6.25 41.77
C PHE D 241 -22.62 5.17 42.36
N LYS D 242 -23.53 5.60 43.23
CA LYS D 242 -24.46 4.67 43.86
C LYS D 242 -25.04 3.78 42.76
N HIS D 243 -25.59 4.44 41.74
CA HIS D 243 -26.19 3.77 40.60
C HIS D 243 -25.25 2.75 39.97
N TRP D 244 -24.21 3.23 39.30
CA TRP D 244 -23.29 2.33 38.63
C TRP D 244 -22.77 1.20 39.49
N MET D 245 -23.16 1.20 40.76
CA MET D 245 -22.71 0.17 41.68
C MET D 245 -23.68 -0.98 41.97
N LEU D 246 -24.94 -0.65 42.27
CA LEU D 246 -25.95 -1.65 42.59
C LEU D 246 -26.87 -2.01 41.42
N GLY D 247 -27.78 -1.09 41.13
CA GLY D 247 -28.74 -1.25 40.05
C GLY D 247 -29.77 -0.14 40.05
N HIS D 248 -30.76 -0.27 39.16
CA HIS D 248 -31.83 0.72 39.06
C HIS D 248 -32.50 0.87 40.43
N ASP D 249 -32.36 -0.15 41.26
CA ASP D 249 -32.91 -0.16 42.62
C ASP D 249 -31.77 -0.22 43.64
N GLU D 250 -31.91 0.52 44.74
CA GLU D 250 -30.90 0.54 45.80
C GLU D 250 -30.88 -0.81 46.53
N ASN D 251 -32.05 -1.25 46.99
CA ASN D 251 -32.19 -2.52 47.71
C ASN D 251 -32.87 -3.60 46.85
N SER D 252 -32.06 -4.41 46.18
CA SER D 252 -32.52 -5.48 45.30
C SER D 252 -31.32 -6.29 44.78
N ASP D 253 -31.47 -6.79 43.55
CA ASP D 253 -30.42 -7.58 42.92
C ASP D 253 -30.69 -7.95 41.46
N SER D 254 -29.77 -7.51 40.59
CA SER D 254 -29.85 -7.78 39.17
C SER D 254 -28.55 -8.45 38.76
N ASN D 255 -28.64 -9.37 37.81
CA ASN D 255 -27.46 -10.11 37.35
C ASN D 255 -26.61 -9.24 36.42
N VAL D 256 -25.86 -8.31 37.02
CA VAL D 256 -24.99 -7.40 36.28
C VAL D 256 -23.86 -6.84 37.13
N VAL D 257 -23.97 -5.57 37.52
CA VAL D 257 -22.96 -4.92 38.34
C VAL D 257 -22.90 -5.54 39.72
N LYS D 258 -21.70 -5.63 40.27
CA LYS D 258 -21.49 -6.21 41.59
C LYS D 258 -20.50 -5.38 42.42
N SER D 259 -20.90 -5.01 43.63
CA SER D 259 -20.04 -4.22 44.52
C SER D 259 -20.26 -4.46 46.02
N TYR D 260 -19.20 -4.92 46.68
CA TYR D 260 -19.21 -5.18 48.13
C TYR D 260 -18.49 -4.06 48.89
N VAL D 261 -18.06 -4.35 50.12
CA VAL D 261 -17.33 -3.38 50.95
C VAL D 261 -16.53 -4.12 52.03
N VAL D 262 -15.25 -3.78 52.14
CA VAL D 262 -14.37 -4.39 53.12
C VAL D 262 -14.24 -3.52 54.37
N GLU D 263 -14.85 -3.97 55.45
CA GLU D 263 -14.82 -3.29 56.75
C GLU D 263 -13.71 -3.94 57.56
N ASP D 264 -12.65 -3.19 57.84
CA ASP D 264 -11.52 -3.72 58.62
C ASP D 264 -12.00 -4.23 60.01
N GLU D 265 -11.07 -4.82 60.76
CA GLU D 265 -11.38 -5.36 62.09
C GLU D 265 -11.92 -4.30 63.07
N ASN D 266 -11.79 -3.03 62.66
CA ASN D 266 -12.24 -1.90 63.48
C ASN D 266 -13.53 -1.24 62.98
N GLY D 267 -13.55 -0.91 61.69
CA GLY D 267 -14.73 -0.27 61.11
C GLY D 267 -14.40 0.95 60.25
N ILE D 268 -13.53 0.76 59.26
CA ILE D 268 -13.14 1.83 58.36
C ILE D 268 -13.10 1.35 56.90
N ILE D 269 -14.14 1.66 56.14
CA ILE D 269 -14.19 1.26 54.72
C ILE D 269 -12.92 1.71 53.97
N THR D 270 -12.18 0.75 53.38
CA THR D 270 -10.96 1.11 52.64
C THR D 270 -10.63 0.12 51.52
N ASP D 271 -11.61 -0.72 51.18
CA ASP D 271 -11.42 -1.72 50.12
C ASP D 271 -12.74 -2.15 49.44
N TYR D 272 -12.77 -2.12 48.09
CA TYR D 272 -13.97 -2.51 47.30
C TYR D 272 -13.60 -3.06 45.91
N PHE D 273 -14.62 -3.47 45.16
CA PHE D 273 -14.46 -4.01 43.81
C PHE D 273 -15.80 -4.08 43.09
N SER D 274 -15.90 -3.39 41.95
CA SER D 274 -17.13 -3.40 41.15
C SER D 274 -16.86 -4.12 39.82
N TYR D 275 -17.94 -4.69 39.26
CA TYR D 275 -17.89 -5.42 37.99
C TYR D 275 -19.32 -5.75 37.55
N TYR D 276 -19.63 -5.53 36.28
CA TYR D 276 -20.96 -5.79 35.78
C TYR D 276 -20.97 -7.14 35.08
N LEU D 277 -22.15 -7.77 35.06
CA LEU D 277 -22.33 -9.08 34.45
C LEU D 277 -23.47 -9.17 33.41
N LEU D 278 -23.29 -10.08 32.47
CA LEU D 278 -24.26 -10.33 31.41
C LEU D 278 -23.72 -11.39 30.45
N PRO D 279 -24.44 -12.52 30.35
CA PRO D 279 -24.13 -13.69 29.50
C PRO D 279 -23.99 -13.43 28.01
N PHE D 280 -23.14 -14.24 27.37
CA PHE D 280 -22.88 -14.13 25.93
C PHE D 280 -23.45 -15.36 25.24
N THR D 281 -22.84 -15.71 24.11
CA THR D 281 -23.25 -16.87 23.33
C THR D 281 -22.19 -17.26 22.29
N VAL D 282 -21.90 -18.55 22.26
CA VAL D 282 -20.91 -19.12 21.35
C VAL D 282 -21.59 -19.60 20.08
N LEU D 283 -22.66 -18.91 19.70
CA LEU D 283 -23.38 -19.29 18.49
C LEU D 283 -23.82 -20.76 18.52
N ASP D 284 -23.19 -21.57 17.68
CA ASP D 284 -23.53 -23.00 17.55
C ASP D 284 -22.71 -23.98 18.39
N ASN D 285 -23.31 -24.46 19.47
CA ASN D 285 -22.66 -25.40 20.37
C ASN D 285 -23.41 -26.72 20.50
N ALA D 286 -22.64 -27.82 20.49
CA ALA D 286 -23.20 -29.19 20.59
C ALA D 286 -23.98 -29.40 21.88
N GLN D 287 -23.72 -28.55 22.87
CA GLN D 287 -24.37 -28.65 24.17
C GLN D 287 -25.30 -27.49 24.57
N HIS D 288 -24.89 -26.25 24.31
CA HIS D 288 -25.70 -25.08 24.66
C HIS D 288 -25.50 -23.93 23.67
N ASP D 289 -25.11 -22.79 24.22
CA ASP D 289 -24.85 -21.55 23.48
C ASP D 289 -24.57 -20.43 24.50
N GLU D 290 -25.04 -20.63 25.74
CA GLU D 290 -24.84 -19.64 26.80
C GLU D 290 -23.49 -19.84 27.50
N LEU D 291 -22.73 -18.77 27.62
CA LEU D 291 -21.42 -18.80 28.25
C LEU D 291 -21.26 -17.50 29.06
N GLY D 292 -21.53 -17.55 30.36
CA GLY D 292 -21.42 -16.35 31.16
C GLY D 292 -20.19 -15.51 30.86
N ILE D 293 -20.23 -14.22 31.20
CA ILE D 293 -19.08 -13.34 31.01
C ILE D 293 -19.12 -12.17 31.97
N ALA D 294 -17.95 -11.72 32.42
CA ALA D 294 -17.88 -10.61 33.35
C ALA D 294 -16.74 -9.67 32.99
N TYR D 295 -16.62 -8.58 33.74
CA TYR D 295 -15.56 -7.61 33.50
C TYR D 295 -15.14 -6.82 34.73
N LEU D 296 -13.90 -6.33 34.71
CA LEU D 296 -13.36 -5.53 35.80
C LEU D 296 -14.09 -4.19 35.75
N PHE D 297 -13.69 -3.26 36.61
CA PHE D 297 -14.37 -1.97 36.65
C PHE D 297 -13.50 -1.02 37.49
N TYR D 298 -13.93 -0.78 38.71
CA TYR D 298 -13.23 0.10 39.62
C TYR D 298 -12.72 -0.68 40.84
N TYR D 299 -11.77 -0.11 41.58
CA TYR D 299 -11.21 -0.77 42.76
C TYR D 299 -10.21 0.09 43.56
N ALA D 300 -10.70 1.09 44.29
CA ALA D 300 -9.83 1.96 45.08
C ALA D 300 -9.38 1.28 46.39
N SER D 301 -8.33 0.48 46.30
CA SER D 301 -7.75 -0.27 47.44
C SER D 301 -6.43 0.30 47.98
N ASP D 302 -6.44 0.64 49.28
CA ASP D 302 -5.29 1.20 50.00
C ASP D 302 -3.92 0.58 49.68
N SER D 303 -3.92 -0.58 49.02
CA SER D 303 -2.68 -1.26 48.69
C SER D 303 -1.76 -0.43 47.78
N PHE D 304 -1.96 0.89 47.77
CA PHE D 304 -1.13 1.75 46.95
C PHE D 304 -0.13 2.51 47.83
N GLU D 305 -0.26 2.39 49.14
CA GLU D 305 0.65 3.04 50.10
C GLU D 305 1.97 2.25 50.30
N LYS D 306 1.90 1.16 51.07
CA LYS D 306 3.08 0.34 51.35
C LYS D 306 3.59 -0.36 50.07
N PRO D 307 4.86 -0.83 50.05
CA PRO D 307 5.45 -1.51 48.87
C PRO D 307 4.85 -2.90 48.56
N ASN D 308 3.71 -3.18 49.20
CA ASN D 308 2.99 -4.44 49.03
C ASN D 308 1.77 -4.24 48.10
N TYR D 309 1.89 -3.31 47.16
CA TYR D 309 0.80 -3.01 46.23
C TYR D 309 0.21 -4.31 45.67
N LYS D 310 1.05 -5.18 45.11
CA LYS D 310 0.56 -6.45 44.57
C LYS D 310 -0.02 -7.36 45.68
N LYS D 311 0.57 -7.32 46.88
CA LYS D 311 0.12 -8.13 48.02
C LYS D 311 -1.37 -7.98 48.33
N ARG D 312 -1.78 -6.81 48.84
CA ARG D 312 -3.19 -6.57 49.17
C ARG D 312 -4.08 -6.88 47.94
N LEU D 313 -3.69 -6.31 46.80
CA LEU D 313 -4.41 -6.54 45.56
C LEU D 313 -4.78 -8.01 45.34
N ASN D 314 -4.09 -8.93 46.01
CA ASN D 314 -4.40 -10.35 45.87
C ASN D 314 -5.78 -10.69 46.41
N GLU D 315 -5.97 -10.53 47.73
CA GLU D 315 -7.25 -10.81 48.39
C GLU D 315 -8.41 -10.15 47.64
N LEU D 316 -8.12 -9.00 47.01
CA LEU D 316 -9.13 -8.27 46.24
C LEU D 316 -9.34 -8.90 44.85
N ILE D 317 -8.66 -10.01 44.57
CA ILE D 317 -8.80 -10.67 43.28
C ILE D 317 -9.31 -12.09 43.47
N THR D 318 -8.82 -12.74 44.52
CA THR D 318 -9.29 -14.09 44.80
C THR D 318 -10.79 -14.02 44.93
N ASP D 319 -11.26 -13.23 45.89
CA ASP D 319 -12.69 -13.04 46.17
C ASP D 319 -13.48 -12.70 44.91
N ALA D 320 -12.87 -11.86 44.07
CA ALA D 320 -13.47 -11.44 42.81
C ALA D 320 -13.55 -12.67 41.92
N LEU D 321 -12.38 -13.18 41.53
CA LEU D 321 -12.31 -14.35 40.68
C LEU D 321 -13.30 -15.39 41.18
N ILE D 322 -13.09 -15.83 42.43
CA ILE D 322 -13.95 -16.82 43.06
C ILE D 322 -15.41 -16.47 42.81
N THR D 323 -15.80 -15.23 43.08
CA THR D 323 -17.19 -14.85 42.83
C THR D 323 -17.46 -14.89 41.31
N SER D 324 -17.37 -16.10 40.77
CA SER D 324 -17.58 -16.37 39.34
C SER D 324 -18.60 -17.51 39.15
N LYS D 325 -18.19 -18.73 39.47
CA LYS D 325 -19.05 -19.88 39.33
C LYS D 325 -20.25 -19.85 40.28
N LYS D 326 -20.24 -18.89 41.19
CA LYS D 326 -21.34 -18.72 42.16
C LYS D 326 -22.69 -18.63 41.48
N PHE D 327 -22.83 -17.68 40.54
CA PHE D 327 -24.09 -17.47 39.82
C PHE D 327 -24.12 -18.09 38.44
N GLY D 328 -22.94 -18.25 37.84
CA GLY D 328 -22.86 -18.84 36.52
C GLY D 328 -21.72 -18.31 35.69
N VAL D 329 -20.70 -17.76 36.37
CA VAL D 329 -19.53 -17.23 35.66
C VAL D 329 -18.59 -18.40 35.38
N ASP D 330 -18.08 -18.47 34.16
CA ASP D 330 -17.19 -19.56 33.77
C ASP D 330 -15.90 -19.03 33.17
N VAL D 331 -15.94 -17.79 32.72
CA VAL D 331 -14.78 -17.14 32.13
C VAL D 331 -14.87 -15.62 32.29
N PHE D 332 -14.08 -15.09 33.24
CA PHE D 332 -14.04 -13.66 33.49
C PHE D 332 -13.28 -12.96 32.34
N ASN D 333 -13.65 -11.71 32.06
CA ASN D 333 -13.02 -10.96 30.97
C ASN D 333 -12.40 -9.63 31.43
N CYS D 334 -11.13 -9.45 31.10
CA CYS D 334 -10.39 -8.23 31.45
C CYS D 334 -9.75 -7.71 30.17
N LEU D 335 -9.35 -6.43 30.19
CA LEU D 335 -8.69 -5.83 29.04
C LEU D 335 -7.18 -5.69 29.29
N THR D 336 -6.60 -4.61 28.80
CA THR D 336 -5.18 -4.38 28.94
C THR D 336 -4.88 -2.97 29.43
N CYS D 337 -5.89 -2.10 29.38
CA CYS D 337 -5.74 -0.73 29.84
C CYS D 337 -5.77 -0.70 31.37
N GLN D 338 -5.76 0.49 31.96
CA GLN D 338 -5.78 0.61 33.41
C GLN D 338 -4.51 0.01 34.03
N ASP D 339 -4.69 -0.69 35.15
CA ASP D 339 -3.58 -1.33 35.88
C ASP D 339 -3.72 -2.84 35.81
N ASN D 340 -4.37 -3.30 34.76
CA ASN D 340 -4.57 -4.73 34.58
C ASN D 340 -3.21 -5.45 34.57
N THR D 341 -2.26 -4.89 33.82
CA THR D 341 -0.91 -5.46 33.72
C THR D 341 -0.37 -5.88 35.09
N TYR D 342 -0.49 -4.98 36.07
CA TYR D 342 -0.04 -5.25 37.44
C TYR D 342 -0.14 -6.74 37.82
N PHE D 343 -1.12 -7.07 38.67
CA PHE D 343 -1.28 -8.44 39.14
C PHE D 343 -1.72 -9.44 38.07
N LEU D 344 -2.16 -8.93 36.93
CA LEU D 344 -2.61 -9.79 35.84
C LEU D 344 -1.61 -10.95 35.60
N LYS D 345 -0.34 -10.73 35.97
CA LYS D 345 0.73 -11.74 35.82
C LYS D 345 0.59 -12.97 36.73
N ASP D 346 0.78 -12.78 38.02
CA ASP D 346 0.69 -13.91 38.94
C ASP D 346 -0.65 -14.63 38.85
N CYS D 347 -1.72 -13.87 38.61
CA CYS D 347 -3.06 -14.46 38.50
C CYS D 347 -3.33 -14.91 37.05
N LYS D 348 -2.31 -14.78 36.20
CA LYS D 348 -2.37 -15.14 34.77
C LYS D 348 -3.77 -15.38 34.16
N PHE D 349 -4.46 -14.29 33.88
CA PHE D 349 -5.79 -14.35 33.28
C PHE D 349 -5.67 -15.01 31.92
N GLY D 350 -5.95 -14.24 30.87
CA GLY D 350 -5.86 -14.74 29.50
C GLY D 350 -5.56 -13.63 28.50
N SER D 351 -5.98 -13.80 27.24
CA SER D 351 -5.75 -12.81 26.18
C SER D 351 -6.25 -13.25 24.79
N GLY D 352 -7.53 -12.98 24.50
CA GLY D 352 -8.11 -13.35 23.21
C GLY D 352 -7.51 -12.63 22.01
N ASP D 353 -8.06 -12.87 20.81
CA ASP D 353 -7.53 -12.21 19.62
C ASP D 353 -8.34 -10.97 19.20
N GLY D 354 -8.53 -10.04 20.14
CA GLY D 354 -9.27 -8.83 19.84
C GLY D 354 -8.80 -7.65 20.67
N PHE D 355 -8.62 -6.49 20.03
CA PHE D 355 -8.19 -5.29 20.74
C PHE D 355 -9.40 -4.40 21.06
N LEU D 356 -9.13 -3.11 21.28
CA LEU D 356 -10.18 -2.12 21.59
C LEU D 356 -9.60 -0.73 21.87
N ASN D 357 -9.65 0.14 20.85
CA ASN D 357 -9.13 1.51 20.97
C ASN D 357 -10.20 2.50 21.44
N TYR D 358 -9.83 3.42 22.32
CA TYR D 358 -10.77 4.40 22.77
C TYR D 358 -10.80 5.52 21.73
N TYR D 359 -11.82 6.35 21.79
CA TYR D 359 -11.98 7.46 20.85
C TYR D 359 -12.70 8.61 21.53
N LEU D 360 -11.95 9.55 22.09
CA LEU D 360 -12.53 10.73 22.76
C LEU D 360 -12.69 11.82 21.71
N PHE D 361 -13.86 11.85 21.10
CA PHE D 361 -14.16 12.81 20.06
C PHE D 361 -14.03 14.25 20.53
N ASN D 362 -13.46 15.08 19.65
CA ASN D 362 -13.26 16.50 19.91
C ASN D 362 -12.38 16.77 21.14
N TYR D 363 -11.10 16.50 20.94
CA TYR D 363 -10.07 16.73 21.97
C TYR D 363 -8.72 16.24 21.49
N ARG D 364 -7.82 17.17 21.24
CA ARG D 364 -6.49 16.80 20.77
C ARG D 364 -5.44 16.94 21.87
N THR D 365 -5.50 16.02 22.83
CA THR D 365 -4.54 16.00 23.93
C THR D 365 -3.49 14.96 23.56
N PHE D 366 -2.33 15.05 24.22
CA PHE D 366 -1.23 14.12 23.99
C PHE D 366 -1.58 12.63 24.21
N PRO D 367 -0.85 11.75 23.51
CA PRO D 367 -0.98 10.29 23.55
C PRO D 367 -1.06 9.67 24.95
N MET D 368 -1.94 8.68 25.07
CA MET D 368 -2.16 7.96 26.32
C MET D 368 -1.47 6.60 26.25
N ASP D 369 -1.26 6.01 27.41
CA ASP D 369 -0.62 4.71 27.47
C ASP D 369 -1.54 3.59 27.02
N GLY D 370 -1.11 2.85 26.01
CA GLY D 370 -1.89 1.74 25.51
C GLY D 370 -1.73 0.54 26.44
N GLY D 371 -1.33 0.82 27.66
CA GLY D 371 -1.13 -0.23 28.66
C GLY D 371 0.04 -1.14 28.31
N ILE D 372 0.60 -0.96 27.11
CA ILE D 372 1.73 -1.74 26.63
C ILE D 372 2.59 -0.92 25.67
N ASP D 373 3.53 -1.60 25.03
CA ASP D 373 4.45 -0.99 24.08
C ASP D 373 4.04 -1.32 22.63
N LYS D 374 4.23 -0.37 21.71
CA LYS D 374 3.84 -0.57 20.30
C LYS D 374 4.60 -1.65 19.54
N LYS D 375 5.72 -2.10 20.09
CA LYS D 375 6.53 -3.14 19.46
C LYS D 375 6.24 -4.50 20.13
N THR D 376 5.42 -4.49 21.18
CA THR D 376 5.07 -5.70 21.90
C THR D 376 3.86 -6.41 21.26
N LYS D 377 2.84 -5.62 20.90
CA LYS D 377 1.64 -6.17 20.27
C LYS D 377 0.96 -7.17 21.19
N GLU D 378 1.66 -7.50 22.28
CA GLU D 378 1.19 -8.43 23.29
C GLU D 378 1.13 -7.71 24.65
N VAL D 379 0.15 -8.08 25.46
CA VAL D 379 -0.02 -7.45 26.77
C VAL D 379 1.23 -7.53 27.61
N VAL D 380 1.63 -6.37 28.13
CA VAL D 380 2.80 -6.26 29.00
C VAL D 380 2.33 -6.58 30.41
N GLU D 381 3.27 -6.54 31.37
CA GLU D 381 2.97 -6.87 32.74
C GLU D 381 3.54 -5.93 33.80
N ASP D 382 2.65 -5.40 34.64
CA ASP D 382 2.97 -4.48 35.74
C ASP D 382 3.21 -3.02 35.29
N GLN D 383 2.13 -2.22 35.27
CA GLN D 383 2.21 -0.80 34.87
C GLN D 383 0.89 -0.05 35.04
N THR D 384 0.96 1.28 35.02
CA THR D 384 -0.20 2.15 35.15
C THR D 384 -0.50 2.85 33.83
N SER D 385 -1.79 2.94 33.48
CA SER D 385 -2.20 3.62 32.27
C SER D 385 -3.32 4.61 32.61
N GLY D 386 -3.15 5.85 32.15
CA GLY D 386 -4.13 6.88 32.40
C GLY D 386 -5.57 6.52 32.06
N ILE D 387 -5.71 5.53 31.18
CA ILE D 387 -7.01 5.04 30.75
C ILE D 387 -7.67 4.37 31.95
N GLY D 388 -8.46 5.13 32.71
CA GLY D 388 -9.13 4.62 33.89
C GLY D 388 -10.65 4.69 33.75
N VAL D 389 -11.14 4.24 32.60
CA VAL D 389 -12.56 4.27 32.30
C VAL D 389 -12.87 3.14 31.35
N VAL D 390 -14.11 2.65 31.41
CA VAL D 390 -14.51 1.57 30.51
C VAL D 390 -16.01 1.67 30.15
N LEU D 391 -16.34 1.20 28.95
CA LEU D 391 -17.71 1.20 28.48
C LEU D 391 -18.28 -0.20 28.42
N LEU D 392 -19.33 -0.41 29.19
CA LEU D 392 -20.04 -1.68 29.32
C LEU D 392 -20.08 -2.51 28.02
O1 R64 E . 16.97 21.78 -11.44
C2 R64 E . 17.47 20.93 -10.49
C3 R64 E . 16.99 19.67 -10.68
C4 R64 E . 16.12 19.72 -11.77
C5 R64 E . 15.27 18.73 -12.36
C6 R64 E . 14.61 19.09 -13.51
C7 R64 E . 14.74 20.39 -14.05
C8 R64 E . 15.53 21.34 -13.44
C9 R64 E . 16.19 20.99 -12.26
C10 R64 E . 18.36 21.45 -9.49
O30 R64 E . 19.15 20.74 -8.88
C31 R64 E . 18.28 22.84 -9.20
N32 R64 E . 19.29 23.50 -8.50
C30 R64 E . 20.60 23.00 -8.02
C33 R64 E . 18.83 24.79 -8.36
C34 R64 E . 17.61 24.86 -8.96
N35 R64 E . 17.29 23.67 -9.46
C11 R64 E . 17.24 18.40 -9.93
O12 R64 E . 15.13 17.48 -11.79
C13 R64 E . 14.09 16.56 -12.18
C14 R64 E . 14.22 15.29 -11.39
C15 R64 E . 13.96 15.65 -9.98
N16 R64 E . 14.25 14.54 -9.03
C17 R64 E . 13.88 15.05 -7.71
C18 R64 E . 13.96 13.98 -6.75
C19 R64 E . 12.85 13.40 -6.23
C20 R64 E . 13.02 12.36 -5.32
C21 R64 E . 14.30 11.97 -4.97
N22 R64 E . 15.36 12.57 -5.50
C23 R64 E . 15.20 13.55 -6.37
O1 R64 F . 51.67 -33.96 18.35
C2 R64 F . 51.31 -32.68 17.92
C3 R64 F . 50.58 -32.77 16.77
C4 R64 F . 50.36 -34.13 16.53
C5 R64 F . 49.72 -34.90 15.52
C6 R64 F . 49.71 -36.32 15.58
C7 R64 F . 50.38 -36.95 16.67
C8 R64 F . 51.04 -36.16 17.62
C9 R64 F . 51.03 -34.79 17.52
C10 R64 F . 51.75 -31.50 18.64
O30 R64 F . 51.16 -30.44 18.68
C31 R64 F . 52.99 -31.72 19.30
N32 R64 F . 53.37 -31.09 20.47
C30 R64 F . 52.65 -30.10 21.30
C33 R64 F . 54.63 -31.59 20.72
C34 R64 F . 54.96 -32.48 19.71
N35 R64 F . 53.94 -32.57 18.83
C11 R64 F . 50.16 -31.62 15.95
O12 R64 F . 49.14 -34.29 14.45
C13 R64 F . 49.04 -35.16 13.30
C14 R64 F . 48.86 -34.38 12.00
C15 R64 F . 50.00 -33.39 11.76
N16 R64 F . 49.69 -32.58 10.62
C17 R64 F . 50.48 -31.37 10.61
C18 R64 F . 50.15 -30.53 9.45
C19 R64 F . 49.20 -30.95 8.54
C20 R64 F . 48.88 -30.18 7.44
C21 R64 F . 49.56 -29.00 7.25
N22 R64 F . 50.49 -28.55 8.10
C23 R64 F . 50.82 -29.31 9.19
O1 R64 G . -50.48 19.07 -28.58
C2 R64 G . -49.65 18.21 -27.86
C3 R64 G . -48.72 18.86 -27.10
C4 R64 G . -48.89 20.21 -27.41
C5 R64 G . -48.23 21.39 -27.07
C6 R64 G . -48.62 22.59 -27.63
C7 R64 G . -49.79 22.67 -28.42
C8 R64 G . -50.55 21.54 -28.65
C9 R64 G . -50.01 20.30 -28.24
C10 R64 G . -49.90 16.79 -28.03
O30 R64 G . -49.66 16.05 -27.08
C31 R64 G . -50.40 16.24 -29.27
N32 R64 G . -51.11 15.05 -29.27
C30 R64 G . -51.48 14.22 -28.15
C33 R64 G . -51.43 14.80 -30.58
C34 R64 G . -50.90 15.84 -31.30
N35 R64 G . -50.26 16.71 -30.51
C11 R64 G . -47.73 18.28 -26.15
O12 R64 G . -47.21 21.29 -26.19
C13 R64 G . -46.49 22.41 -25.83
C14 R64 G . -45.23 22.04 -25.07
C15 R64 G . -44.40 21.08 -25.91
N16 R64 G . -43.34 20.52 -25.06
C17 R64 G . -42.57 19.54 -25.84
C18 R64 G . -41.45 19.00 -25.02
C19 R64 G . -40.77 19.73 -24.06
C20 R64 G . -39.73 19.14 -23.35
C21 R64 G . -39.40 17.83 -23.64
N22 R64 G . -40.05 17.14 -24.55
C23 R64 G . -41.05 17.70 -25.23
#